data_7AO7
#
_entry.id   7AO7
#
_cell.length_a   72.503
_cell.length_b   116.194
_cell.length_c   288.309
_cell.angle_alpha   90.000
_cell.angle_beta   90.000
_cell.angle_gamma   90.000
#
_symmetry.space_group_name_H-M   'P 21 21 21'
#
loop_
_entity.id
_entity.type
_entity.pdbx_description
1 polymer 'Cytochrome P450'
2 non-polymer 'PROTOPORPHYRIN IX CONTAINING FE'
3 non-polymer OCTAN-1-OL
4 water water
#
_entity_poly.entity_id   1
_entity_poly.type   'polypeptide(L)'
_entity_poly.pdbx_seq_one_letter_code
;MSEAIVVNNQNDQSRAYAIPLEDIDVSNPELFRDNTMWGYFERLRREDPVHYCKDSLFGPYWSVTKFKDIMQVETHPEIF
SSEGNITIMESNAAVTLPMFIAMDPPKHDVQRMAVSPIVAPENLAKLEGLIRERTGRALDGLPINETFDWVKLVSINLTT
QMLATLFDFPWEDRAKLTRWSDVATALVGTGIIDSEEQRMEELKGCVQYMTRLWNERVNVPPGNDLISMMAHTESMRNMT
PEEFLGNLILLIVGGNDTTRNSMTGGVLALNENPDEYRKLCANPALIASMVPEIVRWQTPLAHMRRTALQDTELGGKSIR
KGDKVIMWYVSGNRDPEAIENPDAFIIDRAKPRHHLSFGFGIHRCVGNRLAELQLRIVWEELLKRWPNPGQIEVVGAPER
VLSPFVKGYESLPVRINA
;
_entity_poly.pdbx_strand_id   A,B,C,D,E,F
#
loop_
_chem_comp.id
_chem_comp.type
_chem_comp.name
_chem_comp.formula
HEM non-polymer 'PROTOPORPHYRIN IX CONTAINING FE' 'C34 H32 Fe N4 O4'
OC9 non-polymer OCTAN-1-OL 'C8 H18 O'
#
# COMPACT_ATOMS: atom_id res chain seq x y z
N ALA A 18 -5.74 -8.50 -35.87
CA ALA A 18 -6.33 -9.58 -35.02
C ALA A 18 -6.63 -9.06 -33.60
N ILE A 19 -5.67 -8.36 -32.98
CA ILE A 19 -5.77 -7.83 -31.58
C ILE A 19 -6.74 -6.65 -31.57
N PRO A 20 -7.57 -6.49 -30.52
CA PRO A 20 -8.37 -5.27 -30.37
C PRO A 20 -7.51 -3.99 -30.38
N LEU A 21 -8.00 -2.92 -31.04
CA LEU A 21 -7.21 -1.69 -31.34
C LEU A 21 -6.64 -1.07 -30.05
N GLU A 22 -7.43 -1.03 -28.97
CA GLU A 22 -7.04 -0.36 -27.70
C GLU A 22 -5.85 -1.08 -27.04
N ASP A 23 -5.51 -2.32 -27.43
CA ASP A 23 -4.48 -3.14 -26.73
C ASP A 23 -3.28 -3.43 -27.63
N ILE A 24 -3.13 -2.75 -28.76
CA ILE A 24 -1.88 -2.81 -29.59
C ILE A 24 -0.72 -2.15 -28.82
N ASP A 25 0.38 -2.88 -28.67
CA ASP A 25 1.64 -2.44 -28.02
C ASP A 25 2.81 -2.60 -28.99
N VAL A 26 3.09 -1.55 -29.77
CA VAL A 26 4.14 -1.55 -30.84
C VAL A 26 5.54 -1.52 -30.20
N SER A 27 5.66 -1.10 -28.95
CA SER A 27 6.94 -1.00 -28.22
C SER A 27 7.53 -2.39 -27.90
N ASN A 28 6.73 -3.46 -28.00
CA ASN A 28 7.12 -4.84 -27.62
C ASN A 28 8.44 -5.18 -28.33
N PRO A 29 9.57 -5.27 -27.59
CA PRO A 29 10.87 -5.49 -28.22
C PRO A 29 10.92 -6.71 -29.12
N GLU A 30 10.15 -7.76 -28.79
CA GLU A 30 10.12 -9.04 -29.55
C GLU A 30 9.69 -8.76 -31.00
N LEU A 31 8.81 -7.77 -31.21
CA LEU A 31 8.28 -7.42 -32.55
C LEU A 31 9.42 -6.92 -33.44
N PHE A 32 10.40 -6.25 -32.86
CA PHE A 32 11.57 -5.68 -33.60
C PHE A 32 12.56 -6.79 -33.90
N ARG A 33 12.84 -7.68 -32.93
CA ARG A 33 13.77 -8.84 -33.15
C ARG A 33 13.19 -9.74 -34.24
N ASP A 34 11.88 -9.96 -34.25
CA ASP A 34 11.22 -10.94 -35.15
C ASP A 34 10.89 -10.25 -36.49
N ASN A 35 11.03 -8.91 -36.55
CA ASN A 35 10.78 -8.11 -37.77
C ASN A 35 9.29 -8.18 -38.15
N THR A 36 8.40 -8.14 -37.16
CA THR A 36 6.93 -8.24 -37.33
C THR A 36 6.26 -6.90 -36.96
N MET A 37 6.99 -5.92 -36.44
CA MET A 37 6.41 -4.65 -35.92
C MET A 37 5.73 -3.86 -37.07
N TRP A 38 6.18 -4.04 -38.31
CA TRP A 38 5.72 -3.27 -39.50
C TRP A 38 4.18 -3.27 -39.58
N GLY A 39 3.58 -4.47 -39.48
CA GLY A 39 2.12 -4.67 -39.60
C GLY A 39 1.36 -3.86 -38.58
N TYR A 40 1.84 -3.81 -37.34
CA TYR A 40 1.14 -3.09 -36.24
C TYR A 40 1.17 -1.59 -36.57
N PHE A 41 2.28 -1.09 -37.11
CA PHE A 41 2.43 0.34 -37.49
C PHE A 41 1.53 0.66 -38.68
N GLU A 42 1.46 -0.22 -39.67
CA GLU A 42 0.52 -0.08 -40.83
C GLU A 42 -0.91 0.05 -40.26
N ARG A 43 -1.28 -0.81 -39.32
CA ARG A 43 -2.63 -0.83 -38.71
C ARG A 43 -2.90 0.50 -38.01
N LEU A 44 -1.96 0.99 -37.20
CA LEU A 44 -2.11 2.27 -36.48
C LEU A 44 -2.19 3.44 -37.48
N ARG A 45 -1.42 3.40 -38.57
CA ARG A 45 -1.39 4.51 -39.56
C ARG A 45 -2.76 4.65 -40.23
N ARG A 46 -3.45 3.52 -40.46
CA ARG A 46 -4.74 3.44 -41.20
C ARG A 46 -5.91 3.73 -40.25
N GLU A 47 -5.91 3.20 -39.01
CA GLU A 47 -7.11 3.23 -38.13
C GLU A 47 -6.99 4.25 -36.99
N ASP A 48 -5.80 4.49 -36.43
CA ASP A 48 -5.59 5.34 -35.21
C ASP A 48 -4.16 5.88 -35.20
N PRO A 49 -3.85 6.89 -36.03
CA PRO A 49 -2.46 7.35 -36.21
C PRO A 49 -1.80 7.93 -34.96
N VAL A 50 -2.58 8.56 -34.07
CA VAL A 50 -2.11 9.06 -32.75
C VAL A 50 -2.78 8.22 -31.67
N HIS A 51 -2.14 7.09 -31.33
CA HIS A 51 -2.73 5.97 -30.56
C HIS A 51 -2.20 5.98 -29.12
N TYR A 52 -3.08 5.87 -28.12
CA TYR A 52 -2.68 5.74 -26.70
C TYR A 52 -2.56 4.26 -26.35
N CYS A 53 -1.49 3.92 -25.64
CA CYS A 53 -1.21 2.55 -25.15
C CYS A 53 -1.14 2.59 -23.62
N LYS A 54 -2.01 1.87 -22.93
CA LYS A 54 -2.18 1.90 -21.44
C LYS A 54 -1.17 0.93 -20.81
N ASP A 55 -0.85 -0.17 -21.50
CA ASP A 55 -0.08 -1.32 -20.94
C ASP A 55 1.07 -1.70 -21.89
N SER A 56 2.30 -1.63 -21.38
CA SER A 56 3.53 -2.00 -22.11
C SER A 56 4.64 -2.29 -21.12
N LEU A 57 5.77 -2.78 -21.61
CA LEU A 57 7.01 -2.95 -20.82
C LEU A 57 7.44 -1.61 -20.22
N PHE A 58 6.92 -0.49 -20.74
CA PHE A 58 7.45 0.87 -20.48
C PHE A 58 6.36 1.81 -19.94
N GLY A 59 5.23 1.26 -19.48
CA GLY A 59 4.11 2.07 -18.99
C GLY A 59 3.30 2.69 -20.14
N PRO A 60 2.39 3.64 -19.84
CA PRO A 60 1.55 4.23 -20.88
C PRO A 60 2.37 5.20 -21.73
N TYR A 61 2.02 5.33 -23.01
CA TYR A 61 2.62 6.30 -23.97
C TYR A 61 1.69 6.50 -25.18
N TRP A 62 1.80 7.65 -25.84
CA TRP A 62 1.20 7.94 -27.18
C TRP A 62 2.15 7.50 -28.29
N SER A 63 1.62 6.84 -29.33
CA SER A 63 2.37 6.50 -30.58
C SER A 63 1.98 7.51 -31.66
N VAL A 64 2.93 8.27 -32.17
CA VAL A 64 2.74 9.15 -33.34
C VAL A 64 3.38 8.45 -34.55
N THR A 65 2.55 8.04 -35.51
CA THR A 65 2.90 7.01 -36.53
C THR A 65 2.97 7.61 -37.94
N LYS A 66 2.43 8.81 -38.14
CA LYS A 66 2.39 9.46 -39.48
C LYS A 66 3.47 10.53 -39.59
N PHE A 67 4.10 10.63 -40.76
CA PHE A 67 5.20 11.58 -41.09
C PHE A 67 4.78 13.00 -40.69
N LYS A 68 3.61 13.48 -41.13
CA LYS A 68 3.13 14.86 -40.88
C LYS A 68 3.08 15.13 -39.36
N ASP A 69 2.56 14.16 -38.59
CA ASP A 69 2.32 14.31 -37.12
C ASP A 69 3.67 14.30 -36.38
N ILE A 70 4.63 13.49 -36.83
CA ILE A 70 6.01 13.45 -36.26
C ILE A 70 6.67 14.82 -36.51
N MET A 71 6.57 15.35 -37.73
CA MET A 71 7.09 16.70 -38.09
C MET A 71 6.51 17.73 -37.10
N GLN A 72 5.21 17.63 -36.85
CA GLN A 72 4.46 18.53 -35.94
C GLN A 72 5.10 18.47 -34.55
N VAL A 73 5.29 17.28 -34.00
CA VAL A 73 5.88 17.10 -32.63
C VAL A 73 7.31 17.66 -32.64
N GLU A 74 8.12 17.29 -33.63
CA GLU A 74 9.52 17.75 -33.71
C GLU A 74 9.60 19.28 -33.68
N THR A 75 8.69 19.96 -34.36
CA THR A 75 8.79 21.44 -34.60
C THR A 75 8.12 22.23 -33.47
N HIS A 76 7.53 21.56 -32.46
CA HIS A 76 6.95 22.25 -31.29
C HIS A 76 7.63 21.77 -30.00
N PRO A 77 8.95 22.03 -29.81
CA PRO A 77 9.65 21.63 -28.60
C PRO A 77 9.22 22.37 -27.33
N GLU A 78 8.57 23.54 -27.47
CA GLU A 78 8.02 24.31 -26.33
C GLU A 78 6.82 23.56 -25.73
N ILE A 79 6.27 22.64 -26.49
CA ILE A 79 5.09 21.85 -26.07
C ILE A 79 5.55 20.42 -25.76
N PHE A 80 6.31 19.85 -26.67
CA PHE A 80 6.84 18.48 -26.60
C PHE A 80 8.33 18.53 -26.24
N SER A 81 8.61 18.47 -24.93
CA SER A 81 9.94 18.64 -24.30
C SER A 81 10.78 17.37 -24.51
N SER A 82 12.09 17.56 -24.60
CA SER A 82 13.09 16.48 -24.66
C SER A 82 13.69 16.29 -23.28
N GLU A 83 13.31 17.08 -22.26
CA GLU A 83 14.14 17.31 -21.05
C GLU A 83 14.66 16.01 -20.41
N GLY A 84 13.84 15.15 -19.83
CA GLY A 84 14.41 14.13 -18.91
C GLY A 84 15.02 12.94 -19.61
N ASN A 85 14.42 12.58 -20.74
CA ASN A 85 14.75 11.32 -21.44
C ASN A 85 14.19 11.41 -22.86
N ILE A 86 14.89 10.85 -23.85
CA ILE A 86 14.36 10.90 -25.24
C ILE A 86 14.04 9.49 -25.74
N THR A 87 13.97 8.51 -24.84
CA THR A 87 13.60 7.12 -25.21
C THR A 87 12.36 6.71 -24.45
N ILE A 88 11.74 5.62 -24.89
CA ILE A 88 10.53 5.03 -24.26
C ILE A 88 10.95 4.39 -22.92
N MET A 89 12.21 3.97 -22.74
CA MET A 89 12.70 3.19 -21.57
C MET A 89 12.54 3.95 -20.25
N GLU A 90 12.14 3.25 -19.18
CA GLU A 90 11.92 3.87 -17.85
C GLU A 90 12.79 3.25 -16.76
N SER A 91 13.32 2.05 -16.97
CA SER A 91 14.17 1.34 -15.97
C SER A 91 15.67 1.44 -16.32
N ASN A 92 16.02 1.99 -17.49
CA ASN A 92 17.41 2.17 -17.99
C ASN A 92 17.94 3.48 -17.38
N ALA A 93 18.90 3.40 -16.45
CA ALA A 93 19.45 4.57 -15.73
C ALA A 93 20.46 5.34 -16.60
N ALA A 94 20.91 4.79 -17.72
CA ALA A 94 21.83 5.49 -18.65
C ALA A 94 21.04 6.56 -19.41
N VAL A 95 19.82 6.26 -19.86
CA VAL A 95 19.06 7.19 -20.75
C VAL A 95 18.44 8.34 -19.96
N THR A 96 18.56 8.34 -18.63
CA THR A 96 18.05 9.43 -17.73
C THR A 96 19.22 10.28 -17.22
N LEU A 97 20.46 9.97 -17.60
CA LEU A 97 21.63 10.87 -17.38
C LEU A 97 21.42 12.15 -18.20
N PRO A 98 21.87 13.34 -17.73
CA PRO A 98 21.77 14.57 -18.50
C PRO A 98 22.64 14.47 -19.77
N MET A 99 22.06 14.85 -20.90
CA MET A 99 22.65 14.77 -22.24
C MET A 99 21.92 15.80 -23.09
N PHE A 100 22.62 16.48 -24.00
CA PHE A 100 22.05 17.69 -24.68
C PHE A 100 20.92 17.27 -25.62
N ILE A 101 20.88 16.00 -26.04
CA ILE A 101 19.73 15.49 -26.85
C ILE A 101 18.46 15.54 -26.00
N ALA A 102 18.61 15.36 -24.70
CA ALA A 102 17.52 15.33 -23.69
C ALA A 102 17.49 16.65 -22.91
N MET A 103 17.56 17.76 -23.64
CA MET A 103 17.56 19.14 -23.09
C MET A 103 16.73 20.04 -24.00
N ASP A 104 16.05 21.01 -23.39
CA ASP A 104 15.29 22.05 -24.12
C ASP A 104 16.25 23.23 -24.32
N PRO A 105 15.91 24.19 -25.20
CA PRO A 105 16.63 25.46 -25.24
C PRO A 105 16.40 26.25 -23.96
N PRO A 106 17.42 26.91 -23.40
CA PRO A 106 18.62 27.31 -24.12
C PRO A 106 19.83 26.38 -24.04
N LYS A 107 19.94 25.58 -22.97
CA LYS A 107 21.17 24.79 -22.66
C LYS A 107 21.49 23.83 -23.83
N HIS A 108 20.47 23.23 -24.44
CA HIS A 108 20.64 22.34 -25.61
C HIS A 108 21.45 23.04 -26.70
N ASP A 109 21.05 24.26 -27.05
CA ASP A 109 21.56 25.02 -28.22
C ASP A 109 23.06 25.24 -27.99
N VAL A 110 23.47 25.55 -26.76
CA VAL A 110 24.89 25.88 -26.47
C VAL A 110 25.72 24.61 -26.62
N GLN A 111 25.25 23.49 -26.08
CA GLN A 111 26.00 22.21 -26.05
C GLN A 111 26.05 21.60 -27.46
N ARG A 112 25.00 21.73 -28.26
CA ARG A 112 25.01 21.25 -29.67
C ARG A 112 26.08 22.01 -30.47
N MET A 113 26.13 23.33 -30.29
CA MET A 113 27.06 24.21 -31.03
C MET A 113 28.49 23.78 -30.68
N ALA A 114 28.75 23.36 -29.44
CA ALA A 114 30.10 22.99 -28.96
C ALA A 114 30.57 21.70 -29.63
N VAL A 115 29.69 20.74 -29.93
CA VAL A 115 30.05 19.43 -30.56
C VAL A 115 30.06 19.55 -32.09
N SER A 116 29.18 20.39 -32.63
CA SER A 116 28.92 20.57 -34.08
C SER A 116 30.21 20.68 -34.91
N PRO A 117 31.24 21.46 -34.51
CA PRO A 117 32.51 21.54 -35.23
C PRO A 117 33.22 20.26 -35.64
N ILE A 118 33.10 19.16 -34.87
CA ILE A 118 33.84 17.90 -35.18
C ILE A 118 33.35 17.30 -36.51
N VAL A 119 32.11 17.57 -36.89
CA VAL A 119 31.41 16.98 -38.06
C VAL A 119 31.08 18.07 -39.09
N ALA A 120 31.74 19.24 -38.98
CA ALA A 120 31.64 20.37 -39.92
C ALA A 120 32.41 20.07 -41.21
N PRO A 121 31.82 20.28 -42.40
CA PRO A 121 32.44 19.95 -43.69
C PRO A 121 33.92 20.27 -43.94
N GLU A 122 34.50 21.32 -43.36
CA GLU A 122 35.96 21.61 -43.48
C GLU A 122 36.76 20.44 -42.90
N ASN A 123 36.22 19.80 -41.86
CA ASN A 123 36.85 18.64 -41.13
C ASN A 123 36.43 17.30 -41.78
N LEU A 124 35.40 17.28 -42.63
CA LEU A 124 34.93 16.06 -43.34
C LEU A 124 35.73 15.85 -44.63
N ALA A 125 36.28 16.89 -45.26
CA ALA A 125 37.29 16.75 -46.34
C ALA A 125 38.55 16.02 -45.82
N LYS A 126 39.11 16.49 -44.70
CA LYS A 126 40.34 15.90 -44.09
C LYS A 126 40.07 14.43 -43.70
N LEU A 127 38.83 14.12 -43.29
CA LEU A 127 38.40 12.78 -42.80
C LEU A 127 38.21 11.82 -43.98
N GLU A 128 37.79 12.32 -45.16
CA GLU A 128 37.43 11.48 -46.34
C GLU A 128 38.60 10.56 -46.69
N GLY A 129 39.85 11.05 -46.65
CA GLY A 129 41.06 10.27 -46.97
C GLY A 129 41.30 9.15 -45.97
N LEU A 130 41.22 9.48 -44.67
CA LEU A 130 41.42 8.53 -43.55
C LEU A 130 40.34 7.44 -43.61
N ILE A 131 39.09 7.81 -43.90
CA ILE A 131 37.96 6.84 -43.99
C ILE A 131 38.25 5.89 -45.16
N ARG A 132 38.73 6.42 -46.28
CA ARG A 132 38.97 5.63 -47.52
C ARG A 132 40.08 4.61 -47.28
N GLU A 133 41.21 4.99 -46.63
CA GLU A 133 42.35 4.06 -46.41
C GLU A 133 41.89 2.95 -45.46
N ARG A 134 41.21 3.33 -44.37
CA ARG A 134 40.71 2.39 -43.35
C ARG A 134 39.71 1.41 -43.99
N THR A 135 38.78 1.91 -44.80
CA THR A 135 37.75 1.10 -45.48
C THR A 135 38.43 0.10 -46.41
N GLY A 136 39.32 0.60 -47.26
CA GLY A 136 40.11 -0.22 -48.20
C GLY A 136 40.81 -1.36 -47.49
N ARG A 137 41.48 -1.08 -46.36
CA ARG A 137 42.28 -2.08 -45.61
C ARG A 137 41.34 -3.16 -45.07
N ALA A 138 40.15 -2.78 -44.61
CA ALA A 138 39.19 -3.69 -43.95
C ALA A 138 38.63 -4.66 -44.98
N LEU A 139 38.29 -4.15 -46.17
CA LEU A 139 37.75 -4.96 -47.29
C LEU A 139 38.85 -5.88 -47.83
N ASP A 140 40.10 -5.39 -47.89
CA ASP A 140 41.26 -6.18 -48.37
C ASP A 140 41.48 -7.39 -47.47
N GLY A 141 41.08 -7.31 -46.19
CA GLY A 141 41.26 -8.38 -45.19
C GLY A 141 40.09 -9.34 -45.12
N LEU A 142 39.03 -9.16 -45.92
CA LEU A 142 37.84 -10.04 -45.89
C LEU A 142 38.18 -11.35 -46.61
N PRO A 143 37.73 -12.51 -46.08
CA PRO A 143 37.85 -13.77 -46.81
C PRO A 143 36.91 -13.84 -48.02
N ILE A 144 37.38 -14.46 -49.10
CA ILE A 144 36.64 -14.64 -50.39
C ILE A 144 36.14 -16.10 -50.46
N ASN A 145 34.89 -16.31 -50.87
CA ASN A 145 34.28 -17.66 -51.07
C ASN A 145 34.21 -18.43 -49.74
N GLU A 146 34.07 -17.70 -48.63
CA GLU A 146 34.00 -18.23 -47.24
C GLU A 146 32.99 -17.35 -46.47
N THR A 147 32.06 -17.96 -45.75
CA THR A 147 31.08 -17.22 -44.88
C THR A 147 31.85 -16.50 -43.78
N PHE A 148 31.52 -15.23 -43.52
CA PHE A 148 32.00 -14.42 -42.36
C PHE A 148 30.85 -13.55 -41.84
N ASP A 149 31.03 -13.01 -40.64
CA ASP A 149 30.06 -12.08 -39.98
C ASP A 149 30.38 -10.66 -40.45
N TRP A 150 29.50 -10.08 -41.26
CA TRP A 150 29.64 -8.71 -41.81
C TRP A 150 29.68 -7.70 -40.66
N VAL A 151 28.86 -7.92 -39.63
CA VAL A 151 28.72 -6.99 -38.49
C VAL A 151 30.09 -6.86 -37.81
N LYS A 152 30.78 -7.96 -37.52
CA LYS A 152 32.11 -7.94 -36.82
C LYS A 152 33.18 -7.35 -37.75
N LEU A 153 33.28 -7.79 -39.00
CA LEU A 153 34.49 -7.60 -39.86
C LEU A 153 34.44 -6.26 -40.62
N VAL A 154 33.24 -5.74 -40.86
CA VAL A 154 33.01 -4.48 -41.61
C VAL A 154 32.38 -3.44 -40.68
N SER A 155 31.10 -3.66 -40.29
CA SER A 155 30.25 -2.63 -39.66
C SER A 155 30.87 -2.17 -38.32
N ILE A 156 31.02 -3.07 -37.36
CA ILE A 156 31.63 -2.71 -36.05
C ILE A 156 33.03 -2.16 -36.30
N ASN A 157 33.82 -2.82 -37.14
CA ASN A 157 35.26 -2.53 -37.38
C ASN A 157 35.40 -1.06 -37.82
N LEU A 158 34.74 -0.65 -38.91
CA LEU A 158 34.93 0.71 -39.49
C LEU A 158 34.33 1.79 -38.57
N THR A 159 33.10 1.60 -38.08
CA THR A 159 32.38 2.63 -37.30
C THR A 159 33.16 2.91 -36.00
N THR A 160 33.69 1.86 -35.40
CA THR A 160 34.52 1.95 -34.17
C THR A 160 35.77 2.78 -34.46
N GLN A 161 36.45 2.51 -35.58
CA GLN A 161 37.65 3.28 -36.01
C GLN A 161 37.29 4.78 -36.07
N MET A 162 36.18 5.11 -36.75
CA MET A 162 35.71 6.52 -36.91
C MET A 162 35.47 7.14 -35.53
N LEU A 163 34.80 6.43 -34.62
CA LEU A 163 34.46 6.99 -33.28
C LEU A 163 35.76 7.20 -32.48
N ALA A 164 36.71 6.27 -32.56
CA ALA A 164 38.04 6.45 -31.92
C ALA A 164 38.66 7.78 -32.39
N THR A 165 38.61 8.07 -33.68
CA THR A 165 39.21 9.29 -34.27
C THR A 165 38.42 10.51 -33.77
N LEU A 166 37.08 10.48 -33.77
CA LEU A 166 36.22 11.58 -33.23
C LEU A 166 36.64 11.95 -31.81
N PHE A 167 36.96 10.96 -30.97
CA PHE A 167 37.34 11.13 -29.55
C PHE A 167 38.86 11.27 -29.33
N ASP A 168 39.67 11.07 -30.39
CA ASP A 168 41.14 10.85 -30.31
C ASP A 168 41.41 9.82 -29.21
N PHE A 169 40.71 8.70 -29.30
CA PHE A 169 40.71 7.60 -28.31
C PHE A 169 41.88 6.70 -28.61
N PRO A 170 42.68 6.31 -27.60
CA PRO A 170 43.79 5.38 -27.81
C PRO A 170 43.33 4.19 -28.67
N TRP A 171 43.87 4.11 -29.88
CA TRP A 171 43.46 3.16 -30.94
C TRP A 171 43.51 1.71 -30.45
N GLU A 172 44.50 1.35 -29.61
CA GLU A 172 44.67 -0.04 -29.08
C GLU A 172 43.43 -0.43 -28.25
N ASP A 173 42.74 0.54 -27.64
CA ASP A 173 41.60 0.31 -26.70
C ASP A 173 40.24 0.52 -27.38
N ARG A 174 40.24 0.67 -28.71
CA ARG A 174 39.05 0.95 -29.57
C ARG A 174 37.80 0.17 -29.19
N ALA A 175 37.97 -1.12 -28.98
CA ALA A 175 36.83 -2.06 -28.82
C ALA A 175 35.99 -1.66 -27.59
N LYS A 176 36.61 -0.98 -26.61
CA LYS A 176 35.91 -0.48 -25.41
C LYS A 176 34.70 0.38 -25.83
N LEU A 177 34.85 1.17 -26.89
CA LEU A 177 33.81 2.10 -27.41
C LEU A 177 32.59 1.29 -27.84
N THR A 178 32.78 0.21 -28.59
CA THR A 178 31.70 -0.71 -29.04
C THR A 178 30.94 -1.28 -27.83
N ARG A 179 31.69 -1.65 -26.79
CA ARG A 179 31.10 -2.28 -25.59
C ARG A 179 30.21 -1.25 -24.89
N TRP A 180 30.75 -0.06 -24.61
CA TRP A 180 30.06 1.03 -23.88
C TRP A 180 28.78 1.42 -24.61
N SER A 181 28.89 1.47 -25.94
CA SER A 181 27.75 1.77 -26.85
C SER A 181 26.63 0.75 -26.63
N ASP A 182 26.99 -0.54 -26.66
CA ASP A 182 26.05 -1.69 -26.51
C ASP A 182 25.42 -1.65 -25.11
N VAL A 183 26.24 -1.43 -24.08
CA VAL A 183 25.80 -1.39 -22.65
C VAL A 183 24.78 -0.27 -22.45
N ALA A 184 24.97 0.89 -23.11
CA ALA A 184 24.15 2.08 -22.86
C ALA A 184 22.70 1.82 -23.25
N THR A 185 22.47 1.07 -24.33
CA THR A 185 21.14 0.95 -25.01
C THR A 185 20.48 -0.41 -24.75
N ALA A 186 21.21 -1.41 -24.28
CA ALA A 186 20.73 -2.81 -24.18
C ALA A 186 19.54 -2.96 -23.23
N LEU A 187 18.62 -3.87 -23.50
CA LEU A 187 17.69 -4.41 -22.49
C LEU A 187 18.44 -5.35 -21.54
N VAL A 188 18.02 -5.42 -20.29
CA VAL A 188 18.55 -6.44 -19.32
C VAL A 188 18.31 -7.86 -19.88
N GLY A 189 19.32 -8.72 -19.80
CA GLY A 189 19.26 -10.17 -20.09
C GLY A 189 19.16 -10.50 -21.58
N THR A 190 19.71 -9.65 -22.44
CA THR A 190 19.72 -9.84 -23.92
C THR A 190 21.11 -10.25 -24.39
N GLY A 191 22.05 -10.46 -23.48
CA GLY A 191 23.42 -10.95 -23.80
C GLY A 191 24.48 -9.89 -23.57
N ILE A 192 24.10 -8.68 -23.17
CA ILE A 192 25.04 -7.55 -23.00
C ILE A 192 25.31 -7.35 -21.51
N ILE A 193 24.25 -7.02 -20.76
CA ILE A 193 24.33 -6.77 -19.30
C ILE A 193 23.10 -7.44 -18.67
N ASP A 194 23.22 -7.92 -17.43
CA ASP A 194 22.18 -8.77 -16.77
C ASP A 194 21.38 -7.97 -15.75
N SER A 195 21.76 -6.73 -15.44
CA SER A 195 21.07 -5.85 -14.44
C SER A 195 21.48 -4.38 -14.64
N GLU A 196 20.73 -3.46 -14.04
CA GLU A 196 21.02 -2.02 -14.07
C GLU A 196 22.32 -1.75 -13.28
N GLU A 197 22.59 -2.51 -12.21
CA GLU A 197 23.83 -2.34 -11.40
C GLU A 197 25.04 -2.61 -12.30
N GLN A 198 24.97 -3.63 -13.16
CA GLN A 198 26.06 -4.00 -14.11
C GLN A 198 26.17 -2.94 -15.21
N ARG A 199 25.05 -2.42 -15.70
CA ARG A 199 25.06 -1.32 -16.72
C ARG A 199 25.84 -0.13 -16.16
N MET A 200 25.53 0.30 -14.94
CA MET A 200 26.17 1.50 -14.35
C MET A 200 27.62 1.20 -13.94
N GLU A 201 27.92 -0.03 -13.55
CA GLU A 201 29.32 -0.45 -13.24
C GLU A 201 30.19 -0.30 -14.50
N GLU A 202 29.73 -0.79 -15.65
CA GLU A 202 30.53 -0.77 -16.91
C GLU A 202 30.64 0.67 -17.41
N LEU A 203 29.61 1.48 -17.23
CA LEU A 203 29.62 2.89 -17.67
C LEU A 203 30.47 3.75 -16.71
N LYS A 204 30.64 3.32 -15.46
CA LYS A 204 31.58 3.95 -14.48
C LYS A 204 33.00 3.89 -15.06
N GLY A 205 33.36 2.77 -15.69
CA GLY A 205 34.66 2.58 -16.35
C GLY A 205 34.83 3.50 -17.55
N CYS A 206 33.72 3.84 -18.22
CA CYS A 206 33.69 4.73 -19.40
C CYS A 206 33.97 6.15 -18.94
N VAL A 207 33.27 6.58 -17.87
CA VAL A 207 33.46 7.94 -17.29
C VAL A 207 34.89 8.06 -16.77
N GLN A 208 35.41 7.04 -16.09
CA GLN A 208 36.79 7.01 -15.52
C GLN A 208 37.80 7.15 -16.66
N TYR A 209 37.67 6.37 -17.72
CA TYR A 209 38.58 6.39 -18.89
C TYR A 209 38.57 7.80 -19.53
N MET A 210 37.39 8.32 -19.84
CA MET A 210 37.23 9.63 -20.54
C MET A 210 37.69 10.78 -19.63
N THR A 211 37.60 10.63 -18.32
CA THR A 211 38.03 11.64 -17.30
C THR A 211 39.55 11.77 -17.38
N ARG A 212 40.30 10.67 -17.47
CA ARG A 212 41.77 10.69 -17.68
C ARG A 212 42.07 11.52 -18.95
N LEU A 213 41.34 11.28 -20.06
CA LEU A 213 41.56 11.98 -21.36
C LEU A 213 41.23 13.48 -21.18
N TRP A 214 40.15 13.78 -20.49
CA TRP A 214 39.72 15.17 -20.18
C TRP A 214 40.86 15.86 -19.41
N ASN A 215 41.38 15.27 -18.33
CA ASN A 215 42.44 15.89 -17.50
C ASN A 215 43.69 16.20 -18.34
N GLU A 216 44.01 15.36 -19.34
CA GLU A 216 45.17 15.58 -20.23
C GLU A 216 44.91 16.74 -21.21
N ARG A 217 43.65 17.12 -21.45
CA ARG A 217 43.28 18.01 -22.59
C ARG A 217 42.63 19.32 -22.12
N VAL A 218 42.17 19.41 -20.87
CA VAL A 218 41.69 20.69 -20.26
C VAL A 218 42.99 21.36 -19.80
N ASN A 219 43.14 22.67 -19.96
CA ASN A 219 44.33 23.43 -19.44
C ASN A 219 45.48 23.41 -20.46
N VAL A 220 45.30 22.80 -21.64
CA VAL A 220 46.23 22.80 -22.80
C VAL A 220 45.42 23.23 -24.03
N PRO A 221 46.04 23.74 -25.12
CA PRO A 221 45.26 24.17 -26.28
C PRO A 221 44.33 23.07 -26.83
N PRO A 222 43.05 23.41 -27.15
CA PRO A 222 42.10 22.41 -27.64
C PRO A 222 42.61 21.66 -28.89
N GLY A 223 42.53 20.33 -28.87
CA GLY A 223 42.64 19.44 -30.06
C GLY A 223 41.33 19.38 -30.83
N ASN A 224 41.36 18.87 -32.06
CA ASN A 224 40.14 18.56 -32.86
C ASN A 224 39.64 17.17 -32.43
N ASP A 225 38.96 17.06 -31.28
CA ASP A 225 38.54 15.70 -30.81
C ASP A 225 37.36 15.51 -29.88
N LEU A 226 36.45 16.43 -29.65
CA LEU A 226 35.22 16.19 -28.84
C LEU A 226 35.51 16.30 -27.34
N ILE A 227 36.46 15.57 -26.78
CA ILE A 227 36.80 15.71 -25.33
C ILE A 227 37.41 17.12 -25.13
N SER A 228 38.29 17.53 -26.05
CA SER A 228 38.92 18.86 -26.05
C SER A 228 37.85 19.95 -26.22
N MET A 229 36.97 19.81 -27.21
CA MET A 229 35.89 20.78 -27.52
C MET A 229 35.02 21.00 -26.28
N MET A 230 34.69 19.91 -25.58
CA MET A 230 33.80 19.95 -24.39
C MET A 230 34.55 20.58 -23.21
N ALA A 231 35.83 20.22 -23.01
CA ALA A 231 36.66 20.70 -21.89
C ALA A 231 36.91 22.20 -22.01
N HIS A 232 36.83 22.77 -23.22
CA HIS A 232 37.09 24.21 -23.51
C HIS A 232 35.81 24.99 -23.84
N THR A 233 34.63 24.48 -23.53
CA THR A 233 33.35 25.22 -23.66
C THR A 233 32.92 25.60 -22.23
N GLU A 234 32.91 26.89 -21.90
CA GLU A 234 32.69 27.44 -20.52
C GLU A 234 31.49 26.77 -19.83
N SER A 235 30.39 26.52 -20.55
CA SER A 235 29.12 25.99 -20.01
C SER A 235 29.23 24.53 -19.54
N MET A 236 30.26 23.81 -19.98
CA MET A 236 30.42 22.34 -19.76
C MET A 236 31.60 22.08 -18.84
N ARG A 237 32.24 23.14 -18.34
CA ARG A 237 33.57 23.05 -17.66
C ARG A 237 33.35 22.47 -16.24
N ASN A 238 32.17 22.71 -15.61
CA ASN A 238 31.83 22.24 -14.24
C ASN A 238 30.93 20.98 -14.26
N MET A 239 30.93 20.19 -15.34
CA MET A 239 30.03 19.02 -15.52
C MET A 239 30.26 18.00 -14.39
N THR A 240 29.19 17.46 -13.81
CA THR A 240 29.28 16.28 -12.91
C THR A 240 29.66 15.08 -13.77
N PRO A 241 30.26 14.02 -13.19
CA PRO A 241 30.49 12.79 -13.94
C PRO A 241 29.21 12.27 -14.62
N GLU A 242 28.03 12.41 -14.02
CA GLU A 242 26.75 11.96 -14.63
C GLU A 242 26.47 12.76 -15.91
N GLU A 243 26.63 14.09 -15.87
CA GLU A 243 26.42 15.00 -17.03
C GLU A 243 27.42 14.63 -18.14
N PHE A 244 28.68 14.48 -17.76
CA PHE A 244 29.79 14.13 -18.67
C PHE A 244 29.46 12.78 -19.33
N LEU A 245 29.04 11.80 -18.54
CA LEU A 245 28.76 10.40 -18.99
C LEU A 245 27.55 10.44 -19.92
N GLY A 246 26.54 11.23 -19.60
CA GLY A 246 25.33 11.34 -20.45
C GLY A 246 25.69 11.76 -21.86
N ASN A 247 26.49 12.84 -21.97
CA ASN A 247 26.95 13.41 -23.25
C ASN A 247 27.90 12.40 -23.93
N LEU A 248 28.77 11.74 -23.15
CA LEU A 248 29.69 10.71 -23.67
C LEU A 248 28.85 9.63 -24.35
N ILE A 249 27.85 9.06 -23.69
CA ILE A 249 27.10 7.90 -24.25
C ILE A 249 26.27 8.38 -25.43
N LEU A 250 25.81 9.63 -25.43
CA LEU A 250 25.09 10.19 -26.60
C LEU A 250 26.03 10.16 -27.82
N LEU A 251 27.23 10.66 -27.64
CA LEU A 251 28.22 10.81 -28.73
C LEU A 251 28.69 9.43 -29.17
N ILE A 252 28.85 8.51 -28.22
CA ILE A 252 29.36 7.12 -28.45
C ILE A 252 28.28 6.34 -29.23
N VAL A 253 27.03 6.37 -28.80
CA VAL A 253 25.92 5.64 -29.48
C VAL A 253 25.61 6.35 -30.79
N GLY A 254 25.60 7.67 -30.78
CA GLY A 254 25.45 8.49 -32.00
C GLY A 254 26.50 8.14 -33.05
N GLY A 255 27.77 8.04 -32.62
CA GLY A 255 28.96 8.00 -33.49
C GLY A 255 29.38 6.61 -33.88
N ASN A 256 28.67 5.56 -33.46
CA ASN A 256 28.97 4.19 -33.97
C ASN A 256 27.65 3.48 -34.32
N ASP A 257 26.69 3.28 -33.42
CA ASP A 257 25.66 2.23 -33.56
C ASP A 257 24.75 2.49 -34.79
N THR A 258 24.46 3.74 -35.10
CA THR A 258 23.51 4.07 -36.19
C THR A 258 24.18 3.81 -37.54
N THR A 259 25.39 4.31 -37.73
CA THR A 259 26.18 4.10 -38.96
C THR A 259 26.43 2.60 -39.12
N ARG A 260 26.81 1.93 -38.04
CA ARG A 260 27.05 0.47 -38.01
C ARG A 260 25.83 -0.28 -38.59
N ASN A 261 24.63 0.00 -38.06
CA ASN A 261 23.41 -0.72 -38.49
C ASN A 261 23.04 -0.33 -39.92
N SER A 262 23.37 0.89 -40.34
CA SER A 262 23.18 1.37 -41.74
C SER A 262 24.11 0.58 -42.68
N MET A 263 25.35 0.37 -42.26
CA MET A 263 26.40 -0.30 -43.05
C MET A 263 25.92 -1.74 -43.31
N THR A 264 25.45 -2.43 -42.26
CA THR A 264 24.89 -3.80 -42.34
C THR A 264 23.58 -3.80 -43.16
N GLY A 265 22.68 -2.86 -42.85
CA GLY A 265 21.35 -2.76 -43.47
C GLY A 265 21.40 -2.74 -44.99
N GLY A 266 22.29 -1.96 -45.58
CA GLY A 266 22.40 -1.79 -47.04
C GLY A 266 22.68 -3.10 -47.76
N VAL A 267 23.61 -3.90 -47.22
CA VAL A 267 23.97 -5.23 -47.77
C VAL A 267 22.69 -6.06 -47.81
N LEU A 268 21.94 -6.06 -46.72
CA LEU A 268 20.70 -6.84 -46.60
C LEU A 268 19.70 -6.33 -47.64
N ALA A 269 19.49 -5.03 -47.74
CA ALA A 269 18.51 -4.39 -48.65
C ALA A 269 18.83 -4.71 -50.12
N LEU A 270 20.11 -4.70 -50.50
CA LEU A 270 20.49 -5.03 -51.90
C LEU A 270 20.25 -6.52 -52.20
N ASN A 271 20.39 -7.40 -51.20
CA ASN A 271 20.19 -8.87 -51.36
C ASN A 271 18.67 -9.17 -51.44
N GLU A 272 17.84 -8.49 -50.67
CA GLU A 272 16.36 -8.68 -50.71
C GLU A 272 15.78 -8.07 -51.99
N ASN A 273 16.52 -7.20 -52.69
CA ASN A 273 16.04 -6.45 -53.89
C ASN A 273 17.07 -6.56 -55.01
N PRO A 274 17.18 -7.73 -55.69
CA PRO A 274 18.27 -7.96 -56.64
C PRO A 274 18.22 -7.00 -57.84
N ASP A 275 17.02 -6.49 -58.16
CA ASP A 275 16.80 -5.52 -59.26
C ASP A 275 17.60 -4.24 -58.96
N GLU A 276 17.62 -3.80 -57.70
CA GLU A 276 18.33 -2.56 -57.26
C GLU A 276 19.84 -2.81 -57.27
N TYR A 277 20.29 -4.00 -56.83
CA TYR A 277 21.71 -4.42 -56.87
C TYR A 277 22.17 -4.35 -58.34
N ARG A 278 21.30 -4.76 -59.28
CA ARG A 278 21.60 -4.74 -60.75
C ARG A 278 21.79 -3.28 -61.18
N LYS A 279 20.84 -2.39 -60.87
CA LYS A 279 20.90 -0.94 -61.22
C LYS A 279 22.20 -0.33 -60.67
N LEU A 280 22.55 -0.65 -59.42
CA LEU A 280 23.73 -0.10 -58.70
C LEU A 280 25.01 -0.44 -59.45
N CYS A 281 25.17 -1.71 -59.84
CA CYS A 281 26.39 -2.23 -60.50
C CYS A 281 26.50 -1.66 -61.93
N ALA A 282 25.36 -1.52 -62.62
CA ALA A 282 25.26 -0.87 -63.95
C ALA A 282 25.70 0.61 -63.85
N ASN A 283 25.38 1.29 -62.74
CA ASN A 283 25.59 2.76 -62.58
C ASN A 283 26.06 3.10 -61.16
N PRO A 284 27.35 2.90 -60.82
CA PRO A 284 27.87 3.21 -59.48
C PRO A 284 27.68 4.65 -58.96
N ALA A 285 27.26 5.56 -59.85
CA ALA A 285 26.94 6.96 -59.47
C ALA A 285 25.69 6.99 -58.59
N LEU A 286 24.88 5.92 -58.61
CA LEU A 286 23.62 5.82 -57.82
C LEU A 286 23.91 5.73 -56.31
N ILE A 287 25.16 5.52 -55.92
CA ILE A 287 25.56 5.53 -54.48
C ILE A 287 25.07 6.83 -53.84
N ALA A 288 25.11 7.93 -54.60
CA ALA A 288 24.67 9.28 -54.14
C ALA A 288 23.23 9.22 -53.63
N SER A 289 22.34 8.52 -54.34
CA SER A 289 20.88 8.43 -54.03
C SER A 289 20.56 7.16 -53.23
N MET A 290 21.47 6.17 -53.24
CA MET A 290 21.27 4.89 -52.51
C MET A 290 21.49 5.10 -51.01
N VAL A 291 22.53 5.84 -50.64
CA VAL A 291 22.96 5.98 -49.22
C VAL A 291 21.81 6.55 -48.39
N PRO A 292 21.17 7.67 -48.78
CA PRO A 292 20.02 8.19 -48.03
C PRO A 292 18.87 7.18 -47.97
N GLU A 293 18.67 6.40 -49.04
CA GLU A 293 17.60 5.38 -49.08
C GLU A 293 17.92 4.25 -48.09
N ILE A 294 19.18 3.83 -47.99
CA ILE A 294 19.61 2.79 -47.02
C ILE A 294 19.26 3.28 -45.62
N VAL A 295 19.49 4.56 -45.35
CA VAL A 295 19.30 5.18 -44.01
C VAL A 295 17.80 5.27 -43.70
N ARG A 296 16.97 5.56 -44.70
CA ARG A 296 15.48 5.55 -44.54
C ARG A 296 15.03 4.12 -44.27
N TRP A 297 15.44 3.21 -45.15
CA TRP A 297 15.03 1.80 -45.14
C TRP A 297 15.36 1.19 -43.76
N GLN A 298 16.59 1.41 -43.29
CA GLN A 298 17.10 0.87 -42.00
C GLN A 298 16.38 1.52 -40.82
N THR A 299 16.23 2.86 -40.82
CA THR A 299 15.75 3.67 -39.66
C THR A 299 16.44 3.17 -38.38
N PRO A 300 17.77 3.35 -38.28
CA PRO A 300 18.55 2.72 -37.21
C PRO A 300 18.12 3.08 -35.79
N LEU A 301 17.56 4.27 -35.59
CA LEU A 301 16.81 4.62 -34.34
C LEU A 301 15.32 4.64 -34.70
N ALA A 302 14.59 3.64 -34.24
CA ALA A 302 13.16 3.44 -34.58
C ALA A 302 12.32 4.60 -34.06
N HIS A 303 12.75 5.24 -32.99
CA HIS A 303 11.91 6.30 -32.40
C HIS A 303 12.69 7.29 -31.55
N MET A 304 11.97 8.29 -31.09
CA MET A 304 12.46 9.37 -30.19
C MET A 304 11.26 9.79 -29.37
N ARG A 305 11.47 10.03 -28.08
CA ARG A 305 10.38 10.32 -27.12
C ARG A 305 10.35 11.78 -26.73
N ARG A 306 9.15 12.28 -26.50
CA ARG A 306 8.94 13.64 -25.97
C ARG A 306 8.08 13.53 -24.72
N THR A 307 7.99 14.60 -23.95
CA THR A 307 7.12 14.63 -22.76
C THR A 307 6.33 15.92 -22.82
N ALA A 308 5.00 15.83 -22.88
CA ALA A 308 4.09 17.01 -22.94
C ALA A 308 4.21 17.83 -21.66
N LEU A 309 4.58 19.10 -21.82
CA LEU A 309 4.78 20.08 -20.72
C LEU A 309 3.46 20.75 -20.35
N GLN A 310 2.41 20.48 -21.12
CA GLN A 310 1.06 21.03 -20.89
C GLN A 310 0.06 20.25 -21.75
N ASP A 311 -1.24 20.35 -21.46
CA ASP A 311 -2.34 19.72 -22.23
C ASP A 311 -2.30 20.29 -23.66
N THR A 312 -2.49 19.45 -24.66
CA THR A 312 -2.39 19.86 -26.09
C THR A 312 -3.19 18.87 -26.95
N GLU A 313 -3.49 19.27 -28.20
CA GLU A 313 -4.20 18.42 -29.18
C GLU A 313 -3.21 18.09 -30.31
N LEU A 314 -3.14 16.82 -30.68
CA LEU A 314 -2.27 16.29 -31.76
C LEU A 314 -3.08 15.24 -32.53
N GLY A 315 -3.26 15.43 -33.84
CA GLY A 315 -4.14 14.59 -34.67
C GLY A 315 -5.49 14.34 -34.01
N GLY A 316 -6.09 15.38 -33.42
CA GLY A 316 -7.44 15.37 -32.82
C GLY A 316 -7.52 14.61 -31.50
N LYS A 317 -6.39 14.32 -30.87
CA LYS A 317 -6.35 13.60 -29.57
C LYS A 317 -5.90 14.56 -28.48
N SER A 318 -6.42 14.36 -27.26
CA SER A 318 -6.10 15.14 -26.04
C SER A 318 -4.92 14.48 -25.32
N ILE A 319 -3.73 15.07 -25.42
CA ILE A 319 -2.50 14.60 -24.73
C ILE A 319 -2.40 15.37 -23.41
N ARG A 320 -2.17 14.68 -22.29
CA ARG A 320 -2.17 15.34 -20.96
C ARG A 320 -0.79 15.89 -20.57
N LYS A 321 -0.72 16.52 -19.39
CA LYS A 321 0.53 17.12 -18.88
C LYS A 321 1.38 16.03 -18.22
N GLY A 322 2.55 15.73 -18.79
CA GLY A 322 3.46 14.70 -18.25
C GLY A 322 3.36 13.42 -19.06
N ASP A 323 2.60 13.45 -20.13
CA ASP A 323 2.36 12.25 -20.97
C ASP A 323 3.55 12.01 -21.89
N LYS A 324 3.91 10.75 -22.07
CA LYS A 324 5.08 10.35 -22.88
C LYS A 324 4.58 10.21 -24.32
N VAL A 325 5.24 10.89 -25.26
CA VAL A 325 4.80 10.87 -26.67
C VAL A 325 5.88 10.19 -27.50
N ILE A 326 5.51 9.24 -28.35
CA ILE A 326 6.60 8.55 -29.10
C ILE A 326 6.51 8.84 -30.60
N MET A 327 7.55 9.45 -31.15
CA MET A 327 7.68 9.69 -32.62
C MET A 327 8.30 8.43 -33.25
N TRP A 328 7.48 7.58 -33.85
CA TRP A 328 7.94 6.30 -34.47
C TRP A 328 8.43 6.57 -35.89
N TYR A 329 9.67 7.03 -36.01
CA TYR A 329 10.38 7.22 -37.29
C TYR A 329 10.24 5.99 -38.20
N VAL A 330 10.29 4.79 -37.61
CA VAL A 330 10.20 3.51 -38.37
C VAL A 330 8.86 3.47 -39.11
N SER A 331 7.80 4.04 -38.52
CA SER A 331 6.44 4.14 -39.12
C SER A 331 6.40 5.32 -40.13
N GLY A 332 6.89 6.48 -39.73
CA GLY A 332 6.91 7.68 -40.59
C GLY A 332 7.67 7.45 -41.89
N ASN A 333 8.73 6.65 -41.87
CA ASN A 333 9.55 6.38 -43.08
C ASN A 333 8.83 5.41 -44.00
N ARG A 334 7.70 4.83 -43.55
CA ARG A 334 6.84 3.92 -44.35
C ARG A 334 5.47 4.57 -44.60
N ASP A 335 5.32 5.88 -44.38
CA ASP A 335 4.05 6.60 -44.56
C ASP A 335 3.81 6.94 -46.03
N PRO A 336 2.81 6.32 -46.71
CA PRO A 336 2.56 6.58 -48.14
C PRO A 336 2.04 8.01 -48.41
N GLU A 337 1.51 8.69 -47.41
CA GLU A 337 1.13 10.11 -47.48
C GLU A 337 2.36 11.00 -47.70
N ALA A 338 3.55 10.56 -47.30
CA ALA A 338 4.80 11.37 -47.37
C ALA A 338 5.74 10.83 -48.47
N ILE A 339 5.80 9.52 -48.66
CA ILE A 339 6.81 8.87 -49.56
C ILE A 339 6.06 7.93 -50.50
N GLU A 340 6.22 8.13 -51.82
CA GLU A 340 5.66 7.24 -52.88
C GLU A 340 6.24 5.83 -52.71
N ASN A 341 5.37 4.80 -52.68
CA ASN A 341 5.79 3.38 -52.71
C ASN A 341 6.78 3.15 -51.57
N PRO A 342 6.41 3.48 -50.31
CA PRO A 342 7.38 3.57 -49.22
C PRO A 342 7.95 2.23 -48.73
N ASP A 343 7.35 1.10 -49.11
CA ASP A 343 7.75 -0.24 -48.63
C ASP A 343 8.73 -0.86 -49.64
N ALA A 344 8.99 -0.17 -50.75
CA ALA A 344 10.02 -0.58 -51.74
C ALA A 344 11.36 0.11 -51.43
N PHE A 345 12.45 -0.64 -51.54
CA PHE A 345 13.85 -0.12 -51.55
C PHE A 345 14.16 0.33 -52.98
N ILE A 346 14.21 1.63 -53.22
CA ILE A 346 14.49 2.24 -54.56
C ILE A 346 15.70 3.16 -54.40
N ILE A 347 16.80 2.87 -55.11
CA ILE A 347 18.11 3.55 -54.89
C ILE A 347 18.22 4.80 -55.76
N ASP A 348 17.20 5.11 -56.58
CA ASP A 348 17.23 6.26 -57.52
C ASP A 348 15.96 7.11 -57.34
N ARG A 349 15.48 7.29 -56.12
CA ARG A 349 14.37 8.23 -55.82
C ARG A 349 14.81 9.65 -56.19
N ALA A 350 13.88 10.48 -56.64
CA ALA A 350 14.15 11.89 -57.03
C ALA A 350 14.57 12.70 -55.79
N LYS A 351 13.87 12.53 -54.67
CA LYS A 351 14.11 13.25 -53.38
C LYS A 351 14.41 12.23 -52.29
N PRO A 352 15.60 11.56 -52.32
CA PRO A 352 15.88 10.44 -51.43
C PRO A 352 16.22 10.84 -49.99
N ARG A 353 16.43 12.14 -49.74
CA ARG A 353 16.73 12.68 -48.39
C ARG A 353 15.42 13.05 -47.69
N HIS A 354 14.26 12.76 -48.28
CA HIS A 354 12.94 13.03 -47.65
C HIS A 354 12.59 11.86 -46.71
N HIS A 355 13.14 11.88 -45.49
CA HIS A 355 12.90 10.83 -44.45
C HIS A 355 13.19 11.42 -43.07
N LEU A 356 12.90 10.65 -42.02
CA LEU A 356 12.90 11.11 -40.61
C LEU A 356 14.02 10.41 -39.84
N SER A 357 14.88 9.65 -40.51
CA SER A 357 15.89 8.80 -39.84
C SER A 357 16.84 9.67 -39.01
N PHE A 358 17.11 10.91 -39.45
CA PHE A 358 17.98 11.87 -38.72
C PHE A 358 17.12 12.82 -37.88
N GLY A 359 15.82 12.52 -37.76
CA GLY A 359 14.83 13.41 -37.13
C GLY A 359 14.72 14.72 -37.90
N PHE A 360 14.32 15.79 -37.22
CA PHE A 360 14.00 17.10 -37.82
C PHE A 360 14.00 18.16 -36.72
N GLY A 361 14.31 19.41 -37.08
CA GLY A 361 14.16 20.58 -36.19
C GLY A 361 15.44 20.82 -35.41
N ILE A 362 15.34 21.32 -34.19
CA ILE A 362 16.53 21.83 -33.43
C ILE A 362 17.44 20.67 -33.04
N HIS A 363 16.92 19.43 -32.95
CA HIS A 363 17.72 18.24 -32.54
C HIS A 363 18.15 17.41 -33.76
N ARG A 364 17.88 17.86 -34.99
CA ARG A 364 18.26 17.11 -36.23
C ARG A 364 19.71 16.67 -36.11
N CYS A 365 19.99 15.41 -36.41
CA CYS A 365 21.31 14.77 -36.23
C CYS A 365 22.44 15.67 -36.74
N VAL A 366 23.38 16.01 -35.86
CA VAL A 366 24.58 16.83 -36.22
C VAL A 366 25.58 15.97 -37.00
N GLY A 367 25.53 14.65 -36.84
CA GLY A 367 26.50 13.70 -37.42
C GLY A 367 26.06 13.12 -38.77
N ASN A 368 24.98 13.63 -39.36
CA ASN A 368 24.32 13.02 -40.54
C ASN A 368 25.27 13.02 -41.76
N ARG A 369 26.06 14.08 -41.93
CA ARG A 369 26.97 14.23 -43.12
C ARG A 369 28.15 13.26 -42.93
N LEU A 370 28.58 13.04 -41.69
CA LEU A 370 29.67 12.08 -41.38
C LEU A 370 29.20 10.64 -41.58
N ALA A 371 27.95 10.34 -41.21
CA ALA A 371 27.33 9.02 -41.40
C ALA A 371 27.23 8.70 -42.90
N GLU A 372 26.69 9.63 -43.67
CA GLU A 372 26.51 9.45 -45.14
C GLU A 372 27.89 9.32 -45.81
N LEU A 373 28.89 10.05 -45.32
CA LEU A 373 30.27 10.01 -45.87
C LEU A 373 30.85 8.61 -45.69
N GLN A 374 30.75 8.04 -44.48
CA GLN A 374 31.24 6.67 -44.18
C GLN A 374 30.56 5.65 -45.10
N LEU A 375 29.23 5.78 -45.33
CA LEU A 375 28.43 4.82 -46.12
C LEU A 375 28.77 4.93 -47.61
N ARG A 376 28.90 6.15 -48.13
CA ARG A 376 29.33 6.39 -49.54
C ARG A 376 30.66 5.68 -49.76
N ILE A 377 31.64 5.91 -48.87
CA ILE A 377 33.03 5.41 -49.09
C ILE A 377 33.02 3.88 -49.08
N VAL A 378 32.29 3.25 -48.16
CA VAL A 378 32.18 1.76 -48.11
C VAL A 378 31.67 1.24 -49.45
N TRP A 379 30.59 1.80 -49.98
CA TRP A 379 29.96 1.29 -51.23
C TRP A 379 30.85 1.54 -52.44
N GLU A 380 31.54 2.69 -52.50
CA GLU A 380 32.55 3.00 -53.54
C GLU A 380 33.60 1.89 -53.52
N GLU A 381 34.21 1.66 -52.35
CA GLU A 381 35.35 0.72 -52.19
C GLU A 381 34.87 -0.71 -52.40
N LEU A 382 33.61 -1.02 -52.05
CA LEU A 382 33.02 -2.36 -52.28
C LEU A 382 32.95 -2.61 -53.79
N LEU A 383 32.46 -1.63 -54.56
CA LEU A 383 32.21 -1.80 -56.01
C LEU A 383 33.52 -1.81 -56.80
N LYS A 384 34.58 -1.14 -56.32
CA LYS A 384 35.92 -1.11 -56.98
C LYS A 384 36.51 -2.52 -56.94
N ARG A 385 36.19 -3.33 -55.92
CA ARG A 385 36.77 -4.68 -55.69
C ARG A 385 35.83 -5.77 -56.25
N TRP A 386 34.52 -5.61 -56.06
CA TRP A 386 33.46 -6.61 -56.41
C TRP A 386 32.32 -5.88 -57.11
N PRO A 387 32.47 -5.62 -58.43
CA PRO A 387 31.55 -4.75 -59.16
C PRO A 387 30.30 -5.41 -59.78
N ASN A 388 30.18 -6.73 -59.71
CA ASN A 388 29.08 -7.46 -60.39
C ASN A 388 27.96 -7.73 -59.40
N PRO A 389 26.68 -7.72 -59.87
CA PRO A 389 25.55 -7.98 -58.99
C PRO A 389 25.61 -9.41 -58.43
N GLY A 390 25.22 -9.58 -57.16
CA GLY A 390 25.24 -10.86 -56.43
C GLY A 390 26.57 -11.18 -55.76
N GLN A 391 27.65 -10.44 -56.00
CA GLN A 391 29.00 -10.80 -55.48
C GLN A 391 29.03 -10.73 -53.95
N ILE A 392 28.45 -9.68 -53.34
CA ILE A 392 28.32 -9.59 -51.86
C ILE A 392 26.97 -10.21 -51.50
N GLU A 393 26.99 -11.46 -51.01
CA GLU A 393 25.74 -12.26 -50.87
C GLU A 393 25.53 -12.62 -49.41
N VAL A 394 24.28 -12.46 -48.95
CA VAL A 394 23.83 -12.88 -47.60
C VAL A 394 23.49 -14.37 -47.66
N VAL A 395 24.05 -15.19 -46.76
CA VAL A 395 24.00 -16.68 -46.83
C VAL A 395 23.43 -17.24 -45.52
N GLY A 396 22.61 -16.46 -44.83
CA GLY A 396 22.03 -16.80 -43.51
C GLY A 396 21.19 -15.66 -43.00
N ALA A 397 20.20 -15.95 -42.15
CA ALA A 397 19.29 -14.92 -41.62
C ALA A 397 20.09 -14.02 -40.70
N PRO A 398 19.78 -12.71 -40.64
CA PRO A 398 20.46 -11.82 -39.70
C PRO A 398 19.91 -12.07 -38.30
N GLU A 399 20.72 -11.84 -37.25
CA GLU A 399 20.27 -11.80 -35.85
C GLU A 399 19.97 -10.33 -35.53
N ARG A 400 18.72 -9.99 -35.23
CA ARG A 400 18.26 -8.61 -34.99
C ARG A 400 18.33 -8.27 -33.49
N VAL A 401 18.48 -6.98 -33.18
CA VAL A 401 18.59 -6.49 -31.78
C VAL A 401 17.20 -6.47 -31.12
N LEU A 402 17.13 -6.91 -29.87
CA LEU A 402 15.89 -6.87 -29.05
C LEU A 402 15.84 -5.48 -28.42
N SER A 403 15.18 -4.54 -29.08
CA SER A 403 15.01 -3.14 -28.60
C SER A 403 13.91 -2.47 -29.41
N PRO A 404 13.12 -1.56 -28.80
CA PRO A 404 12.20 -0.72 -29.57
C PRO A 404 12.88 0.60 -30.02
N PHE A 405 14.16 0.76 -29.69
CA PHE A 405 14.94 1.99 -29.90
C PHE A 405 16.00 1.73 -30.98
N VAL A 406 16.93 0.83 -30.70
CA VAL A 406 18.01 0.45 -31.65
C VAL A 406 17.42 -0.57 -32.61
N LYS A 407 17.28 -0.22 -33.89
CA LYS A 407 16.87 -1.17 -34.95
C LYS A 407 18.13 -1.56 -35.72
N GLY A 408 18.68 -2.73 -35.42
CA GLY A 408 20.03 -3.10 -35.86
C GLY A 408 20.24 -4.60 -35.91
N TYR A 409 21.50 -4.99 -36.04
CA TYR A 409 21.89 -6.40 -36.32
C TYR A 409 23.07 -6.76 -35.42
N GLU A 410 22.97 -7.88 -34.72
CA GLU A 410 24.06 -8.47 -33.91
C GLU A 410 24.97 -9.28 -34.85
N SER A 411 24.41 -9.89 -35.91
CA SER A 411 25.18 -10.65 -36.92
C SER A 411 24.48 -10.64 -38.28
N LEU A 412 25.29 -10.80 -39.34
CA LEU A 412 24.80 -11.00 -40.73
C LEU A 412 25.80 -11.85 -41.48
N PRO A 413 25.48 -13.14 -41.74
CA PRO A 413 26.39 -14.01 -42.49
C PRO A 413 26.48 -13.58 -43.97
N VAL A 414 27.69 -13.29 -44.43
CA VAL A 414 27.95 -12.84 -45.82
C VAL A 414 29.07 -13.70 -46.41
N ARG A 415 28.95 -14.01 -47.70
CA ARG A 415 30.05 -14.60 -48.50
C ARG A 415 30.26 -13.70 -49.72
N ILE A 416 31.50 -13.28 -49.97
CA ILE A 416 31.90 -12.59 -51.23
C ILE A 416 32.27 -13.66 -52.27
N ASN A 417 31.50 -13.75 -53.36
CA ASN A 417 31.77 -14.64 -54.53
C ASN A 417 32.71 -13.95 -55.52
N ALA A 418 34.00 -14.32 -55.53
CA ALA A 418 35.00 -13.78 -56.49
C ALA A 418 35.89 -14.92 -57.00
N ARG B 15 -27.40 20.11 -26.81
CA ARG B 15 -27.60 20.81 -25.47
C ARG B 15 -26.35 20.57 -24.60
N ALA B 16 -26.30 19.45 -23.87
CA ALA B 16 -25.17 19.04 -23.01
C ALA B 16 -24.01 18.51 -23.87
N TYR B 17 -24.32 18.06 -25.09
CA TYR B 17 -23.38 17.45 -26.07
C TYR B 17 -22.58 18.50 -26.87
N ALA B 18 -22.79 19.81 -26.63
CA ALA B 18 -21.99 20.93 -27.22
C ALA B 18 -20.55 20.92 -26.68
N ILE B 19 -20.40 20.82 -25.35
CA ILE B 19 -19.09 20.88 -24.63
C ILE B 19 -18.34 19.58 -24.88
N PRO B 20 -16.99 19.62 -25.03
CA PRO B 20 -16.20 18.39 -24.92
C PRO B 20 -16.42 17.66 -23.58
N LEU B 21 -16.43 16.33 -23.58
CA LEU B 21 -16.53 15.45 -22.37
C LEU B 21 -15.50 15.84 -21.29
N GLU B 22 -14.27 16.17 -21.69
CA GLU B 22 -13.14 16.51 -20.77
C GLU B 22 -13.46 17.78 -19.96
N ASP B 23 -14.42 18.61 -20.39
CA ASP B 23 -14.65 19.96 -19.81
C ASP B 23 -16.03 20.05 -19.12
N ILE B 24 -16.75 18.94 -18.95
CA ILE B 24 -18.08 18.93 -18.29
C ILE B 24 -17.87 19.18 -16.79
N ASP B 25 -18.58 20.19 -16.25
CA ASP B 25 -18.56 20.58 -14.83
C ASP B 25 -20.02 20.58 -14.34
N VAL B 26 -20.49 19.44 -13.80
CA VAL B 26 -21.90 19.25 -13.36
C VAL B 26 -22.13 19.99 -12.03
N SER B 27 -21.06 20.34 -11.30
CA SER B 27 -21.15 21.09 -10.02
C SER B 27 -21.62 22.54 -10.23
N ASN B 28 -21.59 23.04 -11.45
CA ASN B 28 -21.92 24.45 -11.79
C ASN B 28 -23.28 24.78 -11.21
N PRO B 29 -23.36 25.62 -10.16
CA PRO B 29 -24.63 25.93 -9.51
C PRO B 29 -25.70 26.43 -10.49
N GLU B 30 -25.31 27.16 -11.54
CA GLU B 30 -26.25 27.75 -12.53
C GLU B 30 -27.01 26.61 -13.22
N LEU B 31 -26.42 25.43 -13.39
CA LEU B 31 -27.11 24.26 -14.04
C LEU B 31 -28.30 23.81 -13.20
N PHE B 32 -28.21 23.94 -11.87
CA PHE B 32 -29.28 23.54 -10.92
C PHE B 32 -30.38 24.62 -10.93
N ARG B 33 -30.00 25.90 -10.90
CA ARG B 33 -30.97 27.02 -10.93
C ARG B 33 -31.76 26.97 -12.23
N ASP B 34 -31.12 26.65 -13.37
CA ASP B 34 -31.84 26.73 -14.68
C ASP B 34 -32.42 25.35 -15.00
N ASN B 35 -32.15 24.34 -14.18
CA ASN B 35 -32.78 23.00 -14.32
C ASN B 35 -32.28 22.32 -15.61
N THR B 36 -31.00 22.49 -15.93
CA THR B 36 -30.35 21.93 -17.14
C THR B 36 -29.33 20.86 -16.76
N MET B 37 -29.08 20.62 -15.47
CA MET B 37 -28.02 19.69 -15.02
C MET B 37 -28.36 18.26 -15.44
N TRP B 38 -29.65 17.92 -15.61
CA TRP B 38 -30.13 16.55 -15.94
C TRP B 38 -29.39 15.99 -17.16
N GLY B 39 -29.32 16.78 -18.24
CA GLY B 39 -28.70 16.40 -19.52
C GLY B 39 -27.24 16.02 -19.34
N TYR B 40 -26.49 16.78 -18.53
CA TYR B 40 -25.05 16.54 -18.32
C TYR B 40 -24.89 15.21 -17.58
N PHE B 41 -25.78 14.92 -16.61
CA PHE B 41 -25.76 13.66 -15.83
C PHE B 41 -26.11 12.47 -16.74
N GLU B 42 -27.12 12.62 -17.60
CA GLU B 42 -27.50 11.59 -18.62
C GLU B 42 -26.25 11.30 -19.48
N ARG B 43 -25.55 12.35 -19.92
CA ARG B 43 -24.36 12.21 -20.80
C ARG B 43 -23.26 11.45 -20.03
N LEU B 44 -23.00 11.80 -18.78
CA LEU B 44 -21.96 11.14 -17.97
C LEU B 44 -22.37 9.68 -17.71
N ARG B 45 -23.65 9.40 -17.49
CA ARG B 45 -24.11 8.02 -17.17
C ARG B 45 -23.84 7.09 -18.37
N ARG B 46 -23.98 7.61 -19.58
CA ARG B 46 -23.85 6.87 -20.85
C ARG B 46 -22.36 6.75 -21.27
N GLU B 47 -21.57 7.82 -21.18
CA GLU B 47 -20.23 7.91 -21.81
C GLU B 47 -19.09 7.82 -20.80
N ASP B 48 -19.24 8.31 -19.57
CA ASP B 48 -18.16 8.34 -18.55
C ASP B 48 -18.76 8.39 -17.14
N PRO B 49 -19.28 7.24 -16.63
CA PRO B 49 -20.04 7.24 -15.38
C PRO B 49 -19.23 7.66 -14.14
N VAL B 50 -17.92 7.37 -14.12
CA VAL B 50 -17.01 7.83 -13.05
C VAL B 50 -16.03 8.83 -13.68
N HIS B 51 -16.42 10.10 -13.69
CA HIS B 51 -15.84 11.19 -14.50
C HIS B 51 -14.98 12.10 -13.62
N TYR B 52 -13.75 12.40 -14.04
CA TYR B 52 -12.87 13.36 -13.34
C TYR B 52 -13.09 14.75 -13.94
N CYS B 53 -13.19 15.74 -13.07
CA CYS B 53 -13.34 17.17 -13.41
C CYS B 53 -12.14 17.91 -12.83
N LYS B 54 -11.35 18.55 -13.69
CA LYS B 54 -10.05 19.22 -13.35
C LYS B 54 -10.35 20.64 -12.84
N ASP B 55 -11.39 21.29 -13.35
CA ASP B 55 -11.68 22.74 -13.14
C ASP B 55 -13.15 22.93 -12.75
N SER B 56 -13.40 23.54 -11.58
CA SER B 56 -14.76 23.89 -11.10
C SER B 56 -14.66 25.00 -10.06
N LEU B 57 -15.81 25.52 -9.62
CA LEU B 57 -15.90 26.47 -8.48
C LEU B 57 -15.27 25.84 -7.23
N PHE B 58 -15.10 24.51 -7.21
CA PHE B 58 -14.80 23.73 -5.97
C PHE B 58 -13.51 22.92 -6.13
N GLY B 59 -12.70 23.20 -7.15
CA GLY B 59 -11.47 22.44 -7.42
C GLY B 59 -11.78 21.11 -8.11
N PRO B 60 -10.78 20.22 -8.30
CA PRO B 60 -10.99 18.95 -8.98
C PRO B 60 -11.80 18.00 -8.10
N TYR B 61 -12.60 17.13 -8.71
CA TYR B 61 -13.39 16.09 -8.03
C TYR B 61 -13.80 15.00 -9.03
N TRP B 62 -14.07 13.79 -8.53
CA TRP B 62 -14.72 12.67 -9.27
C TRP B 62 -16.23 12.78 -9.15
N SER B 63 -16.95 12.58 -10.25
CA SER B 63 -18.44 12.47 -10.27
C SER B 63 -18.80 10.99 -10.37
N VAL B 64 -19.50 10.47 -9.37
CA VAL B 64 -20.06 9.09 -9.43
C VAL B 64 -21.55 9.23 -9.71
N THR B 65 -21.99 8.76 -10.89
CA THR B 65 -23.28 9.14 -11.52
C THR B 65 -24.23 7.96 -11.59
N LYS B 66 -23.75 6.72 -11.40
CA LYS B 66 -24.62 5.50 -11.53
C LYS B 66 -24.97 4.97 -10.13
N PHE B 67 -26.18 4.49 -9.98
CA PHE B 67 -26.74 3.93 -8.73
C PHE B 67 -25.77 2.88 -8.14
N LYS B 68 -25.36 1.90 -8.94
CA LYS B 68 -24.45 0.78 -8.51
C LYS B 68 -23.16 1.38 -7.90
N ASP B 69 -22.57 2.38 -8.56
CA ASP B 69 -21.26 2.95 -8.21
C ASP B 69 -21.40 3.78 -6.92
N ILE B 70 -22.52 4.48 -6.76
CA ILE B 70 -22.82 5.26 -5.52
C ILE B 70 -22.95 4.29 -4.36
N MET B 71 -23.71 3.20 -4.55
CA MET B 71 -23.86 2.12 -3.52
C MET B 71 -22.46 1.64 -3.09
N GLN B 72 -21.58 1.43 -4.06
CA GLN B 72 -20.21 0.95 -3.84
C GLN B 72 -19.47 1.93 -2.93
N VAL B 73 -19.49 3.23 -3.26
CA VAL B 73 -18.82 4.28 -2.44
C VAL B 73 -19.45 4.31 -1.03
N GLU B 74 -20.77 4.33 -0.94
CA GLU B 74 -21.52 4.40 0.34
C GLU B 74 -21.07 3.23 1.24
N THR B 75 -20.88 2.03 0.70
CA THR B 75 -20.68 0.81 1.50
C THR B 75 -19.19 0.58 1.82
N HIS B 76 -18.29 1.43 1.35
CA HIS B 76 -16.85 1.34 1.67
C HIS B 76 -16.36 2.61 2.35
N PRO B 77 -16.87 2.95 3.55
CA PRO B 77 -16.44 4.15 4.27
C PRO B 77 -15.00 4.10 4.80
N GLU B 78 -14.40 2.91 4.90
CA GLU B 78 -12.97 2.73 5.29
C GLU B 78 -12.07 3.24 4.16
N ILE B 79 -12.61 3.35 2.95
CA ILE B 79 -11.85 3.82 1.77
C ILE B 79 -12.30 5.23 1.43
N PHE B 80 -13.61 5.44 1.41
CA PHE B 80 -14.26 6.73 1.08
C PHE B 80 -14.73 7.39 2.37
N SER B 81 -13.88 8.23 2.95
CA SER B 81 -14.05 8.93 4.25
C SER B 81 -15.05 10.07 4.16
N SER B 82 -15.75 10.32 5.28
CA SER B 82 -16.69 11.43 5.50
C SER B 82 -16.04 12.50 6.40
N GLU B 83 -14.77 12.33 6.79
CA GLU B 83 -14.21 13.01 8.00
C GLU B 83 -14.41 14.54 7.97
N GLY B 84 -13.76 15.28 7.08
CA GLY B 84 -13.68 16.75 7.24
C GLY B 84 -14.95 17.47 6.83
N ASN B 85 -15.71 16.89 5.91
CA ASN B 85 -16.59 17.62 4.98
C ASN B 85 -17.39 16.60 4.18
N ILE B 86 -18.70 16.77 4.07
CA ILE B 86 -19.56 15.83 3.29
C ILE B 86 -20.25 16.57 2.15
N THR B 87 -19.75 17.77 1.78
CA THR B 87 -20.23 18.54 0.59
C THR B 87 -19.06 18.79 -0.35
N ILE B 88 -19.36 19.24 -1.57
CA ILE B 88 -18.35 19.59 -2.60
C ILE B 88 -17.69 20.92 -2.19
N MET B 89 -18.33 21.70 -1.32
CA MET B 89 -17.91 23.09 -0.97
C MET B 89 -16.59 23.05 -0.19
N GLU B 90 -15.67 23.98 -0.43
CA GLU B 90 -14.33 23.89 0.23
C GLU B 90 -14.32 24.77 1.48
N SER B 91 -14.13 24.08 2.61
CA SER B 91 -14.59 24.42 3.99
C SER B 91 -14.76 23.09 4.74
N LEU B 97 -16.91 22.63 11.83
CA LEU B 97 -17.45 22.28 13.18
C LEU B 97 -17.69 20.77 13.25
N PRO B 98 -17.48 20.12 14.41
CA PRO B 98 -17.63 18.66 14.49
C PRO B 98 -19.11 18.26 14.32
N MET B 99 -19.39 17.27 13.48
CA MET B 99 -20.74 16.68 13.33
C MET B 99 -20.56 15.22 12.93
N PHE B 100 -21.36 14.31 13.47
CA PHE B 100 -21.11 12.86 13.30
C PHE B 100 -21.34 12.45 11.85
N ILE B 101 -22.08 13.24 11.07
CA ILE B 101 -22.23 12.98 9.61
C ILE B 101 -20.85 13.11 8.95
N ALA B 102 -20.00 13.99 9.47
CA ALA B 102 -18.65 14.26 8.93
C ALA B 102 -17.59 13.63 9.83
N MET B 103 -17.79 12.36 10.19
CA MET B 103 -16.87 11.57 11.04
C MET B 103 -16.78 10.15 10.49
N ASP B 104 -15.62 9.53 10.65
CA ASP B 104 -15.49 8.12 10.27
C ASP B 104 -15.61 7.30 11.56
N PRO B 105 -15.98 6.02 11.51
CA PRO B 105 -15.97 5.22 12.71
C PRO B 105 -14.52 5.07 13.23
N PRO B 106 -14.30 4.99 14.56
CA PRO B 106 -15.34 4.57 15.48
C PRO B 106 -16.11 5.72 16.14
N LYS B 107 -15.66 6.95 15.97
CA LYS B 107 -16.33 8.08 16.64
C LYS B 107 -17.74 8.30 16.09
N HIS B 108 -17.92 8.16 14.79
CA HIS B 108 -19.25 8.29 14.14
C HIS B 108 -20.18 7.24 14.73
N ASP B 109 -19.72 5.98 14.81
CA ASP B 109 -20.56 4.83 15.21
C ASP B 109 -21.10 5.06 16.62
N VAL B 110 -20.30 5.63 17.51
CA VAL B 110 -20.71 5.82 18.94
C VAL B 110 -21.80 6.89 18.99
N GLN B 111 -21.61 8.00 18.26
CA GLN B 111 -22.54 9.16 18.26
C GLN B 111 -23.85 8.78 17.55
N ARG B 112 -23.77 8.03 16.45
CA ARG B 112 -24.99 7.58 15.72
C ARG B 112 -25.82 6.67 16.62
N MET B 113 -25.17 5.75 17.33
CA MET B 113 -25.89 4.78 18.22
C MET B 113 -26.65 5.58 19.28
N ALA B 114 -26.07 6.66 19.79
CA ALA B 114 -26.68 7.46 20.87
C ALA B 114 -27.92 8.22 20.34
N VAL B 115 -27.81 8.74 19.12
CA VAL B 115 -28.74 9.76 18.54
C VAL B 115 -29.91 9.06 17.85
N SER B 116 -29.65 7.93 17.19
CA SER B 116 -30.62 7.22 16.30
C SER B 116 -31.99 7.05 16.99
N PRO B 117 -32.07 6.54 18.25
CA PRO B 117 -33.35 6.43 18.94
C PRO B 117 -34.11 7.75 19.20
N ILE B 118 -33.37 8.84 19.38
CA ILE B 118 -33.88 10.20 19.73
C ILE B 118 -34.82 10.69 18.63
N VAL B 119 -34.54 10.29 17.37
CA VAL B 119 -35.19 10.81 16.14
C VAL B 119 -36.06 9.72 15.49
N ALA B 120 -36.22 8.58 16.17
CA ALA B 120 -37.06 7.46 15.76
C ALA B 120 -38.52 7.78 16.07
N PRO B 121 -39.46 7.57 15.11
CA PRO B 121 -40.88 7.85 15.34
C PRO B 121 -41.50 7.12 16.55
N GLU B 122 -40.94 5.95 16.90
CA GLU B 122 -41.35 5.14 18.08
C GLU B 122 -41.22 5.99 19.35
N ASN B 123 -40.25 6.91 19.39
CA ASN B 123 -39.99 7.81 20.55
C ASN B 123 -40.82 9.10 20.47
N LEU B 124 -41.42 9.41 19.31
CA LEU B 124 -41.95 10.77 18.97
C LEU B 124 -43.47 10.77 18.84
N ALA B 125 -44.16 9.84 19.53
CA ALA B 125 -45.61 9.59 19.36
C ALA B 125 -46.42 10.84 19.74
N LYS B 126 -46.16 11.41 20.93
CA LYS B 126 -46.88 12.61 21.44
C LYS B 126 -46.70 13.79 20.46
N LEU B 127 -45.52 13.91 19.82
CA LEU B 127 -45.18 15.02 18.90
C LEU B 127 -45.86 14.85 17.54
N GLU B 128 -46.12 13.62 17.07
CA GLU B 128 -46.85 13.38 15.79
C GLU B 128 -48.23 14.07 15.83
N GLY B 129 -48.91 14.01 16.99
CA GLY B 129 -50.23 14.62 17.19
C GLY B 129 -50.17 16.14 17.15
N LEU B 130 -49.17 16.72 17.83
CA LEU B 130 -48.94 18.18 17.87
C LEU B 130 -48.60 18.67 16.46
N ILE B 131 -47.81 17.95 15.69
CA ILE B 131 -47.47 18.34 14.28
C ILE B 131 -48.75 18.31 13.44
N ARG B 132 -49.62 17.32 13.64
CA ARG B 132 -50.91 17.19 12.88
C ARG B 132 -51.82 18.41 13.17
N GLU B 133 -51.99 18.82 14.44
CA GLU B 133 -52.89 19.94 14.81
C GLU B 133 -52.31 21.25 14.23
N ARG B 134 -50.99 21.45 14.39
CA ARG B 134 -50.28 22.65 13.91
C ARG B 134 -50.37 22.73 12.38
N THR B 135 -50.19 21.61 11.68
CA THR B 135 -50.26 21.51 10.20
C THR B 135 -51.67 21.90 9.76
N GLY B 136 -52.68 21.27 10.38
CA GLY B 136 -54.11 21.57 10.13
C GLY B 136 -54.37 23.08 10.21
N ARG B 137 -53.92 23.71 11.28
CA ARG B 137 -54.19 25.14 11.54
C ARG B 137 -53.53 26.01 10.46
N ALA B 138 -52.35 25.62 9.97
CA ALA B 138 -51.57 26.40 8.99
C ALA B 138 -52.27 26.33 7.63
N LEU B 139 -52.77 25.16 7.24
CA LEU B 139 -53.53 24.97 5.98
C LEU B 139 -54.86 25.70 6.06
N ASP B 140 -55.51 25.70 7.24
CA ASP B 140 -56.79 26.42 7.49
C ASP B 140 -56.58 27.93 7.23
N GLY B 141 -55.38 28.46 7.38
CA GLY B 141 -55.06 29.88 7.18
C GLY B 141 -54.58 30.22 5.77
N LEU B 142 -54.58 29.29 4.83
CA LEU B 142 -54.10 29.57 3.44
C LEU B 142 -55.19 30.32 2.67
N PRO B 143 -54.82 31.30 1.82
CA PRO B 143 -55.78 31.97 0.94
C PRO B 143 -56.29 31.06 -0.19
N ILE B 144 -57.57 31.20 -0.54
CA ILE B 144 -58.30 30.38 -1.55
C ILE B 144 -58.53 31.24 -2.81
N ASN B 145 -58.34 30.69 -4.01
CA ASN B 145 -58.68 31.34 -5.31
C ASN B 145 -57.86 32.63 -5.51
N GLU B 146 -56.64 32.65 -4.96
CA GLU B 146 -55.67 33.77 -5.02
C GLU B 146 -54.27 33.15 -5.13
N THR B 147 -53.44 33.59 -6.09
CA THR B 147 -52.02 33.14 -6.22
C THR B 147 -51.25 33.53 -4.97
N PHE B 148 -50.46 32.60 -4.41
CA PHE B 148 -49.55 32.82 -3.25
C PHE B 148 -48.28 31.98 -3.48
N ASP B 149 -47.24 32.27 -2.70
CA ASP B 149 -45.97 31.53 -2.72
C ASP B 149 -46.07 30.34 -1.76
N TRP B 150 -46.12 29.13 -2.30
CA TRP B 150 -46.22 27.85 -1.55
C TRP B 150 -45.01 27.71 -0.62
N VAL B 151 -43.84 28.11 -1.09
CA VAL B 151 -42.57 27.94 -0.31
C VAL B 151 -42.70 28.75 0.98
N LYS B 152 -43.15 30.01 0.93
CA LYS B 152 -43.24 30.90 2.12
C LYS B 152 -44.37 30.40 3.04
N LEU B 153 -45.57 30.13 2.49
CA LEU B 153 -46.84 30.04 3.29
C LEU B 153 -47.06 28.60 3.80
N VAL B 154 -46.48 27.61 3.13
CA VAL B 154 -46.60 26.16 3.49
C VAL B 154 -45.22 25.60 3.85
N SER B 155 -44.32 25.44 2.88
CA SER B 155 -43.06 24.65 3.03
C SER B 155 -42.18 25.24 4.13
N ILE B 156 -41.73 26.49 4.03
CA ILE B 156 -40.91 27.12 5.10
C ILE B 156 -41.72 27.10 6.41
N ASN B 157 -42.98 27.53 6.33
CA ASN B 157 -43.88 27.70 7.50
C ASN B 157 -43.98 26.38 8.28
N LEU B 158 -44.42 25.29 7.64
CA LEU B 158 -44.69 24.00 8.34
C LEU B 158 -43.38 23.34 8.79
N THR B 159 -42.33 23.29 7.95
CA THR B 159 -41.06 22.59 8.31
C THR B 159 -40.43 23.31 9.49
N THR B 160 -40.47 24.63 9.51
CA THR B 160 -39.98 25.46 10.65
C THR B 160 -40.82 25.16 11.89
N GLN B 161 -42.14 25.16 11.75
CA GLN B 161 -43.10 24.90 12.86
C GLN B 161 -42.80 23.49 13.37
N MET B 162 -42.66 22.50 12.48
CA MET B 162 -42.39 21.08 12.84
C MET B 162 -41.11 21.02 13.70
N LEU B 163 -40.03 21.68 13.24
CA LEU B 163 -38.75 21.50 13.95
C LEU B 163 -38.80 22.30 15.26
N ALA B 164 -39.49 23.45 15.32
CA ALA B 164 -39.72 24.16 16.59
C ALA B 164 -40.38 23.23 17.59
N THR B 165 -41.39 22.44 17.19
CA THR B 165 -42.09 21.51 18.10
C THR B 165 -41.12 20.40 18.53
N LEU B 166 -40.39 19.79 17.59
CA LEU B 166 -39.41 18.70 17.87
C LEU B 166 -38.42 19.15 18.95
N PHE B 167 -37.95 20.41 18.87
CA PHE B 167 -36.84 20.91 19.72
C PHE B 167 -37.40 21.76 20.87
N ASP B 168 -38.73 21.95 20.92
CA ASP B 168 -39.41 22.95 21.80
C ASP B 168 -38.62 24.26 21.76
N PHE B 169 -38.42 24.77 20.55
CA PHE B 169 -37.67 26.02 20.25
C PHE B 169 -38.58 27.20 20.56
N PRO B 170 -38.10 28.23 21.29
CA PRO B 170 -38.93 29.39 21.60
C PRO B 170 -39.67 29.89 20.35
N TRP B 171 -41.00 29.72 20.32
CA TRP B 171 -41.85 29.87 19.12
C TRP B 171 -41.66 31.25 18.46
N GLU B 172 -41.49 32.30 19.25
CA GLU B 172 -41.35 33.70 18.76
C GLU B 172 -40.05 33.81 17.93
N ASP B 173 -39.05 32.97 18.19
CA ASP B 173 -37.71 33.02 17.53
C ASP B 173 -37.59 31.98 16.42
N ARG B 174 -38.69 31.33 16.01
CA ARG B 174 -38.60 30.10 15.17
C ARG B 174 -37.93 30.41 13.82
N ALA B 175 -38.07 31.63 13.28
CA ALA B 175 -37.52 31.98 11.97
C ALA B 175 -35.98 31.86 12.00
N LYS B 176 -35.36 32.00 13.17
CA LYS B 176 -33.89 31.84 13.35
C LYS B 176 -33.44 30.46 12.85
N LEU B 177 -34.29 29.42 12.98
CA LEU B 177 -33.99 28.04 12.49
C LEU B 177 -33.80 28.08 10.97
N THR B 178 -34.74 28.70 10.26
CA THR B 178 -34.71 28.86 8.78
C THR B 178 -33.44 29.63 8.37
N ARG B 179 -33.08 30.66 9.12
CA ARG B 179 -31.90 31.50 8.81
C ARG B 179 -30.62 30.64 8.94
N TRP B 180 -30.44 29.98 10.09
CA TRP B 180 -29.25 29.15 10.39
C TRP B 180 -29.11 28.04 9.35
N SER B 181 -30.24 27.46 8.95
CA SER B 181 -30.33 26.42 7.89
C SER B 181 -29.75 26.96 6.59
N ASP B 182 -30.21 28.15 6.18
CA ASP B 182 -29.82 28.82 4.92
C ASP B 182 -28.33 29.17 4.98
N VAL B 183 -27.87 29.71 6.11
CA VAL B 183 -26.46 30.14 6.33
C VAL B 183 -25.55 28.92 6.24
N ALA B 184 -25.96 27.77 6.76
CA ALA B 184 -25.10 26.58 6.86
C ALA B 184 -24.71 26.08 5.47
N THR B 185 -25.60 26.18 4.48
CA THR B 185 -25.48 25.51 3.16
C THR B 185 -25.14 26.52 2.05
N ALA B 186 -25.35 27.81 2.26
CA ALA B 186 -25.29 28.85 1.19
C ALA B 186 -23.89 28.93 0.56
N LEU B 187 -23.86 29.28 -0.71
CA LEU B 187 -22.57 29.56 -1.37
C LEU B 187 -22.23 31.00 -0.96
N VAL B 188 -20.96 31.30 -0.73
CA VAL B 188 -20.64 32.68 -0.28
C VAL B 188 -21.07 33.69 -1.34
N GLY B 189 -21.59 34.83 -0.87
CA GLY B 189 -22.09 35.85 -1.80
C GLY B 189 -23.15 35.24 -2.68
N THR B 190 -24.21 34.73 -2.08
CA THR B 190 -25.41 34.30 -2.85
C THR B 190 -26.57 35.22 -2.50
N GLY B 191 -26.42 36.04 -1.47
CA GLY B 191 -27.54 36.83 -0.96
C GLY B 191 -27.87 36.42 0.45
N ILE B 192 -27.35 35.28 0.87
CA ILE B 192 -27.59 34.76 2.24
C ILE B 192 -26.44 35.22 3.14
N ILE B 193 -25.21 35.00 2.67
CA ILE B 193 -23.99 35.42 3.42
C ILE B 193 -23.05 36.03 2.40
N ASP B 194 -22.21 36.99 2.78
CA ASP B 194 -21.34 37.56 1.72
C ASP B 194 -19.90 37.09 1.91
N SER B 195 -19.57 36.64 3.11
CA SER B 195 -18.19 36.21 3.43
C SER B 195 -18.20 35.05 4.43
N GLU B 196 -17.07 34.35 4.57
CA GLU B 196 -16.94 33.25 5.54
C GLU B 196 -16.92 33.83 6.97
N GLU B 197 -16.40 35.06 7.13
CA GLU B 197 -16.36 35.73 8.46
C GLU B 197 -17.81 35.92 8.95
N GLN B 198 -18.72 36.31 8.05
CA GLN B 198 -20.17 36.50 8.37
C GLN B 198 -20.84 35.14 8.65
N ARG B 199 -20.50 34.10 7.88
CA ARG B 199 -21.03 32.73 8.11
C ARG B 199 -20.68 32.31 9.54
N MET B 200 -19.42 32.45 9.96
CA MET B 200 -18.97 32.01 11.31
C MET B 200 -19.53 32.94 12.41
N GLU B 201 -19.72 34.23 12.12
CA GLU B 201 -20.35 35.18 13.06
C GLU B 201 -21.79 34.72 13.37
N GLU B 202 -22.58 34.40 12.34
CA GLU B 202 -24.01 34.02 12.49
C GLU B 202 -24.09 32.64 13.16
N LEU B 203 -23.14 31.75 12.90
CA LEU B 203 -23.12 30.39 13.51
C LEU B 203 -22.70 30.50 14.99
N LYS B 204 -21.89 31.51 15.35
CA LYS B 204 -21.52 31.81 16.76
C LYS B 204 -22.81 32.08 17.56
N GLY B 205 -23.74 32.83 16.96
CA GLY B 205 -25.06 33.15 17.55
C GLY B 205 -25.91 31.91 17.74
N CYS B 206 -25.78 30.94 16.82
CA CYS B 206 -26.50 29.65 16.85
C CYS B 206 -25.98 28.82 18.03
N VAL B 207 -24.66 28.71 18.16
CA VAL B 207 -24.01 27.94 19.27
C VAL B 207 -24.39 28.58 20.61
N GLN B 208 -24.35 29.91 20.69
CA GLN B 208 -24.69 30.68 21.93
C GLN B 208 -26.14 30.40 22.31
N TYR B 209 -27.07 30.53 21.36
CA TYR B 209 -28.52 30.30 21.56
C TYR B 209 -28.77 28.88 22.06
N MET B 210 -28.22 27.87 21.37
CA MET B 210 -28.50 26.43 21.67
C MET B 210 -27.88 26.06 23.02
N THR B 211 -26.78 26.73 23.40
CA THR B 211 -26.08 26.47 24.69
C THR B 211 -27.00 26.91 25.84
N ARG B 212 -27.61 28.09 25.72
CA ARG B 212 -28.60 28.64 26.69
C ARG B 212 -29.71 27.60 26.84
N LEU B 213 -30.26 27.06 25.74
CA LEU B 213 -31.39 26.09 25.74
C LEU B 213 -30.97 24.81 26.46
N TRP B 214 -29.76 24.33 26.16
CA TRP B 214 -29.20 23.12 26.82
C TRP B 214 -29.15 23.34 28.34
N ASN B 215 -28.57 24.47 28.79
CA ASN B 215 -28.40 24.77 30.24
C ASN B 215 -29.77 24.83 30.93
N GLU B 216 -30.82 25.31 30.26
CA GLU B 216 -32.19 25.42 30.83
C GLU B 216 -32.85 24.04 30.95
N ARG B 217 -32.36 23.03 30.24
CA ARG B 217 -33.11 21.75 30.11
C ARG B 217 -32.36 20.57 30.74
N VAL B 218 -31.05 20.69 30.97
CA VAL B 218 -30.22 19.57 31.50
C VAL B 218 -30.49 19.35 33.00
N ASN B 219 -30.69 20.37 33.83
CA ASN B 219 -30.68 20.22 35.31
C ASN B 219 -32.10 20.03 35.86
N VAL B 220 -33.11 19.77 35.00
CA VAL B 220 -34.54 19.60 35.44
C VAL B 220 -35.08 18.30 34.82
N PRO B 221 -36.19 17.73 35.32
CA PRO B 221 -36.74 16.49 34.75
C PRO B 221 -36.95 16.56 33.23
N PRO B 222 -36.52 15.54 32.46
CA PRO B 222 -36.52 15.56 30.99
C PRO B 222 -37.88 15.93 30.40
N GLY B 223 -37.89 16.95 29.53
CA GLY B 223 -39.09 17.46 28.84
C GLY B 223 -39.31 16.69 27.55
N ASN B 224 -40.43 16.92 26.88
CA ASN B 224 -40.85 16.11 25.71
C ASN B 224 -40.32 16.80 24.45
N ASP B 225 -38.99 16.80 24.23
CA ASP B 225 -38.30 17.56 23.16
C ASP B 225 -36.90 16.98 22.98
N LEU B 226 -36.35 17.07 21.78
CA LEU B 226 -35.07 16.40 21.39
C LEU B 226 -33.90 16.99 22.19
N ILE B 227 -33.91 18.27 22.56
CA ILE B 227 -32.76 18.86 23.31
C ILE B 227 -32.73 18.23 24.72
N SER B 228 -33.89 18.07 25.33
CA SER B 228 -34.07 17.41 26.65
C SER B 228 -33.62 15.95 26.56
N MET B 229 -34.13 15.21 25.57
CA MET B 229 -33.82 13.77 25.38
C MET B 229 -32.31 13.58 25.25
N MET B 230 -31.64 14.46 24.51
CA MET B 230 -30.18 14.41 24.24
C MET B 230 -29.42 14.77 25.52
N ALA B 231 -29.85 15.81 26.24
CA ALA B 231 -29.18 16.31 27.46
C ALA B 231 -29.26 15.27 28.59
N HIS B 232 -30.30 14.43 28.56
CA HIS B 232 -30.55 13.40 29.60
C HIS B 232 -30.19 12.01 29.09
N THR B 233 -29.41 11.93 28.02
CA THR B 233 -28.95 10.63 27.51
C THR B 233 -27.50 10.50 27.96
N GLU B 234 -27.25 9.61 28.92
CA GLU B 234 -25.93 9.39 29.55
C GLU B 234 -24.84 9.11 28.52
N SER B 235 -25.15 8.35 27.47
CA SER B 235 -24.29 8.11 26.29
C SER B 235 -23.57 9.37 25.77
N MET B 236 -24.26 10.49 25.67
CA MET B 236 -23.67 11.70 25.04
C MET B 236 -22.67 12.46 25.92
N ARG B 237 -22.83 12.45 27.25
CA ARG B 237 -21.84 13.20 28.08
C ARG B 237 -20.51 12.44 28.11
N THR B 240 -17.68 15.93 23.96
CA THR B 240 -17.31 17.31 24.43
C THR B 240 -18.50 18.23 24.20
N PRO B 241 -18.62 19.37 24.92
CA PRO B 241 -19.65 20.35 24.61
C PRO B 241 -19.67 20.76 23.13
N GLU B 242 -18.50 20.86 22.48
CA GLU B 242 -18.41 21.24 21.05
C GLU B 242 -19.08 20.15 20.19
N GLU B 243 -18.77 18.88 20.45
CA GLU B 243 -19.35 17.71 19.72
C GLU B 243 -20.86 17.65 19.97
N PHE B 244 -21.30 17.82 21.21
CA PHE B 244 -22.73 17.82 21.61
C PHE B 244 -23.46 18.91 20.82
N LEU B 245 -22.88 20.12 20.80
CA LEU B 245 -23.52 21.29 20.13
C LEU B 245 -23.52 21.04 18.61
N GLY B 246 -22.45 20.48 18.08
CA GLY B 246 -22.35 20.16 16.64
C GLY B 246 -23.46 19.23 16.21
N ASN B 247 -23.73 18.16 16.96
CA ASN B 247 -24.82 17.19 16.68
C ASN B 247 -26.17 17.86 16.88
N LEU B 248 -26.32 18.73 17.88
CA LEU B 248 -27.57 19.53 18.07
C LEU B 248 -27.84 20.31 16.75
N ILE B 249 -26.87 21.08 16.28
CA ILE B 249 -27.06 21.98 15.10
C ILE B 249 -27.26 21.10 13.85
N LEU B 250 -26.63 19.95 13.79
CA LEU B 250 -26.80 19.01 12.65
C LEU B 250 -28.26 18.57 12.60
N LEU B 251 -28.85 18.21 13.74
CA LEU B 251 -30.25 17.73 13.80
C LEU B 251 -31.19 18.87 13.42
N ILE B 252 -30.90 20.10 13.86
CA ILE B 252 -31.74 21.30 13.58
C ILE B 252 -31.67 21.65 12.09
N VAL B 253 -30.47 21.72 11.52
CA VAL B 253 -30.29 22.06 10.08
C VAL B 253 -30.76 20.89 9.21
N GLY B 254 -30.48 19.67 9.63
CA GLY B 254 -30.57 18.47 8.78
C GLY B 254 -31.97 18.25 8.23
N GLY B 255 -32.98 18.41 9.06
CA GLY B 255 -34.38 18.14 8.71
C GLY B 255 -35.13 19.34 8.15
N ASN B 256 -34.47 20.47 7.93
CA ASN B 256 -35.16 21.73 7.60
C ASN B 256 -35.35 21.83 6.09
N ASP B 257 -34.27 22.17 5.40
CA ASP B 257 -34.27 22.45 3.94
C ASP B 257 -34.73 21.20 3.16
N THR B 258 -34.42 19.99 3.60
CA THR B 258 -34.76 18.76 2.85
C THR B 258 -36.28 18.54 2.86
N THR B 259 -36.89 18.56 4.03
CA THR B 259 -38.34 18.39 4.21
C THR B 259 -39.06 19.50 3.42
N ARG B 260 -38.58 20.72 3.59
CA ARG B 260 -39.12 21.91 2.91
C ARG B 260 -39.19 21.69 1.40
N ASN B 261 -38.08 21.29 0.80
CA ASN B 261 -37.99 21.14 -0.68
C ASN B 261 -38.80 19.93 -1.11
N SER B 262 -38.95 18.91 -0.26
CA SER B 262 -39.82 17.73 -0.52
C SER B 262 -41.29 18.17 -0.54
N MET B 263 -41.66 19.03 0.40
CA MET B 263 -43.05 19.54 0.55
C MET B 263 -43.42 20.31 -0.73
N THR B 264 -42.55 21.21 -1.18
CA THR B 264 -42.73 22.01 -2.43
C THR B 264 -42.69 21.09 -3.64
N GLY B 265 -41.69 20.22 -3.71
CA GLY B 265 -41.45 19.32 -4.87
C GLY B 265 -42.67 18.51 -5.23
N GLY B 266 -43.36 17.92 -4.26
CA GLY B 266 -44.51 17.03 -4.51
C GLY B 266 -45.65 17.73 -5.22
N VAL B 267 -45.96 18.96 -4.78
CA VAL B 267 -47.01 19.81 -5.42
C VAL B 267 -46.62 19.97 -6.89
N LEU B 268 -45.36 20.28 -7.16
CA LEU B 268 -44.86 20.54 -8.53
C LEU B 268 -45.02 19.24 -9.32
N ALA B 269 -44.60 18.10 -8.77
CA ALA B 269 -44.61 16.79 -9.47
C ALA B 269 -46.06 16.38 -9.81
N LEU B 270 -47.01 16.62 -8.91
CA LEU B 270 -48.43 16.25 -9.17
C LEU B 270 -49.02 17.16 -10.26
N ASN B 271 -48.56 18.42 -10.36
CA ASN B 271 -49.04 19.38 -11.39
C ASN B 271 -48.45 19.04 -12.76
N GLU B 272 -47.19 18.63 -12.84
CA GLU B 272 -46.55 18.22 -14.12
C GLU B 272 -47.11 16.87 -14.58
N ASN B 273 -47.75 16.09 -13.70
CA ASN B 273 -48.25 14.72 -13.99
C ASN B 273 -49.70 14.59 -13.53
N PRO B 274 -50.68 15.15 -14.27
CA PRO B 274 -52.06 15.22 -13.79
C PRO B 274 -52.69 13.83 -13.63
N ASP B 275 -52.21 12.84 -14.38
CA ASP B 275 -52.65 11.43 -14.27
C ASP B 275 -52.35 10.90 -12.87
N GLU B 276 -51.20 11.26 -12.28
CA GLU B 276 -50.80 10.81 -10.92
C GLU B 276 -51.65 11.52 -9.87
N TYR B 277 -51.92 12.81 -10.06
CA TYR B 277 -52.81 13.61 -9.18
C TYR B 277 -54.18 12.92 -9.17
N ARG B 278 -54.64 12.44 -10.34
CA ARG B 278 -55.95 11.73 -10.49
C ARG B 278 -55.91 10.45 -9.63
N LYS B 279 -54.89 9.60 -9.80
CA LYS B 279 -54.72 8.34 -9.04
C LYS B 279 -54.75 8.63 -7.53
N LEU B 280 -54.05 9.68 -7.10
CA LEU B 280 -53.90 10.04 -5.67
C LEU B 280 -55.27 10.36 -5.07
N CYS B 281 -56.05 11.17 -5.76
CA CYS B 281 -57.37 11.65 -5.28
C CYS B 281 -58.39 10.51 -5.29
N ALA B 282 -58.31 9.62 -6.29
CA ALA B 282 -59.12 8.38 -6.37
C ALA B 282 -58.79 7.46 -5.18
N ASN B 283 -57.53 7.42 -4.73
CA ASN B 283 -57.06 6.46 -3.69
C ASN B 283 -56.05 7.13 -2.75
N PRO B 284 -56.51 7.97 -1.77
CA PRO B 284 -55.58 8.63 -0.84
C PRO B 284 -54.63 7.73 -0.03
N ALA B 285 -54.84 6.41 -0.06
CA ALA B 285 -53.96 5.43 0.59
C ALA B 285 -52.61 5.39 -0.14
N LEU B 286 -52.55 5.90 -1.38
CA LEU B 286 -51.30 5.92 -2.20
C LEU B 286 -50.28 6.90 -1.62
N ILE B 287 -50.65 7.72 -0.63
CA ILE B 287 -49.69 8.60 0.10
C ILE B 287 -48.52 7.73 0.59
N ALA B 288 -48.79 6.51 1.00
CA ALA B 288 -47.81 5.53 1.51
C ALA B 288 -46.68 5.34 0.48
N SER B 289 -47.02 5.22 -0.80
CA SER B 289 -46.04 4.96 -1.91
C SER B 289 -45.66 6.28 -2.61
N MET B 290 -46.45 7.34 -2.43
CA MET B 290 -46.18 8.65 -3.09
C MET B 290 -45.04 9.37 -2.37
N VAL B 291 -45.03 9.39 -1.05
CA VAL B 291 -44.06 10.16 -0.23
C VAL B 291 -42.63 9.73 -0.59
N PRO B 292 -42.29 8.43 -0.59
CA PRO B 292 -40.96 7.99 -1.04
C PRO B 292 -40.64 8.40 -2.48
N GLU B 293 -41.63 8.40 -3.36
CA GLU B 293 -41.47 8.79 -4.77
C GLU B 293 -41.18 10.29 -4.85
N ILE B 294 -41.87 11.11 -4.06
CA ILE B 294 -41.63 12.58 -4.02
C ILE B 294 -40.17 12.80 -3.63
N VAL B 295 -39.68 12.02 -2.65
CA VAL B 295 -38.32 12.19 -2.10
C VAL B 295 -37.29 11.74 -3.14
N ARG B 296 -37.58 10.71 -3.93
CA ARG B 296 -36.70 10.27 -5.04
C ARG B 296 -36.70 11.36 -6.11
N TRP B 297 -37.89 11.75 -6.54
CA TRP B 297 -38.11 12.71 -7.64
C TRP B 297 -37.39 14.01 -7.32
N GLN B 298 -37.57 14.51 -6.10
CA GLN B 298 -36.98 15.80 -5.65
C GLN B 298 -35.47 15.65 -5.47
N THR B 299 -35.00 14.57 -4.84
CA THR B 299 -33.59 14.39 -4.40
C THR B 299 -33.12 15.68 -3.74
N PRO B 300 -33.71 16.08 -2.59
CA PRO B 300 -33.49 17.41 -2.02
C PRO B 300 -32.03 17.74 -1.71
N LEU B 301 -31.20 16.74 -1.40
CA LEU B 301 -29.73 16.84 -1.38
C LEU B 301 -29.20 16.12 -2.62
N ALA B 302 -28.75 16.90 -3.61
CA ALA B 302 -28.33 16.40 -4.93
C ALA B 302 -27.12 15.49 -4.78
N HIS B 303 -26.31 15.68 -3.73
CA HIS B 303 -25.09 14.86 -3.55
C HIS B 303 -24.65 14.78 -2.10
N MET B 304 -23.72 13.85 -1.86
CA MET B 304 -22.87 13.81 -0.66
C MET B 304 -21.44 13.48 -1.10
N ARG B 305 -20.46 14.00 -0.36
CA ARG B 305 -19.06 14.01 -0.78
C ARG B 305 -18.30 13.02 0.09
N ARG B 306 -17.25 12.43 -0.49
CA ARG B 306 -16.32 11.56 0.25
C ARG B 306 -14.88 11.97 -0.07
N THR B 307 -13.92 11.49 0.69
CA THR B 307 -12.51 11.75 0.35
C THR B 307 -11.79 10.41 0.32
N ALA B 308 -11.08 10.09 -0.76
CA ALA B 308 -10.38 8.79 -0.80
C ALA B 308 -9.27 8.74 0.24
N LEU B 309 -9.28 7.71 1.09
CA LEU B 309 -8.26 7.56 2.15
C LEU B 309 -7.02 6.87 1.59
N GLN B 310 -7.16 6.25 0.43
CA GLN B 310 -6.02 5.57 -0.24
C GLN B 310 -6.31 5.50 -1.74
N ASP B 311 -5.31 5.14 -2.56
CA ASP B 311 -5.49 4.86 -4.00
C ASP B 311 -6.46 3.68 -4.12
N THR B 312 -7.41 3.73 -5.05
CA THR B 312 -8.48 2.71 -5.19
C THR B 312 -9.03 2.76 -6.62
N GLU B 313 -9.79 1.73 -7.02
CA GLU B 313 -10.42 1.65 -8.36
C GLU B 313 -11.93 1.72 -8.17
N LEU B 314 -12.61 2.53 -8.99
CA LEU B 314 -14.09 2.65 -9.02
C LEU B 314 -14.50 2.74 -10.50
N GLY B 315 -15.33 1.81 -10.97
CA GLY B 315 -15.73 1.70 -12.38
C GLY B 315 -14.55 1.83 -13.33
N GLY B 316 -13.45 1.15 -13.01
CA GLY B 316 -12.24 1.05 -13.86
C GLY B 316 -11.40 2.31 -13.88
N LYS B 317 -11.62 3.24 -12.94
CA LYS B 317 -10.85 4.50 -12.86
C LYS B 317 -9.96 4.46 -11.62
N SER B 318 -8.79 5.08 -11.73
CA SER B 318 -7.77 5.17 -10.66
C SER B 318 -8.04 6.46 -9.87
N ILE B 319 -8.58 6.31 -8.66
CA ILE B 319 -8.81 7.48 -7.77
C ILE B 319 -7.63 7.55 -6.81
N ARG B 320 -6.95 8.69 -6.75
CA ARG B 320 -5.75 8.85 -5.89
C ARG B 320 -6.16 9.17 -4.45
N LYS B 321 -5.30 8.87 -3.49
CA LYS B 321 -5.68 9.17 -2.09
C LYS B 321 -5.79 10.69 -1.94
N GLY B 322 -6.85 11.17 -1.30
CA GLY B 322 -7.05 12.61 -1.12
C GLY B 322 -7.96 13.17 -2.18
N ASP B 323 -8.36 12.35 -3.14
CA ASP B 323 -9.26 12.83 -4.21
C ASP B 323 -10.65 13.03 -3.60
N LYS B 324 -11.34 14.09 -4.01
CA LYS B 324 -12.73 14.39 -3.62
C LYS B 324 -13.66 13.58 -4.53
N VAL B 325 -14.53 12.75 -3.94
CA VAL B 325 -15.44 11.81 -4.66
C VAL B 325 -16.88 12.26 -4.39
N ILE B 326 -17.63 12.59 -5.43
CA ILE B 326 -19.01 13.15 -5.29
C ILE B 326 -20.02 12.10 -5.75
N MET B 327 -20.85 11.65 -4.81
CA MET B 327 -21.98 10.72 -5.07
C MET B 327 -23.19 11.57 -5.49
N TRP B 328 -23.47 11.64 -6.79
CA TRP B 328 -24.56 12.48 -7.34
C TRP B 328 -25.89 11.70 -7.28
N TYR B 329 -26.52 11.71 -6.12
CA TYR B 329 -27.84 11.09 -5.87
C TYR B 329 -28.83 11.52 -6.95
N VAL B 330 -28.75 12.78 -7.38
CA VAL B 330 -29.69 13.37 -8.39
C VAL B 330 -29.57 12.56 -9.69
N SER B 331 -28.37 12.06 -10.01
CA SER B 331 -28.10 11.21 -11.20
C SER B 331 -28.50 9.75 -10.91
N GLY B 332 -28.09 9.21 -9.76
CA GLY B 332 -28.40 7.83 -9.35
C GLY B 332 -29.90 7.58 -9.31
N ASN B 333 -30.70 8.58 -8.92
CA ASN B 333 -32.17 8.42 -8.78
C ASN B 333 -32.82 8.45 -10.17
N ARG B 334 -32.05 8.75 -11.21
CA ARG B 334 -32.51 8.77 -12.63
C ARG B 334 -31.79 7.66 -13.43
N ASP B 335 -31.14 6.71 -12.76
CA ASP B 335 -30.39 5.61 -13.43
C ASP B 335 -31.36 4.50 -13.86
N PRO B 336 -31.56 4.27 -15.17
CA PRO B 336 -32.50 3.24 -15.64
C PRO B 336 -32.02 1.80 -15.38
N GLU B 337 -30.74 1.62 -15.11
CA GLU B 337 -30.17 0.32 -14.65
C GLU B 337 -30.72 -0.05 -13.28
N ALA B 338 -31.14 0.91 -12.46
CA ALA B 338 -31.61 0.68 -11.07
C ALA B 338 -33.13 0.84 -10.96
N ILE B 339 -33.71 1.79 -11.69
CA ILE B 339 -35.14 2.17 -11.53
C ILE B 339 -35.80 2.16 -12.92
N GLU B 340 -36.87 1.38 -13.08
CA GLU B 340 -37.70 1.31 -14.33
C GLU B 340 -38.30 2.70 -14.58
N ASN B 341 -38.16 3.23 -15.79
CA ASN B 341 -38.80 4.50 -16.22
C ASN B 341 -38.48 5.59 -15.20
N PRO B 342 -37.18 5.86 -14.95
CA PRO B 342 -36.79 6.69 -13.81
C PRO B 342 -37.11 8.19 -13.95
N ASP B 343 -37.44 8.67 -15.15
CA ASP B 343 -37.71 10.12 -15.36
C ASP B 343 -39.23 10.38 -15.23
N ALA B 344 -40.03 9.34 -15.00
CA ALA B 344 -41.47 9.45 -14.72
C ALA B 344 -41.74 9.51 -13.22
N PHE B 345 -42.67 10.37 -12.81
CA PHE B 345 -43.23 10.44 -11.44
C PHE B 345 -44.37 9.42 -11.38
N ILE B 346 -44.16 8.29 -10.69
CA ILE B 346 -45.19 7.23 -10.51
C ILE B 346 -45.38 7.04 -9.00
N ILE B 347 -46.61 7.26 -8.50
CA ILE B 347 -46.86 7.32 -7.03
C ILE B 347 -47.19 5.92 -6.50
N ASP B 348 -47.25 4.91 -7.37
CA ASP B 348 -47.63 3.51 -6.97
C ASP B 348 -46.59 2.52 -7.49
N ARG B 349 -45.31 2.86 -7.42
CA ARG B 349 -44.20 1.91 -7.70
C ARG B 349 -44.28 0.75 -6.71
N ALA B 350 -43.89 -0.45 -7.14
CA ALA B 350 -43.90 -1.68 -6.29
C ALA B 350 -42.87 -1.53 -5.15
N LYS B 351 -41.68 -1.02 -5.47
CA LYS B 351 -40.56 -0.80 -4.52
C LYS B 351 -40.22 0.69 -4.51
N PRO B 352 -41.07 1.56 -3.90
CA PRO B 352 -40.89 3.01 -3.98
C PRO B 352 -39.77 3.56 -3.09
N ARG B 353 -39.25 2.73 -2.17
CA ARG B 353 -38.14 3.12 -1.26
C ARG B 353 -36.79 2.77 -1.91
N HIS B 354 -36.79 2.29 -3.16
CA HIS B 354 -35.53 1.95 -3.88
C HIS B 354 -34.98 3.22 -4.54
N HIS B 355 -34.28 4.03 -3.76
CA HIS B 355 -33.66 5.31 -4.19
C HIS B 355 -32.53 5.66 -3.24
N LEU B 356 -31.77 6.71 -3.54
CA LEU B 356 -30.52 7.09 -2.84
C LEU B 356 -30.70 8.40 -2.11
N SER B 357 -31.91 8.95 -2.07
CA SER B 357 -32.16 10.31 -1.53
C SER B 357 -31.72 10.40 -0.06
N PHE B 358 -31.82 9.30 0.70
CA PHE B 358 -31.40 9.23 2.13
C PHE B 358 -30.01 8.62 2.22
N GLY B 359 -29.33 8.45 1.08
CA GLY B 359 -28.08 7.69 1.00
C GLY B 359 -28.28 6.23 1.38
N PHE B 360 -27.22 5.58 1.84
CA PHE B 360 -27.17 4.13 2.12
C PHE B 360 -25.97 3.84 3.03
N GLY B 361 -26.09 2.77 3.84
CA GLY B 361 -24.95 2.26 4.62
C GLY B 361 -24.89 2.89 5.98
N ILE B 362 -23.69 3.08 6.54
CA ILE B 362 -23.57 3.48 7.98
C ILE B 362 -24.03 4.94 8.16
N HIS B 363 -24.03 5.77 7.10
CA HIS B 363 -24.49 7.18 7.22
C HIS B 363 -25.93 7.36 6.73
N ARG B 364 -26.64 6.29 6.35
CA ARG B 364 -28.04 6.38 5.88
C ARG B 364 -28.80 7.29 6.83
N CYS B 365 -29.56 8.26 6.29
CA CYS B 365 -30.22 9.32 7.08
C CYS B 365 -30.90 8.73 8.31
N VAL B 366 -30.54 9.22 9.49
CA VAL B 366 -31.17 8.78 10.78
C VAL B 366 -32.57 9.37 10.91
N GLY B 367 -32.84 10.48 10.19
CA GLY B 367 -34.15 11.17 10.26
C GLY B 367 -35.13 10.73 9.19
N ASN B 368 -34.88 9.66 8.43
CA ASN B 368 -35.64 9.38 7.18
C ASN B 368 -37.09 9.03 7.53
N ARG B 369 -37.33 8.30 8.63
CA ARG B 369 -38.70 7.84 9.02
C ARG B 369 -39.46 9.06 9.55
N LEU B 370 -38.77 9.98 10.21
CA LEU B 370 -39.39 11.23 10.73
C LEU B 370 -39.72 12.19 9.57
N ALA B 371 -38.89 12.25 8.54
CA ALA B 371 -39.11 13.07 7.32
C ALA B 371 -40.32 12.54 6.58
N GLU B 372 -40.41 11.24 6.37
CA GLU B 372 -41.56 10.60 5.66
C GLU B 372 -42.83 10.82 6.48
N LEU B 373 -42.74 10.77 7.81
CA LEU B 373 -43.90 11.02 8.72
C LEU B 373 -44.42 12.45 8.52
N GLN B 374 -43.54 13.47 8.53
CA GLN B 374 -43.90 14.88 8.29
C GLN B 374 -44.62 15.03 6.94
N LEU B 375 -44.12 14.39 5.88
CA LEU B 375 -44.66 14.51 4.50
C LEU B 375 -46.00 13.79 4.37
N ARG B 376 -46.13 12.59 4.94
CA ARG B 376 -47.42 11.86 4.99
C ARG B 376 -48.47 12.76 5.65
N ILE B 377 -48.17 13.36 6.81
CA ILE B 377 -49.19 14.14 7.57
C ILE B 377 -49.62 15.35 6.73
N VAL B 378 -48.70 16.05 6.09
CA VAL B 378 -49.04 17.22 5.22
C VAL B 378 -50.02 16.76 4.14
N TRP B 379 -49.73 15.68 3.42
CA TRP B 379 -50.57 15.19 2.29
C TRP B 379 -51.92 14.68 2.79
N GLU B 380 -51.99 14.02 3.93
CA GLU B 380 -53.25 13.62 4.60
C GLU B 380 -54.10 14.87 4.83
N GLU B 381 -53.53 15.87 5.52
CA GLU B 381 -54.25 17.11 5.90
C GLU B 381 -54.60 17.94 4.64
N LEU B 382 -53.76 17.90 3.60
CA LEU B 382 -54.05 18.59 2.32
C LEU B 382 -55.29 17.94 1.66
N LEU B 383 -55.36 16.62 1.63
CA LEU B 383 -56.43 15.89 0.91
C LEU B 383 -57.75 15.95 1.69
N LYS B 384 -57.72 16.09 3.03
CA LYS B 384 -58.94 16.24 3.87
C LYS B 384 -59.65 17.54 3.48
N ARG B 385 -58.91 18.57 3.08
CA ARG B 385 -59.42 19.95 2.81
C ARG B 385 -59.71 20.11 1.30
N TRP B 386 -58.82 19.60 0.44
CA TRP B 386 -58.86 19.75 -1.03
C TRP B 386 -58.65 18.38 -1.69
N PRO B 387 -59.72 17.55 -1.79
CA PRO B 387 -59.58 16.17 -2.21
C PRO B 387 -59.69 15.90 -3.71
N ASN B 388 -60.00 16.91 -4.53
CA ASN B 388 -60.27 16.70 -5.98
C ASN B 388 -59.00 17.01 -6.77
N PRO B 389 -58.77 16.30 -7.89
CA PRO B 389 -57.57 16.54 -8.71
C PRO B 389 -57.62 17.95 -9.30
N GLY B 390 -56.46 18.61 -9.38
CA GLY B 390 -56.28 19.97 -9.92
C GLY B 390 -56.50 21.08 -8.89
N GLN B 391 -56.98 20.79 -7.67
CA GLN B 391 -57.37 21.83 -6.70
C GLN B 391 -56.14 22.62 -6.24
N ILE B 392 -55.02 21.95 -5.95
CA ILE B 392 -53.73 22.62 -5.65
C ILE B 392 -52.99 22.79 -6.97
N GLU B 393 -53.00 23.99 -7.55
CA GLU B 393 -52.53 24.23 -8.94
C GLU B 393 -51.34 25.19 -8.91
N VAL B 394 -50.29 24.85 -9.65
CA VAL B 394 -49.09 25.69 -9.90
C VAL B 394 -49.44 26.61 -11.07
N VAL B 395 -49.25 27.92 -10.89
CA VAL B 395 -49.73 28.97 -11.85
C VAL B 395 -48.56 29.84 -12.31
N GLY B 396 -47.32 29.34 -12.22
CA GLY B 396 -46.10 30.14 -12.43
C GLY B 396 -44.84 29.31 -12.22
N ALA B 397 -43.76 29.67 -12.88
CA ALA B 397 -42.52 28.85 -12.89
C ALA B 397 -41.91 28.95 -11.50
N PRO B 398 -41.27 27.87 -11.01
CA PRO B 398 -40.59 27.93 -9.72
C PRO B 398 -39.26 28.66 -9.89
N GLU B 399 -38.80 29.34 -8.82
CA GLU B 399 -37.42 29.88 -8.71
C GLU B 399 -36.61 28.82 -7.94
N ARG B 400 -35.60 28.27 -8.58
CA ARG B 400 -34.76 27.17 -8.05
C ARG B 400 -33.53 27.76 -7.34
N VAL B 401 -33.01 27.02 -6.37
CA VAL B 401 -31.88 27.45 -5.51
C VAL B 401 -30.56 27.33 -6.30
N LEU B 402 -29.70 28.33 -6.14
CA LEU B 402 -28.36 28.31 -6.73
C LEU B 402 -27.43 27.53 -5.80
N SER B 403 -27.32 26.23 -6.03
CA SER B 403 -26.50 25.31 -5.20
C SER B 403 -26.36 23.98 -5.92
N PRO B 404 -25.20 23.32 -5.84
CA PRO B 404 -25.05 21.95 -6.32
C PRO B 404 -25.39 20.92 -5.22
N PHE B 405 -25.77 21.40 -4.03
CA PHE B 405 -26.00 20.57 -2.82
C PHE B 405 -27.50 20.57 -2.51
N VAL B 406 -28.06 21.73 -2.18
CA VAL B 406 -29.51 21.87 -1.89
C VAL B 406 -30.21 22.00 -3.25
N LYS B 407 -30.99 20.99 -3.64
CA LYS B 407 -31.85 21.00 -4.85
C LYS B 407 -33.26 21.34 -4.39
N GLY B 408 -33.64 22.59 -4.56
CA GLY B 408 -34.80 23.15 -3.88
C GLY B 408 -35.38 24.36 -4.58
N TYR B 409 -36.26 25.06 -3.87
CA TYR B 409 -37.11 26.11 -4.44
C TYR B 409 -37.09 27.30 -3.48
N GLU B 410 -36.83 28.49 -4.03
CA GLU B 410 -36.96 29.78 -3.32
C GLU B 410 -38.41 30.24 -3.39
N SER B 411 -39.11 29.92 -4.47
CA SER B 411 -40.55 30.26 -4.67
C SER B 411 -41.26 29.27 -5.59
N LEU B 412 -42.56 29.11 -5.41
CA LEU B 412 -43.46 28.34 -6.31
C LEU B 412 -44.86 28.95 -6.22
N PRO B 413 -45.31 29.69 -7.24
CA PRO B 413 -46.65 30.26 -7.26
C PRO B 413 -47.72 29.16 -7.38
N VAL B 414 -48.63 29.15 -6.42
CA VAL B 414 -49.73 28.17 -6.33
C VAL B 414 -51.04 28.92 -6.08
N ARG B 415 -52.14 28.42 -6.62
CA ARG B 415 -53.52 28.86 -6.30
C ARG B 415 -54.31 27.60 -5.92
N ILE B 416 -54.99 27.62 -4.78
CA ILE B 416 -55.95 26.56 -4.37
C ILE B 416 -57.33 26.95 -4.91
N ASN B 417 -57.87 26.17 -5.85
CA ASN B 417 -59.25 26.30 -6.42
C ASN B 417 -60.25 25.57 -5.52
N ALA B 418 -61.03 26.30 -4.72
CA ALA B 418 -62.09 25.73 -3.85
C ALA B 418 -63.32 26.66 -3.90
N ALA C 18 -15.06 0.17 20.63
CA ALA C 18 -15.05 1.66 20.49
C ALA C 18 -15.97 2.31 21.53
N ILE C 19 -17.22 1.84 21.64
CA ILE C 19 -18.29 2.45 22.47
C ILE C 19 -18.01 2.08 23.92
N PRO C 20 -18.24 2.98 24.90
CA PRO C 20 -18.24 2.57 26.30
C PRO C 20 -19.24 1.42 26.56
N LEU C 21 -18.87 0.44 27.40
CA LEU C 21 -19.66 -0.81 27.64
C LEU C 21 -21.07 -0.45 28.14
N GLU C 22 -21.18 0.53 29.03
CA GLU C 22 -22.45 0.96 29.67
C GLU C 22 -23.44 1.51 28.63
N ASP C 23 -22.96 1.88 27.44
CA ASP C 23 -23.80 2.58 26.42
C ASP C 23 -24.08 1.76 25.17
N ILE C 24 -23.77 0.47 25.17
CA ILE C 24 -24.05 -0.42 24.00
C ILE C 24 -25.56 -0.67 23.92
N ASP C 25 -26.15 -0.46 22.73
CA ASP C 25 -27.60 -0.74 22.44
C ASP C 25 -27.72 -1.72 21.27
N VAL C 26 -27.77 -3.01 21.57
CA VAL C 26 -27.80 -4.11 20.56
C VAL C 26 -29.17 -4.18 19.87
N SER C 27 -30.20 -3.62 20.48
CA SER C 27 -31.60 -3.54 19.98
C SER C 27 -31.70 -2.76 18.68
N ASN C 28 -30.74 -1.85 18.46
CA ASN C 28 -30.79 -0.85 17.36
C ASN C 28 -31.11 -1.57 16.04
N PRO C 29 -32.33 -1.40 15.47
CA PRO C 29 -32.73 -2.13 14.28
C PRO C 29 -31.75 -1.97 13.11
N GLU C 30 -31.08 -0.82 13.00
CA GLU C 30 -30.14 -0.53 11.88
C GLU C 30 -28.98 -1.53 11.94
N LEU C 31 -28.58 -1.99 13.14
CA LEU C 31 -27.46 -2.98 13.29
C LEU C 31 -27.85 -4.31 12.64
N PHE C 32 -29.13 -4.67 12.64
CA PHE C 32 -29.64 -5.93 12.04
C PHE C 32 -29.72 -5.76 10.52
N ARG C 33 -30.24 -4.63 10.03
CA ARG C 33 -30.33 -4.34 8.58
C ARG C 33 -28.93 -4.32 7.97
N ASP C 34 -27.94 -3.75 8.67
CA ASP C 34 -26.58 -3.53 8.13
C ASP C 34 -25.74 -4.79 8.43
N ASN C 35 -26.25 -5.71 9.25
CA ASN C 35 -25.58 -6.99 9.57
C ASN C 35 -24.29 -6.73 10.36
N THR C 36 -24.32 -5.77 11.28
CA THR C 36 -23.16 -5.34 12.10
C THR C 36 -23.39 -5.68 13.58
N MET C 37 -24.56 -6.18 13.97
CA MET C 37 -24.90 -6.40 15.40
C MET C 37 -23.97 -7.46 16.04
N TRP C 38 -23.41 -8.37 15.24
CA TRP C 38 -22.58 -9.52 15.70
C TRP C 38 -21.49 -9.08 16.68
N GLY C 39 -20.72 -8.05 16.29
CA GLY C 39 -19.60 -7.50 17.06
C GLY C 39 -20.02 -7.05 18.45
N TYR C 40 -21.18 -6.39 18.55
CA TYR C 40 -21.66 -5.82 19.83
C TYR C 40 -22.01 -6.99 20.76
N PHE C 41 -22.61 -8.04 20.21
CA PHE C 41 -23.01 -9.24 20.99
C PHE C 41 -21.77 -9.96 21.50
N GLU C 42 -20.77 -10.13 20.64
CA GLU C 42 -19.49 -10.78 21.02
C GLU C 42 -18.87 -9.99 22.17
N ARG C 43 -18.84 -8.67 22.04
CA ARG C 43 -18.28 -7.83 23.11
C ARG C 43 -19.07 -8.04 24.40
N LEU C 44 -20.39 -8.12 24.33
CA LEU C 44 -21.22 -8.34 25.54
C LEU C 44 -20.91 -9.73 26.10
N ARG C 45 -20.84 -10.75 25.26
CA ARG C 45 -20.57 -12.13 25.72
C ARG C 45 -19.26 -12.23 26.52
N ARG C 46 -18.22 -11.49 26.13
CA ARG C 46 -16.90 -11.49 26.81
C ARG C 46 -16.83 -10.55 28.01
N GLU C 47 -17.53 -9.41 28.05
CA GLU C 47 -17.31 -8.57 29.25
C GLU C 47 -18.54 -8.29 30.13
N ASP C 48 -19.76 -8.37 29.61
CA ASP C 48 -20.96 -8.13 30.45
C ASP C 48 -22.10 -8.98 29.90
N PRO C 49 -22.04 -10.32 30.03
CA PRO C 49 -23.01 -11.23 29.44
C PRO C 49 -24.47 -10.89 29.78
N VAL C 50 -24.70 -10.45 30.99
CA VAL C 50 -26.06 -10.03 31.43
C VAL C 50 -26.02 -8.51 31.62
N HIS C 51 -26.27 -7.78 30.53
CA HIS C 51 -26.00 -6.33 30.37
C HIS C 51 -27.29 -5.54 30.47
N TYR C 52 -27.33 -4.50 31.26
CA TYR C 52 -28.49 -3.57 31.36
C TYR C 52 -28.26 -2.42 30.39
N CYS C 53 -29.30 -2.07 29.64
CA CYS C 53 -29.33 -0.98 28.65
C CYS C 53 -30.38 0.03 29.10
N LYS C 54 -29.97 1.27 29.39
CA LYS C 54 -30.81 2.35 30.00
C LYS C 54 -31.60 3.04 28.89
N ASP C 55 -30.98 3.19 27.72
CA ASP C 55 -31.58 3.93 26.59
C ASP C 55 -31.58 3.13 25.29
N SER C 56 -32.72 3.09 24.63
CA SER C 56 -32.95 2.37 23.35
C SER C 56 -34.27 2.85 22.74
N LEU C 57 -34.55 2.41 21.52
CA LEU C 57 -35.86 2.63 20.86
C LEU C 57 -36.98 2.02 21.72
N PHE C 58 -36.65 1.12 22.64
CA PHE C 58 -37.61 0.23 23.34
C PHE C 58 -37.51 0.39 24.86
N GLY C 59 -36.89 1.47 25.34
CA GLY C 59 -36.74 1.72 26.79
C GLY C 59 -35.63 0.85 27.38
N PRO C 60 -35.55 0.76 28.72
CA PRO C 60 -34.52 -0.06 29.36
C PRO C 60 -34.86 -1.54 29.20
N TYR C 61 -33.83 -2.39 29.11
CA TYR C 61 -33.97 -3.87 29.08
C TYR C 61 -32.63 -4.52 29.45
N TRP C 62 -32.69 -5.75 29.97
CA TRP C 62 -31.51 -6.65 30.16
C TRP C 62 -31.26 -7.44 28.87
N SER C 63 -30.00 -7.56 28.46
CA SER C 63 -29.56 -8.43 27.36
C SER C 63 -28.95 -9.68 27.99
N VAL C 64 -29.53 -10.85 27.73
CA VAL C 64 -28.92 -12.14 28.12
C VAL C 64 -28.34 -12.75 26.84
N THR C 65 -27.01 -12.76 26.79
CA THR C 65 -26.24 -13.07 25.57
C THR C 65 -25.56 -14.42 25.60
N LYS C 66 -25.51 -15.07 26.75
CA LYS C 66 -24.83 -16.39 26.82
C LYS C 66 -25.86 -17.53 26.77
N PHE C 67 -25.54 -18.56 26.01
CA PHE C 67 -26.36 -19.78 25.83
C PHE C 67 -26.83 -20.30 27.19
N LYS C 68 -25.91 -20.53 28.13
CA LYS C 68 -26.21 -21.06 29.49
C LYS C 68 -27.27 -20.17 30.16
N ASP C 69 -27.11 -18.84 30.07
CA ASP C 69 -27.96 -17.85 30.78
C ASP C 69 -29.36 -17.81 30.14
N ILE C 70 -29.43 -17.94 28.81
CA ILE C 70 -30.71 -18.01 28.06
C ILE C 70 -31.45 -19.27 28.50
N MET C 71 -30.76 -20.41 28.55
CA MET C 71 -31.33 -21.70 29.02
C MET C 71 -31.94 -21.50 30.41
N GLN C 72 -31.20 -20.81 31.28
CA GLN C 72 -31.60 -20.51 32.67
C GLN C 72 -32.93 -19.75 32.64
N VAL C 73 -33.02 -18.66 31.87
CA VAL C 73 -34.25 -17.85 31.83
C VAL C 73 -35.40 -18.68 31.20
N GLU C 74 -35.15 -19.42 30.13
CA GLU C 74 -36.17 -20.27 29.45
C GLU C 74 -36.77 -21.23 30.47
N THR C 75 -35.95 -21.82 31.35
CA THR C 75 -36.39 -22.95 32.22
C THR C 75 -36.96 -22.44 33.55
N HIS C 76 -36.99 -21.13 33.79
CA HIS C 76 -37.61 -20.55 35.02
C HIS C 76 -38.75 -19.59 34.68
N PRO C 77 -39.84 -20.09 34.07
CA PRO C 77 -40.98 -19.24 33.72
C PRO C 77 -41.77 -18.69 34.92
N GLU C 78 -41.62 -19.29 36.10
CA GLU C 78 -42.26 -18.80 37.36
C GLU C 78 -41.58 -17.49 37.80
N ILE C 79 -40.35 -17.25 37.37
CA ILE C 79 -39.58 -15.99 37.65
C ILE C 79 -39.66 -15.06 36.42
N PHE C 80 -39.39 -15.62 35.24
CA PHE C 80 -39.34 -14.90 33.94
C PHE C 80 -40.62 -15.20 33.14
N SER C 81 -41.64 -14.38 33.36
CA SER C 81 -43.00 -14.53 32.78
C SER C 81 -43.05 -14.15 31.31
N SER C 82 -43.91 -14.85 30.58
CA SER C 82 -44.14 -14.59 29.15
C SER C 82 -45.38 -13.72 28.99
N GLU C 83 -46.12 -13.52 30.07
CA GLU C 83 -47.39 -12.77 29.97
C GLU C 83 -47.26 -11.36 29.42
N GLY C 84 -48.18 -11.01 28.53
CA GLY C 84 -48.36 -9.69 27.92
C GLY C 84 -47.52 -9.42 26.70
N ASN C 85 -46.25 -9.78 26.68
CA ASN C 85 -45.41 -9.45 25.51
C ASN C 85 -44.22 -10.40 25.45
N ILE C 86 -43.89 -10.82 24.23
CA ILE C 86 -42.83 -11.81 23.94
C ILE C 86 -41.75 -11.16 23.11
N THR C 87 -41.86 -9.85 22.88
CA THR C 87 -40.87 -9.09 22.04
C THR C 87 -40.35 -7.91 22.85
N ILE C 88 -39.29 -7.29 22.34
CA ILE C 88 -38.66 -6.06 22.91
C ILE C 88 -39.57 -4.87 22.63
N MET C 89 -40.48 -4.99 21.64
CA MET C 89 -41.28 -3.85 21.10
C MET C 89 -42.29 -3.39 22.15
N GLU C 90 -42.49 -2.07 22.24
CA GLU C 90 -43.33 -1.38 23.25
C GLU C 90 -44.37 -0.50 22.55
N SER C 91 -44.15 -0.06 21.30
CA SER C 91 -45.12 0.78 20.56
C SER C 91 -46.00 -0.04 19.59
N ASN C 92 -45.69 -1.32 19.37
CA ASN C 92 -46.42 -2.23 18.44
C ASN C 92 -47.62 -2.82 19.20
N ALA C 93 -48.84 -2.42 18.85
CA ALA C 93 -50.10 -2.84 19.52
C ALA C 93 -50.53 -4.26 19.13
N ALA C 94 -49.94 -4.83 18.07
CA ALA C 94 -50.22 -6.23 17.68
C ALA C 94 -49.56 -7.20 18.67
N VAL C 95 -48.31 -6.95 19.08
CA VAL C 95 -47.53 -7.89 19.92
C VAL C 95 -47.99 -7.87 21.39
N THR C 96 -48.91 -6.98 21.75
CA THR C 96 -49.50 -6.86 23.12
C THR C 96 -50.93 -7.39 23.12
N LEU C 97 -51.43 -7.92 22.00
CA LEU C 97 -52.71 -8.69 21.97
C LEU C 97 -52.52 -9.98 22.77
N PRO C 98 -53.53 -10.50 23.49
CA PRO C 98 -53.41 -11.77 24.20
C PRO C 98 -53.23 -12.92 23.20
N MET C 99 -52.26 -13.79 23.47
CA MET C 99 -51.80 -14.87 22.58
C MET C 99 -51.09 -15.89 23.46
N PHE C 100 -51.21 -17.20 23.17
CA PHE C 100 -50.78 -18.23 24.15
C PHE C 100 -49.26 -18.24 24.28
N ILE C 101 -48.54 -17.71 23.29
CA ILE C 101 -47.05 -17.58 23.42
C ILE C 101 -46.75 -16.59 24.55
N ALA C 102 -47.63 -15.63 24.77
CA ALA C 102 -47.48 -14.55 25.76
C ALA C 102 -48.40 -14.83 26.94
N MET C 103 -48.35 -16.04 27.44
CA MET C 103 -49.20 -16.45 28.55
C MET C 103 -48.38 -17.35 29.45
N ASP C 104 -48.85 -17.48 30.67
CA ASP C 104 -48.13 -18.31 31.64
C ASP C 104 -48.96 -19.52 31.96
N PRO C 105 -48.39 -20.54 32.60
CA PRO C 105 -49.17 -21.61 33.10
C PRO C 105 -50.23 -21.05 34.05
N PRO C 106 -51.56 -21.68 33.89
CA PRO C 106 -52.05 -22.85 33.20
C PRO C 106 -52.76 -22.66 31.86
N LYS C 107 -53.24 -21.46 31.54
CA LYS C 107 -53.96 -21.24 30.26
C LYS C 107 -53.03 -21.49 29.07
N HIS C 108 -51.73 -21.24 29.23
CA HIS C 108 -50.79 -21.46 28.11
C HIS C 108 -50.76 -22.93 27.72
N ASP C 109 -50.67 -23.82 28.70
CA ASP C 109 -50.55 -25.27 28.40
C ASP C 109 -51.80 -25.77 27.71
N VAL C 110 -52.96 -25.25 28.09
CA VAL C 110 -54.21 -25.79 27.49
C VAL C 110 -54.25 -25.36 26.02
N GLN C 111 -53.92 -24.10 25.73
CA GLN C 111 -54.01 -23.54 24.35
C GLN C 111 -52.92 -24.14 23.45
N ARG C 112 -51.71 -24.39 23.99
CA ARG C 112 -50.63 -25.03 23.20
C ARG C 112 -51.07 -26.43 22.77
N MET C 113 -51.63 -27.17 23.73
CA MET C 113 -52.06 -28.57 23.49
C MET C 113 -53.10 -28.60 22.37
N ALA C 114 -53.98 -27.59 22.31
CA ALA C 114 -55.09 -27.51 21.34
C ALA C 114 -54.56 -27.31 19.93
N VAL C 115 -53.47 -26.55 19.74
CA VAL C 115 -52.88 -26.24 18.39
C VAL C 115 -51.91 -27.34 17.96
N SER C 116 -51.21 -27.94 18.93
CA SER C 116 -50.14 -28.94 18.72
C SER C 116 -50.50 -29.98 17.66
N PRO C 117 -51.69 -30.63 17.69
CA PRO C 117 -52.09 -31.59 16.66
C PRO C 117 -52.07 -31.13 15.20
N ILE C 118 -52.42 -29.85 14.94
CA ILE C 118 -52.59 -29.41 13.52
C ILE C 118 -51.19 -29.24 12.92
N VAL C 119 -50.21 -28.84 13.72
CA VAL C 119 -48.87 -28.36 13.22
C VAL C 119 -47.75 -29.33 13.61
N ALA C 120 -48.14 -30.44 14.26
CA ALA C 120 -47.28 -31.53 14.74
C ALA C 120 -48.15 -32.78 14.78
N PRO C 121 -48.74 -33.20 13.63
CA PRO C 121 -49.55 -34.42 13.54
C PRO C 121 -48.78 -35.68 13.98
N GLU C 122 -49.49 -36.76 14.37
CA GLU C 122 -48.90 -38.03 14.82
C GLU C 122 -47.97 -38.58 13.73
N ASN C 123 -48.36 -38.42 12.46
CA ASN C 123 -47.60 -38.87 11.26
C ASN C 123 -47.53 -37.65 10.35
N LEU C 124 -46.38 -37.35 9.71
CA LEU C 124 -46.24 -36.19 8.78
C LEU C 124 -46.25 -36.61 7.30
N ALA C 125 -46.54 -37.88 7.00
CA ALA C 125 -46.48 -38.48 5.66
C ALA C 125 -47.44 -37.76 4.71
N LYS C 126 -48.70 -37.54 5.08
CA LYS C 126 -49.73 -36.88 4.22
C LYS C 126 -49.25 -35.47 3.85
N LEU C 127 -48.57 -34.77 4.75
CA LEU C 127 -48.08 -33.37 4.49
C LEU C 127 -46.81 -33.40 3.64
N GLU C 128 -45.96 -34.39 3.85
CA GLU C 128 -44.62 -34.51 3.18
C GLU C 128 -44.84 -34.58 1.67
N GLY C 129 -45.86 -35.32 1.21
CA GLY C 129 -46.19 -35.50 -0.21
C GLY C 129 -46.68 -34.19 -0.82
N LEU C 130 -47.59 -33.50 -0.11
CA LEU C 130 -48.16 -32.20 -0.55
C LEU C 130 -47.04 -31.16 -0.66
N ILE C 131 -46.12 -31.13 0.31
CA ILE C 131 -45.00 -30.14 0.31
C ILE C 131 -44.12 -30.46 -0.88
N ARG C 132 -43.86 -31.73 -1.16
CA ARG C 132 -42.96 -32.16 -2.26
C ARG C 132 -43.53 -31.77 -3.62
N GLU C 133 -44.83 -31.97 -3.87
CA GLU C 133 -45.45 -31.64 -5.19
C GLU C 133 -45.42 -30.12 -5.37
N ARG C 134 -45.80 -29.39 -4.32
CA ARG C 134 -45.83 -27.89 -4.34
C ARG C 134 -44.43 -27.35 -4.58
N THR C 135 -43.43 -27.90 -3.89
CA THR C 135 -42.02 -27.47 -3.99
C THR C 135 -41.54 -27.71 -5.42
N GLY C 136 -41.74 -28.93 -5.91
CA GLY C 136 -41.38 -29.32 -7.29
C GLY C 136 -41.95 -28.34 -8.30
N ARG C 137 -43.24 -28.00 -8.19
CA ARG C 137 -43.93 -27.11 -9.17
C ARG C 137 -43.30 -25.72 -9.13
N ALA C 138 -42.91 -25.23 -7.95
CA ALA C 138 -42.40 -23.86 -7.74
C ALA C 138 -41.01 -23.75 -8.36
N LEU C 139 -40.18 -24.77 -8.18
CA LEU C 139 -38.80 -24.82 -8.75
C LEU C 139 -38.88 -24.98 -10.28
N ASP C 140 -39.86 -25.77 -10.76
CA ASP C 140 -40.09 -25.99 -12.21
C ASP C 140 -40.44 -24.66 -12.89
N GLY C 141 -40.99 -23.69 -12.14
CA GLY C 141 -41.39 -22.37 -12.66
C GLY C 141 -40.30 -21.32 -12.57
N LEU C 142 -39.11 -21.65 -12.06
CA LEU C 142 -38.02 -20.65 -11.88
C LEU C 142 -37.35 -20.41 -13.22
N PRO C 143 -37.00 -19.14 -13.54
CA PRO C 143 -36.22 -18.85 -14.75
C PRO C 143 -34.76 -19.30 -14.60
N ILE C 144 -34.17 -19.77 -15.71
CA ILE C 144 -32.78 -20.31 -15.79
C ILE C 144 -31.89 -19.26 -16.47
N ASN C 145 -30.70 -19.00 -15.93
CA ASN C 145 -29.68 -18.07 -16.51
C ASN C 145 -30.24 -16.63 -16.57
N GLU C 146 -31.12 -16.29 -15.62
CA GLU C 146 -31.79 -14.98 -15.48
C GLU C 146 -31.92 -14.67 -13.99
N THR C 147 -31.55 -13.45 -13.57
CA THR C 147 -31.71 -13.01 -12.16
C THR C 147 -33.19 -12.96 -11.79
N PHE C 148 -33.56 -13.47 -10.62
CA PHE C 148 -34.92 -13.35 -10.01
C PHE C 148 -34.78 -13.16 -8.49
N ASP C 149 -35.88 -12.75 -7.84
CA ASP C 149 -35.96 -12.57 -6.37
C ASP C 149 -36.36 -13.91 -5.75
N TRP C 150 -35.42 -14.54 -5.04
CA TRP C 150 -35.62 -15.85 -4.36
C TRP C 150 -36.76 -15.73 -3.34
N VAL C 151 -36.80 -14.61 -2.62
CA VAL C 151 -37.78 -14.38 -1.53
C VAL C 151 -39.19 -14.47 -2.10
N LYS C 152 -39.48 -13.81 -3.24
CA LYS C 152 -40.84 -13.79 -3.85
C LYS C 152 -41.17 -15.18 -4.44
N LEU C 153 -40.26 -15.77 -5.21
CA LEU C 153 -40.57 -16.90 -6.15
C LEU C 153 -40.50 -18.26 -5.43
N VAL C 154 -39.69 -18.35 -4.38
CA VAL C 154 -39.48 -19.61 -3.60
C VAL C 154 -39.99 -19.41 -2.15
N SER C 155 -39.32 -18.57 -1.36
CA SER C 155 -39.50 -18.50 0.11
C SER C 155 -40.94 -18.11 0.45
N ILE C 156 -41.39 -16.91 0.03
CA ILE C 156 -42.78 -16.46 0.31
C ILE C 156 -43.74 -17.47 -0.29
N ASN C 157 -43.51 -17.91 -1.53
CA ASN C 157 -44.42 -18.76 -2.34
C ASN C 157 -44.71 -20.05 -1.56
N LEU C 158 -43.68 -20.82 -1.17
CA LEU C 158 -43.88 -22.14 -0.53
C LEU C 158 -44.44 -22.01 0.90
N THR C 159 -43.87 -21.13 1.72
CA THR C 159 -44.26 -20.99 3.15
C THR C 159 -45.73 -20.54 3.22
N THR C 160 -46.14 -19.63 2.33
CA THR C 160 -47.53 -19.15 2.23
C THR C 160 -48.45 -20.33 1.91
N GLN C 161 -48.07 -21.17 0.95
CA GLN C 161 -48.87 -22.37 0.56
C GLN C 161 -49.10 -23.23 1.80
N MET C 162 -48.03 -23.53 2.55
CA MET C 162 -48.09 -24.37 3.79
C MET C 162 -49.05 -23.73 4.78
N LEU C 163 -48.95 -22.42 5.02
CA LEU C 163 -49.80 -21.71 6.02
C LEU C 163 -51.27 -21.74 5.57
N ALA C 164 -51.54 -21.54 4.28
CA ALA C 164 -52.91 -21.66 3.73
C ALA C 164 -53.49 -23.04 4.10
N THR C 165 -52.70 -24.11 3.95
CA THR C 165 -53.14 -25.49 4.24
C THR C 165 -53.38 -25.63 5.74
N LEU C 166 -52.47 -25.15 6.59
CA LEU C 166 -52.61 -25.19 8.09
C LEU C 166 -53.97 -24.57 8.50
N PHE C 167 -54.37 -23.46 7.87
CA PHE C 167 -55.60 -22.70 8.18
C PHE C 167 -56.82 -23.16 7.35
N ASP C 168 -56.60 -24.03 6.35
CA ASP C 168 -57.55 -24.35 5.25
C ASP C 168 -58.12 -23.02 4.73
N PHE C 169 -57.22 -22.14 4.35
CA PHE C 169 -57.52 -20.76 3.93
C PHE C 169 -57.88 -20.76 2.46
N PRO C 170 -58.98 -20.08 2.05
CA PRO C 170 -59.34 -20.00 0.63
C PRO C 170 -58.13 -19.66 -0.25
N TRP C 171 -57.72 -20.62 -1.05
CA TRP C 171 -56.43 -20.66 -1.80
C TRP C 171 -56.20 -19.38 -2.60
N GLU C 172 -57.24 -18.83 -3.24
CA GLU C 172 -57.07 -17.65 -4.14
C GLU C 172 -56.69 -16.44 -3.28
N ASP C 173 -57.03 -16.42 -1.99
CA ASP C 173 -56.76 -15.28 -1.07
C ASP C 173 -55.48 -15.48 -0.24
N ARG C 174 -54.71 -16.53 -0.49
CA ARG C 174 -53.44 -16.88 0.18
C ARG C 174 -52.52 -15.71 0.51
N ALA C 175 -52.36 -14.78 -0.44
CA ALA C 175 -51.38 -13.67 -0.35
C ALA C 175 -51.73 -12.80 0.87
N LYS C 176 -53.01 -12.76 1.25
CA LYS C 176 -53.51 -11.97 2.41
C LYS C 176 -52.75 -12.40 3.66
N LEU C 177 -52.43 -13.70 3.79
CA LEU C 177 -51.70 -14.27 4.94
C LEU C 177 -50.32 -13.62 5.04
N THR C 178 -49.58 -13.55 3.94
CA THR C 178 -48.25 -12.91 3.85
C THR C 178 -48.35 -11.43 4.26
N ARG C 179 -49.41 -10.73 3.84
CA ARG C 179 -49.58 -9.29 4.14
C ARG C 179 -49.77 -9.14 5.67
N TRP C 180 -50.73 -9.86 6.24
CA TRP C 180 -51.08 -9.81 7.68
C TRP C 180 -49.85 -10.14 8.52
N SER C 181 -49.08 -11.13 8.08
CA SER C 181 -47.82 -11.57 8.73
C SER C 181 -46.84 -10.39 8.79
N ASP C 182 -46.64 -9.73 7.65
CA ASP C 182 -45.72 -8.57 7.50
C ASP C 182 -46.20 -7.41 8.39
N VAL C 183 -47.51 -7.12 8.34
CA VAL C 183 -48.14 -6.01 9.11
C VAL C 183 -47.95 -6.25 10.60
N ALA C 184 -48.05 -7.48 11.07
CA ALA C 184 -48.08 -7.80 12.52
C ALA C 184 -46.72 -7.45 13.14
N THR C 185 -45.62 -7.65 12.41
CA THR C 185 -44.25 -7.61 12.96
C THR C 185 -43.50 -6.34 12.56
N ALA C 186 -43.93 -5.61 11.52
CA ALA C 186 -43.11 -4.54 10.90
C ALA C 186 -42.85 -3.39 11.89
N LEU C 187 -41.68 -2.74 11.83
CA LEU C 187 -41.49 -1.39 12.41
C LEU C 187 -42.23 -0.37 11.54
N VAL C 188 -42.79 0.67 12.15
CA VAL C 188 -43.50 1.77 11.43
C VAL C 188 -42.52 2.41 10.42
N GLY C 189 -42.98 2.67 9.19
CA GLY C 189 -42.24 3.48 8.19
C GLY C 189 -41.13 2.73 7.49
N THR C 190 -41.27 1.42 7.39
CA THR C 190 -40.31 0.48 6.76
C THR C 190 -40.82 0.04 5.39
N GLY C 191 -42.01 0.51 4.97
CA GLY C 191 -42.59 0.15 3.67
C GLY C 191 -43.80 -0.76 3.78
N ILE C 192 -44.21 -1.11 5.00
CA ILE C 192 -45.34 -2.05 5.22
C ILE C 192 -46.55 -1.23 5.65
N ILE C 193 -46.43 -0.56 6.78
CA ILE C 193 -47.49 0.31 7.38
C ILE C 193 -46.78 1.55 7.91
N ASP C 194 -47.45 2.71 7.93
CA ASP C 194 -46.85 4.01 8.30
C ASP C 194 -47.23 4.41 9.74
N SER C 195 -48.16 3.72 10.38
CA SER C 195 -48.64 4.07 11.76
C SER C 195 -49.27 2.86 12.44
N GLU C 196 -49.46 2.94 13.76
CA GLU C 196 -50.13 1.89 14.56
C GLU C 196 -51.62 1.84 14.16
N GLU C 197 -52.23 2.97 13.81
CA GLU C 197 -53.66 3.03 13.42
C GLU C 197 -53.83 2.18 12.15
N GLN C 198 -52.89 2.27 11.20
CA GLN C 198 -52.92 1.49 9.93
C GLN C 198 -52.67 0.00 10.22
N ARG C 199 -51.75 -0.31 11.15
CA ARG C 199 -51.49 -1.72 11.55
C ARG C 199 -52.80 -2.33 12.07
N MET C 200 -53.51 -1.66 12.97
CA MET C 200 -54.73 -2.21 13.58
C MET C 200 -55.89 -2.22 12.57
N GLU C 201 -55.93 -1.26 11.64
CA GLU C 201 -56.94 -1.25 10.56
C GLU C 201 -56.79 -2.51 9.69
N GLU C 202 -55.58 -2.84 9.26
CA GLU C 202 -55.32 -4.00 8.37
C GLU C 202 -55.58 -5.31 9.13
N LEU C 203 -55.28 -5.34 10.42
CA LEU C 203 -55.48 -6.55 11.26
C LEU C 203 -56.97 -6.71 11.59
N LYS C 204 -57.76 -5.63 11.57
CA LYS C 204 -59.25 -5.66 11.68
C LYS C 204 -59.80 -6.51 10.53
N GLY C 205 -59.25 -6.37 9.34
CA GLY C 205 -59.61 -7.17 8.15
C GLY C 205 -59.27 -8.64 8.31
N CYS C 206 -58.23 -8.94 9.08
CA CYS C 206 -57.76 -10.32 9.37
C CYS C 206 -58.76 -10.97 10.31
N VAL C 207 -59.13 -10.26 11.37
CA VAL C 207 -60.14 -10.73 12.36
C VAL C 207 -61.49 -10.96 11.64
N GLN C 208 -61.90 -10.02 10.78
CA GLN C 208 -63.18 -10.08 10.01
C GLN C 208 -63.17 -11.35 9.13
N TYR C 209 -62.10 -11.54 8.36
CA TYR C 209 -61.94 -12.70 7.44
C TYR C 209 -62.01 -14.02 8.24
N MET C 210 -61.21 -14.15 9.30
CA MET C 210 -61.12 -15.39 10.11
C MET C 210 -62.44 -15.64 10.86
N THR C 211 -63.21 -14.61 11.18
CA THR C 211 -64.53 -14.72 11.87
C THR C 211 -65.51 -15.44 10.93
N ARG C 212 -65.55 -15.08 9.64
CA ARG C 212 -66.37 -15.78 8.63
C ARG C 212 -65.99 -17.27 8.63
N LEU C 213 -64.69 -17.59 8.62
CA LEU C 213 -64.19 -19.00 8.59
C LEU C 213 -64.60 -19.73 9.86
N TRP C 214 -64.46 -19.07 11.01
CA TRP C 214 -64.87 -19.61 12.32
C TRP C 214 -66.36 -19.95 12.27
N ASN C 215 -67.23 -19.04 11.83
CA ASN C 215 -68.71 -19.26 11.80
C ASN C 215 -69.04 -20.48 10.91
N GLU C 216 -68.30 -20.71 9.82
CA GLU C 216 -68.52 -21.85 8.91
C GLU C 216 -68.08 -23.18 9.57
N ARG C 217 -67.25 -23.15 10.61
CA ARG C 217 -66.55 -24.36 11.12
C ARG C 217 -66.93 -24.70 12.56
N VAL C 218 -67.56 -23.79 13.31
CA VAL C 218 -67.75 -23.93 14.79
C VAL C 218 -68.85 -24.94 15.11
N ASN C 219 -69.96 -24.97 14.38
CA ASN C 219 -71.15 -25.76 14.83
C ASN C 219 -71.16 -27.14 14.13
N VAL C 220 -70.04 -27.55 13.54
CA VAL C 220 -69.90 -28.76 12.67
C VAL C 220 -68.67 -29.54 13.15
N PRO C 221 -68.53 -30.85 12.86
CA PRO C 221 -67.33 -31.61 13.22
C PRO C 221 -66.01 -30.93 12.85
N PRO C 222 -65.03 -30.89 13.77
CA PRO C 222 -63.73 -30.27 13.51
C PRO C 222 -63.04 -30.84 12.24
N GLY C 223 -62.59 -29.94 11.37
CA GLY C 223 -61.63 -30.23 10.26
C GLY C 223 -60.20 -30.26 10.77
N ASN C 224 -59.28 -30.70 9.90
CA ASN C 224 -57.82 -30.74 10.18
C ASN C 224 -57.26 -29.36 9.77
N ASP C 225 -57.56 -28.33 10.55
CA ASP C 225 -57.19 -26.92 10.26
C ASP C 225 -57.25 -26.15 11.58
N LEU C 226 -56.41 -25.12 11.70
CA LEU C 226 -56.20 -24.30 12.93
C LEU C 226 -57.52 -23.65 13.37
N ILE C 227 -58.34 -23.17 12.43
CA ILE C 227 -59.58 -22.43 12.78
C ILE C 227 -60.56 -23.41 13.44
N SER C 228 -60.66 -24.62 12.88
CA SER C 228 -61.50 -25.71 13.42
C SER C 228 -61.02 -26.09 14.82
N MET C 229 -59.72 -26.35 14.97
CA MET C 229 -59.12 -26.80 16.26
C MET C 229 -59.41 -25.74 17.34
N MET C 230 -59.30 -24.45 16.99
CA MET C 230 -59.51 -23.31 17.93
C MET C 230 -61.00 -23.21 18.29
N ALA C 231 -61.88 -23.32 17.29
CA ALA C 231 -63.34 -23.18 17.46
C ALA C 231 -63.91 -24.33 18.30
N HIS C 232 -63.23 -25.48 18.38
CA HIS C 232 -63.65 -26.69 19.14
C HIS C 232 -62.81 -26.93 20.41
N THR C 233 -62.08 -25.94 20.91
CA THR C 233 -61.36 -26.06 22.20
C THR C 233 -62.13 -25.20 23.20
N GLU C 234 -62.70 -25.83 24.23
CA GLU C 234 -63.47 -25.19 25.35
C GLU C 234 -62.77 -23.93 25.88
N SER C 235 -61.44 -23.95 25.99
CA SER C 235 -60.62 -22.86 26.58
C SER C 235 -60.61 -21.58 25.71
N MET C 236 -60.99 -21.68 24.44
CA MET C 236 -60.87 -20.59 23.44
C MET C 236 -62.27 -20.14 23.00
N ARG C 237 -63.32 -20.70 23.61
CA ARG C 237 -64.70 -20.61 23.07
C ARG C 237 -65.27 -19.19 23.30
N ASN C 238 -64.85 -18.48 24.36
CA ASN C 238 -65.39 -17.15 24.78
C ASN C 238 -64.48 -15.96 24.38
N MET C 239 -63.60 -16.14 23.38
CA MET C 239 -62.50 -15.20 23.10
C MET C 239 -63.04 -13.81 22.71
N THR C 240 -62.44 -12.72 23.21
CA THR C 240 -62.63 -11.36 22.65
C THR C 240 -62.02 -11.32 21.24
N PRO C 241 -62.45 -10.41 20.35
CA PRO C 241 -61.75 -10.16 19.09
C PRO C 241 -60.24 -9.94 19.26
N GLU C 242 -59.80 -9.28 20.32
CA GLU C 242 -58.35 -9.02 20.57
C GLU C 242 -57.65 -10.36 20.84
N GLU C 243 -58.23 -11.23 21.68
CA GLU C 243 -57.67 -12.57 22.00
C GLU C 243 -57.61 -13.43 20.73
N PHE C 244 -58.71 -13.41 19.96
CA PHE C 244 -58.83 -14.18 18.70
C PHE C 244 -57.71 -13.73 17.76
N LEU C 245 -57.57 -12.40 17.59
CA LEU C 245 -56.61 -11.79 16.66
C LEU C 245 -55.19 -12.12 17.14
N GLY C 246 -54.95 -12.09 18.46
CA GLY C 246 -53.62 -12.36 19.01
C GLY C 246 -53.14 -13.75 18.60
N ASN C 247 -54.00 -14.74 18.83
CA ASN C 247 -53.72 -16.17 18.49
C ASN C 247 -53.58 -16.31 16.96
N LEU C 248 -54.46 -15.63 16.20
CA LEU C 248 -54.41 -15.66 14.73
C LEU C 248 -53.01 -15.23 14.28
N ILE C 249 -52.55 -14.05 14.73
CA ILE C 249 -51.28 -13.46 14.21
C ILE C 249 -50.11 -14.31 14.70
N LEU C 250 -50.20 -14.92 15.87
CA LEU C 250 -49.15 -15.84 16.36
C LEU C 250 -48.99 -16.99 15.35
N LEU C 251 -50.12 -17.60 14.99
CA LEU C 251 -50.11 -18.80 14.12
C LEU C 251 -49.67 -18.39 12.71
N ILE C 252 -50.09 -17.21 12.25
CA ILE C 252 -49.75 -16.76 10.86
C ILE C 252 -48.28 -16.36 10.79
N VAL C 253 -47.76 -15.61 11.76
CA VAL C 253 -46.31 -15.22 11.79
C VAL C 253 -45.45 -16.45 12.07
N GLY C 254 -45.91 -17.30 13.00
CA GLY C 254 -45.27 -18.59 13.30
C GLY C 254 -45.11 -19.45 12.06
N GLY C 255 -46.21 -19.56 11.30
CA GLY C 255 -46.35 -20.56 10.23
C GLY C 255 -45.85 -20.09 8.87
N ASN C 256 -45.29 -18.89 8.74
CA ASN C 256 -44.67 -18.47 7.46
C ASN C 256 -43.30 -17.81 7.71
N ASP C 257 -43.17 -16.73 8.47
CA ASP C 257 -42.04 -15.77 8.30
C ASP C 257 -40.70 -16.43 8.70
N THR C 258 -40.70 -17.30 9.68
CA THR C 258 -39.46 -17.94 10.21
C THR C 258 -38.94 -18.94 9.16
N THR C 259 -39.80 -19.82 8.67
CA THR C 259 -39.46 -20.82 7.63
C THR C 259 -39.01 -20.07 6.38
N ARG C 260 -39.74 -19.04 6.00
CA ARG C 260 -39.41 -18.18 4.84
C ARG C 260 -37.96 -17.66 4.93
N ASN C 261 -37.59 -17.07 6.06
CA ASN C 261 -36.23 -16.49 6.22
C ASN C 261 -35.18 -17.60 6.30
N SER C 262 -35.54 -18.78 6.81
CA SER C 262 -34.67 -19.98 6.83
C SER C 262 -34.43 -20.45 5.38
N MET C 263 -35.48 -20.45 4.56
CA MET C 263 -35.43 -20.93 3.16
C MET C 263 -34.45 -20.04 2.39
N THR C 264 -34.58 -18.72 2.54
CA THR C 264 -33.70 -17.71 1.91
C THR C 264 -32.29 -17.82 2.50
N GLY C 265 -32.18 -17.88 3.84
CA GLY C 265 -30.91 -17.87 4.58
C GLY C 265 -29.96 -18.94 4.09
N GLY C 266 -30.43 -20.16 3.86
CA GLY C 266 -29.57 -21.30 3.48
C GLY C 266 -28.86 -21.05 2.15
N VAL C 267 -29.58 -20.52 1.16
CA VAL C 267 -29.02 -20.18 -0.18
C VAL C 267 -27.86 -19.20 0.05
N LEU C 268 -28.10 -18.19 0.88
CA LEU C 268 -27.08 -17.15 1.16
C LEU C 268 -25.88 -17.81 1.83
N ALA C 269 -26.10 -18.64 2.86
CA ALA C 269 -25.03 -19.30 3.65
C ALA C 269 -24.17 -20.21 2.75
N LEU C 270 -24.78 -20.93 1.82
CA LEU C 270 -24.01 -21.83 0.92
C LEU C 270 -23.18 -21.01 -0.08
N ASN C 271 -23.66 -19.83 -0.47
CA ASN C 271 -22.92 -18.94 -1.42
C ASN C 271 -21.76 -18.25 -0.70
N GLU C 272 -21.91 -17.84 0.56
CA GLU C 272 -20.81 -17.23 1.35
C GLU C 272 -19.77 -18.28 1.74
N ASN C 273 -20.11 -19.57 1.66
CA ASN C 273 -19.23 -20.70 2.11
C ASN C 273 -19.15 -21.76 1.02
N PRO C 274 -18.41 -21.53 -0.09
CA PRO C 274 -18.47 -22.41 -1.25
C PRO C 274 -17.96 -23.83 -0.95
N ASP C 275 -17.08 -23.95 0.05
CA ASP C 275 -16.53 -25.26 0.50
C ASP C 275 -17.68 -26.13 1.03
N GLU C 276 -18.65 -25.54 1.75
CA GLU C 276 -19.82 -26.29 2.28
C GLU C 276 -20.78 -26.66 1.14
N TYR C 277 -20.98 -25.77 0.18
CA TYR C 277 -21.79 -26.04 -1.05
C TYR C 277 -21.16 -27.26 -1.76
N ARG C 278 -19.83 -27.33 -1.80
CA ARG C 278 -19.07 -28.45 -2.43
C ARG C 278 -19.40 -29.75 -1.68
N LYS C 279 -19.24 -29.76 -0.34
CA LYS C 279 -19.54 -30.94 0.52
C LYS C 279 -20.98 -31.41 0.29
N LEU C 280 -21.92 -30.48 0.23
CA LEU C 280 -23.38 -30.75 0.09
C LEU C 280 -23.65 -31.49 -1.22
N CYS C 281 -23.09 -31.01 -2.32
CA CYS C 281 -23.31 -31.56 -3.69
C CYS C 281 -22.62 -32.93 -3.81
N ALA C 282 -21.44 -33.09 -3.20
CA ALA C 282 -20.72 -34.38 -3.10
C ALA C 282 -21.57 -35.41 -2.32
N ASN C 283 -22.32 -34.97 -1.31
CA ASN C 283 -23.05 -35.88 -0.38
C ASN C 283 -24.41 -35.29 0.01
N PRO C 284 -25.45 -35.36 -0.87
CA PRO C 284 -26.78 -34.82 -0.57
C PRO C 284 -27.47 -35.35 0.71
N ALA C 285 -26.91 -36.38 1.34
CA ALA C 285 -27.41 -36.90 2.63
C ALA C 285 -27.15 -35.88 3.74
N LEU C 286 -26.22 -34.94 3.52
CA LEU C 286 -25.86 -33.90 4.51
C LEU C 286 -27.00 -32.89 4.70
N ILE C 287 -28.05 -32.91 3.85
CA ILE C 287 -29.20 -31.99 4.03
C ILE C 287 -29.80 -32.25 5.41
N ALA C 288 -29.73 -33.49 5.90
CA ALA C 288 -30.23 -33.89 7.24
C ALA C 288 -29.56 -33.03 8.33
N SER C 289 -28.24 -32.79 8.21
CA SER C 289 -27.44 -32.04 9.23
C SER C 289 -27.30 -30.56 8.83
N MET C 290 -27.57 -30.22 7.57
CA MET C 290 -27.47 -28.82 7.07
C MET C 290 -28.71 -28.03 7.55
N VAL C 291 -29.90 -28.61 7.50
CA VAL C 291 -31.18 -27.90 7.80
C VAL C 291 -31.12 -27.30 9.20
N PRO C 292 -30.78 -28.08 10.26
CA PRO C 292 -30.65 -27.50 11.60
C PRO C 292 -29.56 -26.41 11.66
N GLU C 293 -28.48 -26.58 10.91
CA GLU C 293 -27.37 -25.58 10.88
C GLU C 293 -27.87 -24.29 10.22
N ILE C 294 -28.66 -24.38 9.14
CA ILE C 294 -29.22 -23.19 8.47
C ILE C 294 -30.09 -22.44 9.48
N VAL C 295 -30.84 -23.17 10.29
CA VAL C 295 -31.79 -22.57 11.28
C VAL C 295 -31.00 -21.91 12.42
N ARG C 296 -29.88 -22.49 12.83
CA ARG C 296 -28.97 -21.87 13.83
C ARG C 296 -28.35 -20.61 13.22
N TRP C 297 -27.76 -20.78 12.04
CA TRP C 297 -27.03 -19.72 11.31
C TRP C 297 -27.94 -18.50 11.13
N GLN C 298 -29.16 -18.74 10.65
CA GLN C 298 -30.16 -17.69 10.32
C GLN C 298 -30.68 -17.07 11.61
N THR C 299 -31.01 -17.86 12.63
CA THR C 299 -31.72 -17.42 13.87
C THR C 299 -32.85 -16.48 13.46
N PRO C 300 -33.89 -17.00 12.76
CA PRO C 300 -34.90 -16.14 12.13
C PRO C 300 -35.67 -15.24 13.11
N LEU C 301 -35.82 -15.66 14.37
CA LEU C 301 -36.25 -14.80 15.48
C LEU C 301 -35.01 -14.55 16.36
N ALA C 302 -34.48 -13.35 16.28
CA ALA C 302 -33.22 -12.95 16.95
C ALA C 302 -33.35 -13.06 18.45
N HIS C 303 -34.57 -12.93 18.98
CA HIS C 303 -34.77 -12.93 20.45
C HIS C 303 -36.20 -13.32 20.81
N MET C 304 -36.38 -13.55 22.11
CA MET C 304 -37.69 -13.59 22.80
C MET C 304 -37.53 -12.86 24.15
N ARG C 305 -38.61 -12.27 24.63
CA ARG C 305 -38.59 -11.32 25.76
C ARG C 305 -39.29 -12.00 26.94
N ARG C 306 -38.87 -11.65 28.15
CA ARG C 306 -39.57 -12.05 29.39
C ARG C 306 -39.69 -10.80 30.29
N THR C 307 -40.54 -10.91 31.29
CA THR C 307 -40.71 -9.86 32.30
C THR C 307 -40.51 -10.54 33.64
N ALA C 308 -39.67 -9.98 34.50
CA ALA C 308 -39.42 -10.58 35.82
C ALA C 308 -40.69 -10.51 36.70
N LEU C 309 -40.89 -11.49 37.55
CA LEU C 309 -42.10 -11.38 38.41
C LEU C 309 -41.67 -10.93 39.79
N GLN C 310 -40.38 -11.04 40.08
CA GLN C 310 -39.78 -10.68 41.39
C GLN C 310 -38.32 -10.27 41.19
N ASP C 311 -37.71 -9.66 42.22
CA ASP C 311 -36.26 -9.30 42.23
C ASP C 311 -35.53 -10.63 42.24
N THR C 312 -34.62 -10.86 41.29
CA THR C 312 -33.91 -12.14 41.02
C THR C 312 -32.46 -11.85 40.64
N GLU C 313 -31.59 -12.86 40.74
CA GLU C 313 -30.16 -12.73 40.36
C GLU C 313 -29.93 -13.63 39.16
N LEU C 314 -29.28 -13.10 38.12
CA LEU C 314 -28.97 -13.80 36.85
C LEU C 314 -27.57 -13.37 36.42
N GLY C 315 -26.65 -14.31 36.27
CA GLY C 315 -25.21 -14.06 36.08
C GLY C 315 -24.67 -12.97 37.00
N GLY C 316 -25.04 -13.02 38.28
CA GLY C 316 -24.54 -12.12 39.34
C GLY C 316 -25.12 -10.71 39.28
N LYS C 317 -26.19 -10.49 38.51
CA LYS C 317 -26.83 -9.16 38.35
C LYS C 317 -28.18 -9.18 39.06
N SER C 318 -28.55 -8.05 39.64
CA SER C 318 -29.85 -7.80 40.30
C SER C 318 -30.87 -7.30 39.27
N ILE C 319 -31.82 -8.17 38.92
CA ILE C 319 -32.93 -7.85 37.99
C ILE C 319 -34.14 -7.54 38.86
N ARG C 320 -34.74 -6.38 38.66
CA ARG C 320 -35.85 -5.92 39.51
C ARG C 320 -37.19 -6.37 38.94
N LYS C 321 -38.21 -6.48 39.77
CA LYS C 321 -39.53 -6.93 39.28
C LYS C 321 -40.04 -5.93 38.26
N GLY C 322 -40.50 -6.43 37.12
CA GLY C 322 -41.01 -5.54 36.07
C GLY C 322 -39.95 -5.29 35.02
N ASP C 323 -38.73 -5.75 35.25
CA ASP C 323 -37.65 -5.52 34.28
C ASP C 323 -37.87 -6.42 33.06
N LYS C 324 -37.68 -5.84 31.88
CA LYS C 324 -37.74 -6.51 30.59
C LYS C 324 -36.41 -7.25 30.38
N VAL C 325 -36.46 -8.57 30.18
CA VAL C 325 -35.25 -9.42 29.98
C VAL C 325 -35.33 -10.03 28.58
N ILE C 326 -34.27 -9.80 27.79
CA ILE C 326 -34.21 -10.20 26.36
C ILE C 326 -33.22 -11.36 26.24
N MET C 327 -33.71 -12.52 25.83
CA MET C 327 -32.93 -13.72 25.48
C MET C 327 -32.50 -13.56 24.01
N TRP C 328 -31.25 -13.15 23.76
CA TRP C 328 -30.74 -12.90 22.39
C TRP C 328 -30.23 -14.21 21.81
N TYR C 329 -31.15 -15.01 21.26
CA TYR C 329 -30.84 -16.26 20.52
C TYR C 329 -29.71 -16.01 19.50
N VAL C 330 -29.71 -14.86 18.84
CA VAL C 330 -28.70 -14.52 17.79
C VAL C 330 -27.30 -14.56 18.41
N SER C 331 -27.17 -14.13 19.66
CA SER C 331 -25.86 -14.11 20.35
C SER C 331 -25.63 -15.47 21.01
N GLY C 332 -26.69 -16.11 21.48
CA GLY C 332 -26.61 -17.42 22.13
C GLY C 332 -26.18 -18.51 21.18
N ASN C 333 -26.48 -18.37 19.90
CA ASN C 333 -26.11 -19.36 18.86
C ASN C 333 -24.68 -19.12 18.37
N ARG C 334 -24.07 -18.05 18.86
CA ARG C 334 -22.68 -17.68 18.55
C ARG C 334 -21.83 -17.87 19.80
N ASP C 335 -22.39 -18.43 20.86
CA ASP C 335 -21.63 -18.67 22.09
C ASP C 335 -20.61 -19.77 21.82
N PRO C 336 -19.29 -19.49 21.95
CA PRO C 336 -18.23 -20.48 21.68
C PRO C 336 -18.08 -21.47 22.84
N GLU C 337 -18.61 -21.08 23.99
CA GLU C 337 -18.66 -21.90 25.20
C GLU C 337 -19.73 -22.99 25.08
N ALA C 338 -20.68 -22.85 24.14
CA ALA C 338 -21.74 -23.85 23.93
C ALA C 338 -21.58 -24.52 22.57
N ILE C 339 -21.15 -23.77 21.55
CA ILE C 339 -21.02 -24.38 20.19
C ILE C 339 -19.58 -24.19 19.73
N GLU C 340 -18.97 -25.25 19.18
CA GLU C 340 -17.57 -25.19 18.71
C GLU C 340 -17.52 -24.47 17.36
N ASN C 341 -16.62 -23.48 17.25
CA ASN C 341 -16.51 -22.65 16.01
C ASN C 341 -17.89 -22.11 15.66
N PRO C 342 -18.55 -21.35 16.56
CA PRO C 342 -19.91 -20.84 16.33
C PRO C 342 -20.07 -19.75 15.26
N ASP C 343 -18.98 -19.31 14.62
CA ASP C 343 -19.12 -18.26 13.58
C ASP C 343 -18.89 -18.88 12.19
N ALA C 344 -18.62 -20.18 12.13
CA ALA C 344 -18.54 -20.94 10.85
C ALA C 344 -19.90 -21.57 10.53
N PHE C 345 -20.30 -21.56 9.26
CA PHE C 345 -21.38 -22.39 8.69
C PHE C 345 -20.79 -23.76 8.36
N ILE C 346 -21.10 -24.79 9.18
CA ILE C 346 -20.62 -26.18 8.94
C ILE C 346 -21.86 -27.09 8.85
N ILE C 347 -22.06 -27.75 7.72
CA ILE C 347 -23.32 -28.50 7.43
C ILE C 347 -23.24 -29.94 7.96
N ASP C 348 -22.12 -30.33 8.57
CA ASP C 348 -21.86 -31.71 9.06
C ASP C 348 -21.41 -31.68 10.52
N ARG C 349 -21.97 -30.77 11.32
CA ARG C 349 -21.72 -30.70 12.78
C ARG C 349 -22.20 -32.01 13.42
N ALA C 350 -21.53 -32.46 14.47
CA ALA C 350 -21.84 -33.75 15.15
C ALA C 350 -23.22 -33.67 15.82
N LYS C 351 -23.50 -32.55 16.51
CA LYS C 351 -24.78 -32.29 17.23
C LYS C 351 -25.37 -31.00 16.65
N PRO C 352 -25.92 -31.03 15.42
CA PRO C 352 -26.34 -29.81 14.73
C PRO C 352 -27.68 -29.23 15.24
N ARG C 353 -28.41 -29.99 16.06
CA ARG C 353 -29.69 -29.52 16.67
C ARG C 353 -29.41 -28.81 17.99
N HIS C 354 -28.14 -28.64 18.37
CA HIS C 354 -27.76 -27.90 19.61
C HIS C 354 -27.71 -26.41 19.28
N HIS C 355 -28.88 -25.76 19.35
CA HIS C 355 -29.03 -24.30 19.13
C HIS C 355 -30.33 -23.83 19.79
N LEU C 356 -30.59 -22.53 19.80
CA LEU C 356 -31.67 -21.87 20.59
C LEU C 356 -32.75 -21.32 19.64
N SER C 357 -32.62 -21.55 18.33
CA SER C 357 -33.46 -20.88 17.31
C SER C 357 -34.95 -21.20 17.55
N PHE C 358 -35.27 -22.38 18.08
CA PHE C 358 -36.63 -22.83 18.41
C PHE C 358 -36.93 -22.58 19.90
N GLY C 359 -36.06 -21.82 20.57
CA GLY C 359 -36.13 -21.61 22.03
C GLY C 359 -35.96 -22.92 22.77
N PHE C 360 -36.49 -22.99 23.99
CA PHE C 360 -36.36 -24.16 24.88
C PHE C 360 -37.43 -24.09 25.96
N GLY C 361 -37.85 -25.25 26.50
CA GLY C 361 -38.75 -25.31 27.65
C GLY C 361 -40.20 -25.33 27.23
N ILE C 362 -41.11 -24.84 28.05
CA ILE C 362 -42.58 -25.02 27.86
C ILE C 362 -43.08 -24.30 26.59
N HIS C 363 -42.38 -23.27 26.12
CA HIS C 363 -42.75 -22.48 24.92
C HIS C 363 -41.94 -22.92 23.70
N ARG C 364 -41.12 -23.97 23.78
CA ARG C 364 -40.29 -24.46 22.65
C ARG C 364 -41.19 -24.58 21.42
N CYS C 365 -40.75 -24.05 20.29
CA CYS C 365 -41.52 -24.00 19.03
C CYS C 365 -42.25 -25.32 18.78
N VAL C 366 -43.58 -25.23 18.68
CA VAL C 366 -44.48 -26.37 18.43
C VAL C 366 -44.42 -26.73 16.94
N GLY C 367 -43.98 -25.82 16.08
CA GLY C 367 -43.93 -26.04 14.61
C GLY C 367 -42.57 -26.47 14.08
N ASN C 368 -41.63 -26.82 14.96
CA ASN C 368 -40.20 -27.00 14.55
C ASN C 368 -40.05 -28.16 13.56
N ARG C 369 -40.82 -29.24 13.74
CA ARG C 369 -40.73 -30.45 12.87
C ARG C 369 -41.31 -30.12 11.49
N LEU C 370 -42.34 -29.28 11.45
CA LEU C 370 -42.95 -28.83 10.17
C LEU C 370 -42.02 -27.88 9.41
N ALA C 371 -41.31 -27.01 10.13
CA ALA C 371 -40.32 -26.07 9.55
C ALA C 371 -39.16 -26.87 8.93
N GLU C 372 -38.61 -27.82 9.68
CA GLU C 372 -37.45 -28.64 9.22
C GLU C 372 -37.90 -29.49 8.02
N LEU C 373 -39.15 -29.96 8.03
CA LEU C 373 -39.71 -30.76 6.91
C LEU C 373 -39.73 -29.94 5.63
N GLN C 374 -40.25 -28.71 5.68
CA GLN C 374 -40.31 -27.78 4.52
C GLN C 374 -38.90 -27.55 3.96
N LEU C 375 -37.91 -27.34 4.84
CA LEU C 375 -36.52 -26.98 4.43
C LEU C 375 -35.81 -28.20 3.82
N ARG C 376 -35.97 -29.38 4.43
CA ARG C 376 -35.40 -30.64 3.89
C ARG C 376 -35.92 -30.84 2.45
N ILE C 377 -37.23 -30.72 2.26
CA ILE C 377 -37.85 -31.04 0.95
C ILE C 377 -37.34 -30.07 -0.12
N VAL C 378 -37.25 -28.77 0.21
CA VAL C 378 -36.73 -27.75 -0.74
C VAL C 378 -35.33 -28.17 -1.21
N TRP C 379 -34.44 -28.50 -0.29
CA TRP C 379 -33.03 -28.80 -0.62
C TRP C 379 -32.91 -30.11 -1.40
N GLU C 380 -33.70 -31.13 -1.05
CA GLU C 380 -33.81 -32.39 -1.83
C GLU C 380 -34.19 -32.05 -3.29
N GLU C 381 -35.29 -31.32 -3.47
CA GLU C 381 -35.86 -31.01 -4.81
C GLU C 381 -34.92 -30.05 -5.57
N LEU C 382 -34.21 -29.18 -4.86
CA LEU C 382 -33.21 -28.26 -5.48
C LEU C 382 -32.08 -29.11 -6.08
N LEU C 383 -31.57 -30.09 -5.32
CA LEU C 383 -30.38 -30.86 -5.74
C LEU C 383 -30.74 -31.87 -6.85
N LYS C 384 -31.99 -32.34 -6.92
CA LYS C 384 -32.47 -33.27 -7.98
C LYS C 384 -32.39 -32.55 -9.34
N ARG C 385 -32.60 -31.23 -9.36
CA ARG C 385 -32.68 -30.40 -10.60
C ARG C 385 -31.33 -29.76 -10.92
N TRP C 386 -30.62 -29.27 -9.89
CA TRP C 386 -29.35 -28.51 -10.01
C TRP C 386 -28.35 -29.05 -8.99
N PRO C 387 -27.67 -30.17 -9.31
CA PRO C 387 -26.85 -30.89 -8.34
C PRO C 387 -25.38 -30.45 -8.20
N ASN C 388 -24.91 -29.51 -9.02
CA ASN C 388 -23.48 -29.11 -9.03
C ASN C 388 -23.28 -27.87 -8.18
N PRO C 389 -22.11 -27.74 -7.51
CA PRO C 389 -21.83 -26.57 -6.67
C PRO C 389 -21.79 -25.30 -7.53
N GLY C 390 -22.31 -24.20 -7.00
CA GLY C 390 -22.37 -22.88 -7.66
C GLY C 390 -23.61 -22.68 -8.55
N GLN C 391 -24.42 -23.71 -8.79
CA GLN C 391 -25.56 -23.61 -9.75
C GLN C 391 -26.62 -22.62 -9.22
N ILE C 392 -26.97 -22.69 -7.93
CA ILE C 392 -27.88 -21.69 -7.29
C ILE C 392 -26.99 -20.57 -6.75
N GLU C 393 -26.90 -19.44 -7.46
CA GLU C 393 -25.88 -18.40 -7.19
C GLU C 393 -26.59 -17.09 -6.81
N VAL C 394 -26.09 -16.45 -5.75
CA VAL C 394 -26.50 -15.10 -5.29
C VAL C 394 -25.71 -14.09 -6.12
N VAL C 395 -26.40 -13.15 -6.76
CA VAL C 395 -25.82 -12.21 -7.77
C VAL C 395 -26.10 -10.76 -7.37
N GLY C 396 -26.27 -10.51 -6.08
CA GLY C 396 -26.59 -9.19 -5.52
C GLY C 396 -26.73 -9.28 -4.01
N ALA C 397 -26.46 -8.20 -3.29
CA ALA C 397 -26.57 -8.16 -1.81
C ALA C 397 -28.05 -8.32 -1.46
N PRO C 398 -28.34 -9.01 -0.34
CA PRO C 398 -29.74 -9.18 0.09
C PRO C 398 -30.23 -7.86 0.69
N GLU C 399 -31.54 -7.59 0.64
CA GLU C 399 -32.18 -6.51 1.41
C GLU C 399 -32.68 -7.13 2.72
N ARG C 400 -32.13 -6.68 3.85
CA ARG C 400 -32.42 -7.23 5.19
C ARG C 400 -33.56 -6.44 5.82
N VAL C 401 -34.28 -7.09 6.71
CA VAL C 401 -35.43 -6.49 7.44
C VAL C 401 -34.91 -5.56 8.54
N LEU C 402 -35.55 -4.40 8.70
CA LEU C 402 -35.25 -3.47 9.80
C LEU C 402 -36.07 -3.91 11.01
N SER C 403 -35.48 -4.74 11.85
CA SER C 403 -36.14 -5.26 13.08
C SER C 403 -35.09 -5.90 13.97
N PRO C 404 -35.24 -5.79 15.31
CA PRO C 404 -34.42 -6.55 16.25
C PRO C 404 -35.05 -7.91 16.58
N PHE C 405 -36.21 -8.22 15.99
CA PHE C 405 -37.00 -9.43 16.27
C PHE C 405 -36.95 -10.37 15.07
N VAL C 406 -37.47 -9.92 13.93
CA VAL C 406 -37.44 -10.70 12.65
C VAL C 406 -36.07 -10.48 12.04
N LYS C 407 -35.25 -11.52 11.99
CA LYS C 407 -33.94 -11.52 11.28
C LYS C 407 -34.16 -12.22 9.94
N GLY C 408 -34.30 -11.44 8.88
CA GLY C 408 -34.83 -11.95 7.63
C GLY C 408 -34.44 -11.09 6.44
N TYR C 409 -35.10 -11.37 5.32
CA TYR C 409 -34.74 -10.84 3.99
C TYR C 409 -36.03 -10.41 3.30
N GLU C 410 -36.04 -9.18 2.79
CA GLU C 410 -37.12 -8.64 1.93
C GLU C 410 -36.86 -9.10 0.50
N SER C 411 -35.59 -9.25 0.10
CA SER C 411 -35.19 -9.72 -1.25
C SER C 411 -33.82 -10.42 -1.22
N LEU C 412 -33.60 -11.29 -2.20
CA LEU C 412 -32.29 -11.95 -2.45
C LEU C 412 -32.18 -12.26 -3.93
N PRO C 413 -31.36 -11.51 -4.69
CA PRO C 413 -31.17 -11.79 -6.12
C PRO C 413 -30.41 -13.11 -6.33
N VAL C 414 -31.03 -14.02 -7.07
CA VAL C 414 -30.45 -15.35 -7.37
C VAL C 414 -30.55 -15.59 -8.88
N ARG C 415 -29.55 -16.24 -9.46
CA ARG C 415 -29.56 -16.80 -10.83
C ARG C 415 -29.25 -18.29 -10.72
N ILE C 416 -30.05 -19.14 -11.35
CA ILE C 416 -29.74 -20.59 -11.53
C ILE C 416 -28.93 -20.75 -12.82
N ASN C 417 -27.66 -21.18 -12.72
CA ASN C 417 -26.78 -21.49 -13.89
C ASN C 417 -27.00 -22.95 -14.34
N ALA C 418 -27.73 -23.17 -15.44
CA ALA C 418 -27.96 -24.53 -16.01
C ALA C 418 -27.86 -24.49 -17.53
N ALA D 16 8.91 26.59 35.14
CA ALA D 16 8.86 25.70 36.36
C ALA D 16 9.14 24.23 35.99
N TYR D 17 9.89 23.49 36.85
CA TYR D 17 10.22 22.05 36.68
C TYR D 17 10.66 21.39 38.02
N ALA D 18 10.97 20.09 37.98
CA ALA D 18 11.26 19.21 39.14
C ALA D 18 12.59 19.59 39.79
N ILE D 19 13.66 19.71 38.99
CA ILE D 19 15.06 19.91 39.48
C ILE D 19 15.21 21.34 39.97
N PRO D 20 15.99 21.57 41.06
CA PRO D 20 16.33 22.92 41.50
C PRO D 20 16.94 23.77 40.38
N LEU D 21 16.62 25.06 40.33
CA LEU D 21 17.19 26.08 39.41
C LEU D 21 18.73 26.05 39.41
N GLU D 22 19.37 25.89 40.57
CA GLU D 22 20.85 25.90 40.71
C GLU D 22 21.50 24.70 39.96
N ASP D 23 20.74 23.66 39.60
CA ASP D 23 21.29 22.39 39.05
C ASP D 23 20.86 22.17 37.58
N ILE D 24 20.22 23.15 36.95
CA ILE D 24 19.76 23.03 35.52
C ILE D 24 21.00 23.07 34.63
N ASP D 25 21.12 22.08 33.74
CA ASP D 25 22.19 21.93 32.72
C ASP D 25 21.53 21.82 31.34
N VAL D 26 21.33 22.93 30.65
CA VAL D 26 20.66 22.99 29.32
C VAL D 26 21.60 22.44 28.22
N SER D 27 22.91 22.36 28.47
CA SER D 27 23.91 21.84 27.51
C SER D 27 23.77 20.33 27.31
N ASN D 28 23.05 19.64 28.19
CA ASN D 28 22.92 18.16 28.21
C ASN D 28 22.46 17.71 26.84
N PRO D 29 23.33 17.05 26.04
CA PRO D 29 22.97 16.63 24.69
C PRO D 29 21.68 15.83 24.62
N GLU D 30 21.36 15.03 25.65
CA GLU D 30 20.16 14.18 25.70
C GLU D 30 18.90 15.04 25.57
N LEU D 31 18.93 16.27 26.10
CA LEU D 31 17.75 17.18 26.09
C LEU D 31 17.44 17.59 24.64
N PHE D 32 18.48 17.69 23.79
CA PHE D 32 18.35 18.08 22.38
C PHE D 32 17.81 16.89 21.57
N ARG D 33 18.34 15.70 21.81
CA ARG D 33 17.89 14.46 21.11
C ARG D 33 16.42 14.20 21.45
N ASP D 34 16.01 14.42 22.70
CA ASP D 34 14.66 14.08 23.19
C ASP D 34 13.70 15.24 22.88
N ASN D 35 14.23 16.40 22.50
CA ASN D 35 13.43 17.60 22.18
C ASN D 35 12.72 18.10 23.45
N THR D 36 13.41 18.06 24.59
CA THR D 36 12.88 18.51 25.90
C THR D 36 13.62 19.77 26.37
N MET D 37 14.66 20.23 25.65
CA MET D 37 15.48 21.38 26.09
C MET D 37 14.64 22.65 26.13
N TRP D 38 13.57 22.75 25.32
CA TRP D 38 12.72 23.97 25.23
C TRP D 38 12.25 24.41 26.61
N GLY D 39 11.71 23.48 27.40
CA GLY D 39 11.17 23.72 28.75
C GLY D 39 12.20 24.33 29.66
N TYR D 40 13.44 23.85 29.62
CA TYR D 40 14.51 24.34 30.51
C TYR D 40 14.84 25.77 30.12
N PHE D 41 14.86 26.09 28.81
CA PHE D 41 15.15 27.46 28.31
C PHE D 41 14.00 28.40 28.69
N GLU D 42 12.74 27.96 28.54
CA GLU D 42 11.56 28.74 29.01
C GLU D 42 11.73 29.05 30.51
N ARG D 43 12.13 28.07 31.31
CA ARG D 43 12.29 28.23 32.77
C ARG D 43 13.41 29.24 33.05
N LEU D 44 14.54 29.14 32.35
CA LEU D 44 15.66 30.10 32.53
C LEU D 44 15.23 31.50 32.09
N ARG D 45 14.45 31.62 31.02
CA ARG D 45 14.04 32.95 30.48
C ARG D 45 13.18 33.68 31.52
N ARG D 46 12.35 32.93 32.25
CA ARG D 46 11.35 33.45 33.22
C ARG D 46 12.00 33.70 34.59
N GLU D 47 12.88 32.81 35.09
CA GLU D 47 13.37 32.85 36.50
C GLU D 47 14.82 33.34 36.60
N ASP D 48 15.69 33.05 35.61
CA ASP D 48 17.16 33.33 35.71
C ASP D 48 17.76 33.43 34.31
N PRO D 49 17.53 34.54 33.58
CA PRO D 49 17.89 34.63 32.16
C PRO D 49 19.40 34.53 31.87
N VAL D 50 20.23 35.02 32.79
CA VAL D 50 21.71 34.85 32.73
C VAL D 50 22.14 33.91 33.86
N HIS D 51 22.13 32.61 33.58
CA HIS D 51 22.20 31.51 34.56
C HIS D 51 23.59 30.89 34.54
N TYR D 52 24.20 30.68 35.70
CA TYR D 52 25.51 29.97 35.84
C TYR D 52 25.22 28.50 36.08
N CYS D 53 25.98 27.66 35.37
CA CYS D 53 25.95 26.19 35.49
C CYS D 53 27.32 25.73 35.99
N LYS D 54 27.34 25.09 37.17
CA LYS D 54 28.58 24.69 37.91
C LYS D 54 29.10 23.36 37.32
N ASP D 55 28.19 22.48 36.87
CA ASP D 55 28.45 21.07 36.51
C ASP D 55 27.82 20.77 35.15
N SER D 56 28.59 20.30 34.18
CA SER D 56 28.11 19.85 32.85
C SER D 56 29.17 18.95 32.19
N LEU D 57 28.83 18.34 31.07
CA LEU D 57 29.79 17.61 30.20
C LEU D 57 30.91 18.52 29.76
N PHE D 58 30.75 19.85 29.90
CA PHE D 58 31.65 20.86 29.28
C PHE D 58 32.24 21.79 30.34
N GLY D 59 32.13 21.45 31.62
CA GLY D 59 32.62 22.33 32.69
C GLY D 59 31.61 23.43 32.98
N PRO D 60 31.94 24.38 33.89
CA PRO D 60 31.04 25.50 34.19
C PRO D 60 30.94 26.45 32.99
N TYR D 61 29.77 27.09 32.82
CA TYR D 61 29.51 28.11 31.78
C TYR D 61 28.28 28.95 32.18
N TRP D 62 28.19 30.17 31.65
CA TRP D 62 26.98 31.04 31.71
C TRP D 62 26.06 30.74 30.53
N SER D 63 24.75 30.65 30.77
CA SER D 63 23.70 30.58 29.74
C SER D 63 23.07 31.95 29.56
N VAL D 64 23.20 32.56 28.38
CA VAL D 64 22.48 33.82 28.04
C VAL D 64 21.29 33.43 27.16
N THR D 65 20.08 33.63 27.65
CA THR D 65 18.85 32.98 27.12
C THR D 65 17.88 33.99 26.50
N LYS D 66 18.08 35.29 26.74
CA LYS D 66 17.15 36.35 26.23
C LYS D 66 17.82 37.05 25.03
N PHE D 67 16.99 37.38 24.03
CA PHE D 67 17.40 38.07 22.78
C PHE D 67 18.25 39.31 23.11
N LYS D 68 17.76 40.21 23.98
CA LYS D 68 18.44 41.48 24.36
C LYS D 68 19.86 41.19 24.88
N ASP D 69 20.00 40.18 25.74
CA ASP D 69 21.28 39.86 26.43
C ASP D 69 22.27 39.24 25.43
N ILE D 70 21.78 38.43 24.49
CA ILE D 70 22.60 37.84 23.40
C ILE D 70 23.12 38.98 22.53
N MET D 71 22.24 39.90 22.12
CA MET D 71 22.63 41.12 21.34
C MET D 71 23.78 41.84 22.06
N GLN D 72 23.64 42.00 23.37
CA GLN D 72 24.62 42.68 24.23
C GLN D 72 25.98 41.98 24.12
N VAL D 73 26.00 40.65 24.32
CA VAL D 73 27.25 39.85 24.22
C VAL D 73 27.85 39.97 22.82
N GLU D 74 27.03 39.79 21.78
CA GLU D 74 27.47 39.83 20.37
C GLU D 74 28.16 41.16 20.09
N THR D 75 27.63 42.28 20.61
CA THR D 75 28.09 43.63 20.22
C THR D 75 29.25 44.11 21.10
N HIS D 76 29.70 43.33 22.09
CA HIS D 76 30.88 43.70 22.93
C HIS D 76 31.98 42.63 22.82
N PRO D 77 32.59 42.46 21.62
CA PRO D 77 33.66 41.48 21.43
C PRO D 77 34.97 41.81 22.16
N GLU D 78 35.17 43.06 22.56
CA GLU D 78 36.36 43.49 23.34
C GLU D 78 36.26 42.93 24.77
N ILE D 79 35.06 42.60 25.24
CA ILE D 79 34.79 41.94 26.56
C ILE D 79 34.61 40.42 26.34
N PHE D 80 33.76 40.05 25.41
CA PHE D 80 33.36 38.65 25.11
C PHE D 80 34.10 38.18 23.84
N SER D 81 35.27 37.59 24.02
CA SER D 81 36.22 37.11 22.97
C SER D 81 35.73 35.82 22.28
N SER D 82 36.08 35.69 21.00
CA SER D 82 35.85 34.52 20.13
C SER D 82 37.18 33.78 19.92
N GLU D 83 38.28 34.25 20.51
CA GLU D 83 39.64 33.78 20.14
C GLU D 83 39.77 32.31 20.54
N GLY D 84 39.91 31.39 19.59
CA GLY D 84 40.33 30.02 19.93
C GLY D 84 39.20 29.03 20.03
N ASN D 85 37.99 29.44 20.38
CA ASN D 85 36.87 28.48 20.48
C ASN D 85 35.55 29.24 20.48
N ILE D 86 34.61 28.85 19.62
CA ILE D 86 33.28 29.51 19.55
C ILE D 86 32.19 28.47 19.81
N THR D 87 32.53 27.32 20.41
CA THR D 87 31.54 26.28 20.87
C THR D 87 31.71 26.03 22.38
N ILE D 88 30.76 25.34 22.98
CA ILE D 88 30.79 24.97 24.43
C ILE D 88 31.82 23.85 24.61
N MET D 89 32.22 23.16 23.54
CA MET D 89 32.98 21.88 23.59
C MET D 89 34.39 22.05 24.15
N GLU D 90 35.24 22.95 23.67
CA GLU D 90 36.68 23.00 24.10
C GLU D 90 37.49 22.02 23.21
N THR D 96 43.77 23.04 16.64
CA THR D 96 42.96 23.19 15.40
C THR D 96 43.59 24.25 14.49
N LEU D 97 43.12 24.35 13.25
CA LEU D 97 43.58 25.38 12.27
C LEU D 97 43.10 26.73 12.79
N PRO D 98 43.85 27.84 12.55
CA PRO D 98 43.34 29.18 12.82
C PRO D 98 42.13 29.49 11.92
N MET D 99 41.06 30.03 12.47
CA MET D 99 39.87 30.37 11.65
C MET D 99 39.29 31.70 12.09
N PHE D 100 38.87 32.54 11.13
CA PHE D 100 38.56 33.95 11.43
C PHE D 100 37.30 34.02 12.28
N ILE D 101 36.45 32.98 12.28
CA ILE D 101 35.26 32.94 13.19
C ILE D 101 35.75 32.93 14.63
N ALA D 102 36.91 32.30 14.87
CA ALA D 102 37.52 32.16 16.22
C ALA D 102 38.70 33.12 16.37
N MET D 103 38.48 34.38 16.00
CA MET D 103 39.49 35.46 16.08
C MET D 103 38.80 36.75 16.55
N ASP D 104 39.53 37.56 17.31
CA ASP D 104 39.08 38.92 17.71
C ASP D 104 39.57 39.89 16.66
N PRO D 105 39.05 41.12 16.60
CA PRO D 105 39.75 42.22 15.93
C PRO D 105 41.11 42.50 16.54
N PRO D 106 42.17 42.74 15.73
CA PRO D 106 42.02 43.20 14.36
C PRO D 106 42.02 42.13 13.25
N LYS D 107 42.64 40.97 13.50
CA LYS D 107 42.89 39.91 12.49
C LYS D 107 41.55 39.40 11.92
N HIS D 108 40.51 39.27 12.74
CA HIS D 108 39.18 38.83 12.25
C HIS D 108 38.70 39.79 11.16
N ASP D 109 38.77 41.09 11.42
CA ASP D 109 38.22 42.15 10.54
C ASP D 109 38.93 42.07 9.18
N VAL D 110 40.24 41.80 9.15
CA VAL D 110 41.01 41.79 7.87
C VAL D 110 40.54 40.59 7.05
N GLN D 111 40.43 39.43 7.69
CA GLN D 111 40.10 38.15 7.01
C GLN D 111 38.63 38.17 6.55
N ARG D 112 37.72 38.72 7.35
CA ARG D 112 36.28 38.82 6.98
C ARG D 112 36.15 39.71 5.74
N MET D 113 36.84 40.85 5.70
CA MET D 113 36.78 41.79 4.56
C MET D 113 37.23 41.05 3.28
N ALA D 114 38.24 40.20 3.38
CA ALA D 114 38.81 39.51 2.20
C ALA D 114 37.81 38.44 1.70
N VAL D 115 37.13 37.74 2.61
CA VAL D 115 36.33 36.53 2.26
C VAL D 115 34.90 36.91 1.88
N SER D 116 34.35 37.94 2.51
CA SER D 116 32.92 38.36 2.39
C SER D 116 32.49 38.41 0.92
N PRO D 117 33.24 39.06 0.00
CA PRO D 117 32.87 39.07 -1.43
C PRO D 117 32.79 37.69 -2.13
N ILE D 118 33.61 36.75 -1.68
CA ILE D 118 33.81 35.40 -2.28
C ILE D 118 32.49 34.63 -2.21
N VAL D 119 31.70 34.90 -1.17
CA VAL D 119 30.51 34.13 -0.74
C VAL D 119 29.25 35.00 -0.91
N ALA D 120 29.38 36.16 -1.56
CA ALA D 120 28.28 37.07 -1.91
C ALA D 120 27.62 36.52 -3.18
N PRO D 121 26.27 36.43 -3.21
CA PRO D 121 25.56 35.93 -4.38
C PRO D 121 25.85 36.70 -5.70
N GLU D 122 26.22 37.99 -5.57
CA GLU D 122 26.52 38.80 -6.78
C GLU D 122 27.77 38.22 -7.47
N ASN D 123 28.65 37.50 -6.76
CA ASN D 123 29.85 36.85 -7.33
C ASN D 123 29.57 35.42 -7.82
N LEU D 124 28.42 34.83 -7.47
CA LEU D 124 28.15 33.36 -7.65
C LEU D 124 27.04 33.09 -8.68
N ALA D 125 26.88 33.99 -9.64
CA ALA D 125 25.77 33.97 -10.64
C ALA D 125 25.80 32.66 -11.46
N LYS D 126 26.95 32.31 -12.05
CA LYS D 126 27.08 31.09 -12.91
C LYS D 126 26.74 29.83 -12.09
N LEU D 127 27.07 29.81 -10.79
CA LEU D 127 26.86 28.65 -9.90
C LEU D 127 25.39 28.54 -9.46
N GLU D 128 24.64 29.64 -9.36
CA GLU D 128 23.19 29.60 -9.03
C GLU D 128 22.44 28.71 -10.04
N GLY D 129 22.79 28.79 -11.33
CA GLY D 129 22.17 28.01 -12.42
C GLY D 129 22.48 26.53 -12.28
N LEU D 130 23.76 26.21 -12.01
CA LEU D 130 24.26 24.82 -11.80
C LEU D 130 23.57 24.21 -10.58
N ILE D 131 23.41 24.96 -9.50
CA ILE D 131 22.71 24.47 -8.27
C ILE D 131 21.25 24.16 -8.60
N ARG D 132 20.62 25.01 -9.41
CA ARG D 132 19.19 24.84 -9.78
C ARG D 132 19.02 23.54 -10.60
N GLU D 133 19.87 23.28 -11.60
CA GLU D 133 19.69 22.08 -12.47
C GLU D 133 20.03 20.83 -11.65
N ARG D 134 21.06 20.87 -10.81
CA ARG D 134 21.45 19.74 -9.93
C ARG D 134 20.32 19.45 -8.93
N THR D 135 19.72 20.47 -8.34
CA THR D 135 18.61 20.33 -7.37
C THR D 135 17.43 19.68 -8.09
N GLY D 136 17.04 20.21 -9.26
CA GLY D 136 15.99 19.64 -10.11
C GLY D 136 16.21 18.15 -10.35
N ARG D 137 17.42 17.75 -10.74
CA ARG D 137 17.75 16.35 -11.10
C ARG D 137 17.59 15.46 -9.84
N ALA D 138 17.95 15.97 -8.65
CA ALA D 138 17.94 15.19 -7.40
C ALA D 138 16.49 14.93 -6.99
N LEU D 139 15.63 15.94 -7.11
CA LEU D 139 14.18 15.81 -6.80
C LEU D 139 13.52 14.91 -7.83
N ASP D 140 13.91 14.98 -9.10
CA ASP D 140 13.37 14.12 -10.19
C ASP D 140 13.63 12.63 -9.85
N GLY D 141 14.69 12.33 -9.08
CA GLY D 141 15.07 10.95 -8.72
C GLY D 141 14.47 10.48 -7.39
N LEU D 142 13.61 11.27 -6.75
CA LEU D 142 12.99 10.88 -5.45
C LEU D 142 11.88 9.87 -5.70
N PRO D 143 11.73 8.86 -4.84
CA PRO D 143 10.60 7.93 -4.95
C PRO D 143 9.27 8.57 -4.55
N ILE D 144 8.19 8.21 -5.25
CA ILE D 144 6.81 8.77 -5.11
C ILE D 144 5.93 7.72 -4.42
N ASN D 145 5.09 8.11 -3.46
CA ASN D 145 4.05 7.23 -2.83
C ASN D 145 4.71 6.06 -2.09
N GLU D 146 5.91 6.30 -1.57
CA GLU D 146 6.77 5.35 -0.81
C GLU D 146 7.48 6.17 0.26
N THR D 147 7.47 5.71 1.52
CA THR D 147 8.24 6.35 2.62
C THR D 147 9.73 6.26 2.31
N PHE D 148 10.47 7.36 2.49
CA PHE D 148 11.95 7.45 2.42
C PHE D 148 12.43 8.40 3.51
N ASP D 149 13.74 8.36 3.76
CA ASP D 149 14.43 9.27 4.72
C ASP D 149 14.81 10.56 3.98
N TRP D 150 14.15 11.66 4.30
CA TRP D 150 14.37 12.99 3.69
C TRP D 150 15.82 13.43 3.93
N VAL D 151 16.36 13.16 5.10
CA VAL D 151 17.72 13.60 5.48
C VAL D 151 18.74 12.99 4.53
N LYS D 152 18.65 11.68 4.25
CA LYS D 152 19.61 10.96 3.36
C LYS D 152 19.40 11.42 1.90
N LEU D 153 18.14 11.44 1.41
CA LEU D 153 17.86 11.47 -0.05
C LEU D 153 17.75 12.91 -0.57
N VAL D 154 17.47 13.87 0.30
CA VAL D 154 17.37 15.32 -0.05
C VAL D 154 18.44 16.10 0.71
N SER D 155 18.32 16.25 2.03
CA SER D 155 19.09 17.25 2.83
C SER D 155 20.60 16.98 2.72
N ILE D 156 21.10 15.84 3.16
CA ILE D 156 22.54 15.52 3.03
C ILE D 156 22.93 15.58 1.54
N ASN D 157 22.12 14.94 0.69
CA ASN D 157 22.38 14.77 -0.78
C ASN D 157 22.55 16.15 -1.43
N LEU D 158 21.56 17.03 -1.33
CA LEU D 158 21.56 18.35 -2.02
C LEU D 158 22.60 19.30 -1.41
N THR D 159 22.70 19.40 -0.08
CA THR D 159 23.64 20.37 0.56
C THR D 159 25.07 19.97 0.19
N THR D 160 25.36 18.67 0.18
CA THR D 160 26.70 18.15 -0.23
C THR D 160 26.92 18.47 -1.71
N GLN D 161 25.92 18.18 -2.55
CA GLN D 161 25.98 18.42 -4.02
C GLN D 161 26.19 19.93 -4.20
N MET D 162 25.44 20.79 -3.50
CA MET D 162 25.54 22.27 -3.60
C MET D 162 26.96 22.72 -3.29
N LEU D 163 27.53 22.22 -2.20
CA LEU D 163 28.88 22.64 -1.74
C LEU D 163 29.91 22.14 -2.73
N ALA D 164 29.77 20.90 -3.22
CA ALA D 164 30.67 20.33 -4.24
C ALA D 164 30.70 21.27 -5.45
N THR D 165 29.55 21.79 -5.90
CA THR D 165 29.52 22.69 -7.07
C THR D 165 30.17 24.01 -6.71
N LEU D 166 29.84 24.60 -5.56
CA LEU D 166 30.42 25.91 -5.09
C LEU D 166 31.95 25.84 -5.11
N PHE D 167 32.51 24.70 -4.67
CA PHE D 167 33.97 24.54 -4.44
C PHE D 167 34.60 23.77 -5.60
N ASP D 168 33.81 23.35 -6.60
CA ASP D 168 34.20 22.39 -7.66
C ASP D 168 35.06 21.29 -7.04
N PHE D 169 34.46 20.62 -6.06
CA PHE D 169 35.07 19.52 -5.29
C PHE D 169 34.94 18.25 -6.13
N PRO D 170 36.01 17.44 -6.28
CA PRO D 170 35.91 16.19 -7.04
C PRO D 170 34.65 15.41 -6.65
N TRP D 171 33.71 15.31 -7.58
CA TRP D 171 32.32 14.86 -7.33
C TRP D 171 32.31 13.46 -6.71
N GLU D 172 33.20 12.56 -7.13
CA GLU D 172 33.21 11.15 -6.63
C GLU D 172 33.59 11.16 -5.14
N ASP D 173 34.30 12.18 -4.66
CA ASP D 173 34.78 12.29 -3.25
C ASP D 173 33.85 13.18 -2.40
N ARG D 174 32.68 13.57 -2.89
CA ARG D 174 31.88 14.66 -2.29
C ARG D 174 31.46 14.29 -0.86
N ALA D 175 31.26 13.01 -0.55
CA ALA D 175 30.80 12.57 0.77
C ALA D 175 31.84 12.93 1.83
N LYS D 176 33.11 13.09 1.46
CA LYS D 176 34.20 13.53 2.38
C LYS D 176 33.84 14.89 3.00
N LEU D 177 33.13 15.77 2.28
CA LEU D 177 32.68 17.08 2.81
C LEU D 177 31.73 16.87 3.99
N THR D 178 30.75 16.00 3.85
CA THR D 178 29.78 15.63 4.91
C THR D 178 30.53 15.06 6.12
N ARG D 179 31.54 14.24 5.88
CA ARG D 179 32.31 13.58 6.96
C ARG D 179 33.07 14.66 7.74
N TRP D 180 33.84 15.50 7.06
CA TRP D 180 34.68 16.57 7.67
C TRP D 180 33.79 17.51 8.46
N SER D 181 32.60 17.82 7.93
CA SER D 181 31.59 18.67 8.59
C SER D 181 31.19 18.04 9.92
N ASP D 182 30.87 16.75 9.91
CA ASP D 182 30.41 15.98 11.09
C ASP D 182 31.55 15.92 12.11
N VAL D 183 32.77 15.64 11.66
CA VAL D 183 33.99 15.52 12.51
C VAL D 183 34.28 16.87 13.19
N ALA D 184 34.07 17.98 12.51
CA ALA D 184 34.45 19.33 13.01
C ALA D 184 33.63 19.68 14.25
N THR D 185 32.36 19.27 14.30
CA THR D 185 31.38 19.71 15.34
C THR D 185 31.11 18.62 16.40
N ALA D 186 31.45 17.36 16.15
CA ALA D 186 31.05 16.18 16.95
C ALA D 186 31.54 16.26 18.38
N LEU D 187 30.74 15.77 19.32
CA LEU D 187 31.21 15.40 20.70
C LEU D 187 32.00 14.09 20.55
N VAL D 188 33.07 13.91 21.32
CA VAL D 188 33.84 12.63 21.34
C VAL D 188 32.91 11.52 21.86
N GLY D 189 32.91 10.34 21.23
CA GLY D 189 32.20 9.13 21.70
C GLY D 189 30.71 9.15 21.45
N THR D 190 30.24 9.91 20.48
CA THR D 190 28.81 10.03 20.10
C THR D 190 28.56 9.29 18.78
N GLY D 191 29.59 8.68 18.18
CA GLY D 191 29.42 7.84 16.99
C GLY D 191 29.94 8.46 15.70
N ILE D 192 30.58 9.62 15.81
CA ILE D 192 31.32 10.22 14.64
C ILE D 192 32.81 9.92 14.81
N ILE D 193 33.39 10.37 15.93
CA ILE D 193 34.84 10.14 16.23
C ILE D 193 34.94 9.59 17.65
N ASP D 194 35.97 8.76 17.85
CA ASP D 194 36.09 7.86 19.03
C ASP D 194 37.05 8.47 20.06
N SER D 195 37.86 9.45 19.65
CA SER D 195 38.91 10.13 20.44
C SER D 195 39.32 11.43 19.72
N GLU D 196 40.01 12.31 20.43
CA GLU D 196 40.55 13.56 19.86
C GLU D 196 41.66 13.23 18.87
N GLU D 197 42.42 12.16 19.08
CA GLU D 197 43.51 11.72 18.18
C GLU D 197 42.89 11.40 16.81
N GLN D 198 41.73 10.75 16.77
CA GLN D 198 40.98 10.40 15.52
C GLN D 198 40.43 11.69 14.88
N ARG D 199 39.91 12.61 15.68
CA ARG D 199 39.41 13.93 15.16
C ARG D 199 40.56 14.62 14.39
N MET D 200 41.74 14.71 15.00
CA MET D 200 42.89 15.45 14.39
C MET D 200 43.47 14.63 13.21
N GLU D 201 43.42 13.30 13.26
CA GLU D 201 43.85 12.43 12.14
C GLU D 201 42.98 12.72 10.90
N GLU D 202 41.65 12.75 11.06
CA GLU D 202 40.70 12.94 9.94
C GLU D 202 40.82 14.36 9.42
N LEU D 203 41.09 15.34 10.28
CA LEU D 203 41.22 16.76 9.86
C LEU D 203 42.57 16.95 9.16
N LYS D 204 43.59 16.15 9.49
CA LYS D 204 44.92 16.17 8.80
C LYS D 204 44.69 15.83 7.33
N GLY D 205 43.81 14.86 7.06
CA GLY D 205 43.43 14.41 5.70
C GLY D 205 42.69 15.49 4.96
N CYS D 206 41.91 16.31 5.66
CA CYS D 206 41.14 17.44 5.10
C CYS D 206 42.14 18.52 4.66
N VAL D 207 43.09 18.88 5.51
CA VAL D 207 44.13 19.92 5.21
C VAL D 207 44.97 19.43 4.02
N GLN D 208 45.38 18.17 4.02
CA GLN D 208 46.16 17.54 2.93
C GLN D 208 45.38 17.62 1.61
N TYR D 209 44.13 17.18 1.61
CA TYR D 209 43.23 17.17 0.42
C TYR D 209 43.07 18.59 -0.12
N MET D 210 42.73 19.57 0.73
CA MET D 210 42.42 20.96 0.32
C MET D 210 43.70 21.64 -0.19
N THR D 211 44.87 21.24 0.34
CA THR D 211 46.18 21.80 -0.07
C THR D 211 46.44 21.39 -1.54
N ARG D 212 46.21 20.11 -1.88
CA ARG D 212 46.34 19.58 -3.25
C ARG D 212 45.42 20.41 -4.17
N LEU D 213 44.16 20.68 -3.78
CA LEU D 213 43.17 21.44 -4.60
C LEU D 213 43.67 22.87 -4.83
N TRP D 214 44.17 23.49 -3.76
CA TRP D 214 44.74 24.85 -3.83
C TRP D 214 45.90 24.87 -4.84
N ASN D 215 46.86 23.94 -4.72
CA ASN D 215 48.05 23.89 -5.61
C ASN D 215 47.62 23.72 -7.07
N GLU D 216 46.55 22.98 -7.36
CA GLU D 216 46.05 22.74 -8.75
C GLU D 216 45.42 24.01 -9.31
N ARG D 217 45.02 24.97 -8.46
CA ARG D 217 44.15 26.09 -8.91
C ARG D 217 44.84 27.44 -8.79
N VAL D 218 45.92 27.56 -8.03
CA VAL D 218 46.61 28.86 -7.78
C VAL D 218 47.43 29.26 -9.02
N VAL D 220 47.17 28.66 -12.21
CA VAL D 220 46.36 28.47 -13.45
C VAL D 220 45.31 29.57 -13.49
N PRO D 221 44.78 29.97 -14.67
CA PRO D 221 43.66 30.91 -14.75
C PRO D 221 42.48 30.52 -13.84
N PRO D 222 41.92 31.46 -13.06
CA PRO D 222 40.83 31.15 -12.12
C PRO D 222 39.64 30.44 -12.79
N GLY D 223 39.21 29.34 -12.18
CA GLY D 223 37.93 28.65 -12.47
C GLY D 223 36.77 29.33 -11.77
N ASN D 224 35.54 28.94 -12.12
CA ASN D 224 34.30 29.48 -11.51
C ASN D 224 33.99 28.62 -10.27
N ASP D 225 34.75 28.79 -9.20
CA ASP D 225 34.66 27.98 -7.96
C ASP D 225 35.35 28.77 -6.84
N LEU D 226 34.92 28.57 -5.59
CA LEU D 226 35.35 29.41 -4.45
C LEU D 226 36.84 29.20 -4.16
N ILE D 227 37.40 28.02 -4.39
CA ILE D 227 38.85 27.76 -4.11
C ILE D 227 39.69 28.59 -5.08
N SER D 228 39.28 28.65 -6.34
CA SER D 228 39.94 29.46 -7.40
C SER D 228 39.86 30.94 -7.04
N MET D 229 38.65 31.41 -6.71
CA MET D 229 38.39 32.83 -6.40
C MET D 229 39.29 33.25 -5.23
N MET D 230 39.42 32.39 -4.21
CA MET D 230 40.22 32.66 -3.00
C MET D 230 41.72 32.64 -3.33
N ALA D 231 42.16 31.68 -4.11
CA ALA D 231 43.59 31.50 -4.48
C ALA D 231 44.08 32.66 -5.36
N HIS D 232 43.17 33.37 -6.05
CA HIS D 232 43.48 34.52 -6.96
C HIS D 232 43.02 35.86 -6.39
N THR D 233 42.81 35.99 -5.08
CA THR D 233 42.49 37.29 -4.44
C THR D 233 43.76 37.76 -3.72
N GLU D 234 44.34 38.87 -4.22
CA GLU D 234 45.60 39.50 -3.73
C GLU D 234 45.61 39.62 -2.20
N SER D 235 44.48 39.91 -1.56
CA SER D 235 44.33 40.13 -0.10
C SER D 235 44.61 38.86 0.73
N MET D 236 44.72 37.68 0.10
CA MET D 236 44.90 36.39 0.80
C MET D 236 46.31 35.83 0.61
N ARG D 237 47.20 36.60 -0.01
CA ARG D 237 48.68 36.49 0.15
C ARG D 237 49.11 36.84 1.59
N ASN D 238 48.35 37.68 2.33
CA ASN D 238 48.65 38.12 3.72
C ASN D 238 48.34 37.01 4.76
N MET D 239 47.37 36.14 4.49
CA MET D 239 47.14 34.89 5.25
C MET D 239 48.39 33.99 5.13
N THR D 240 48.84 33.35 6.21
CA THR D 240 49.77 32.17 6.17
C THR D 240 49.04 31.01 5.52
N PRO D 241 49.71 29.99 4.95
CA PRO D 241 49.03 28.79 4.47
C PRO D 241 48.10 28.14 5.51
N GLU D 242 48.47 28.18 6.81
CA GLU D 242 47.63 27.60 7.90
C GLU D 242 46.33 28.42 8.00
N GLU D 243 46.43 29.76 8.00
CA GLU D 243 45.26 30.68 8.07
C GLU D 243 44.39 30.50 6.83
N PHE D 244 45.00 30.44 5.64
CA PHE D 244 44.30 30.24 4.35
C PHE D 244 43.50 28.94 4.43
N LEU D 245 44.14 27.87 4.88
CA LEU D 245 43.51 26.52 4.94
C LEU D 245 42.39 26.55 5.98
N GLY D 246 42.62 27.21 7.12
CA GLY D 246 41.60 27.32 8.18
C GLY D 246 40.34 27.98 7.66
N ASN D 247 40.46 29.09 6.94
CA ASN D 247 39.31 29.82 6.35
C ASN D 247 38.67 28.97 5.24
N LEU D 248 39.48 28.26 4.45
CA LEU D 248 38.95 27.33 3.43
C LEU D 248 38.02 26.32 4.11
N ILE D 249 38.50 25.64 5.14
CA ILE D 249 37.75 24.53 5.81
C ILE D 249 36.53 25.15 6.53
N LEU D 250 36.65 26.37 7.04
CA LEU D 250 35.51 27.05 7.69
C LEU D 250 34.41 27.25 6.66
N LEU D 251 34.73 27.68 5.44
CA LEU D 251 33.72 27.92 4.39
C LEU D 251 33.09 26.59 3.99
N ILE D 252 33.87 25.53 3.89
CA ILE D 252 33.38 24.18 3.48
C ILE D 252 32.48 23.60 4.59
N VAL D 253 32.90 23.63 5.85
CA VAL D 253 32.09 23.07 6.97
C VAL D 253 30.90 24.00 7.25
N GLY D 254 31.10 25.30 7.15
CA GLY D 254 30.17 26.31 7.68
C GLY D 254 28.80 26.21 7.06
N GLY D 255 28.72 25.99 5.76
CA GLY D 255 27.45 25.95 5.01
C GLY D 255 26.85 24.56 4.88
N ASN D 256 27.38 23.56 5.55
CA ASN D 256 26.96 22.16 5.29
C ASN D 256 25.81 21.76 6.21
N ASP D 257 26.13 21.51 7.47
CA ASP D 257 25.16 21.03 8.49
C ASP D 257 24.03 22.04 8.70
N THR D 258 24.31 23.34 8.57
CA THR D 258 23.29 24.38 8.83
C THR D 258 22.20 24.35 7.74
N THR D 259 22.62 24.40 6.49
CA THR D 259 21.75 24.32 5.30
C THR D 259 20.96 23.02 5.37
N ARG D 260 21.67 21.93 5.62
CA ARG D 260 21.07 20.58 5.72
C ARG D 260 19.91 20.56 6.70
N ASN D 261 20.14 21.05 7.92
CA ASN D 261 19.12 21.00 8.99
C ASN D 261 18.01 21.98 8.68
N SER D 262 18.30 23.08 7.98
CA SER D 262 17.27 24.05 7.52
C SER D 262 16.39 23.39 6.45
N MET D 263 16.99 22.63 5.56
CA MET D 263 16.30 21.92 4.46
C MET D 263 15.31 20.92 5.07
N THR D 264 15.75 20.13 6.04
CA THR D 264 14.89 19.14 6.76
C THR D 264 13.86 19.87 7.60
N GLY D 265 14.30 20.89 8.37
CA GLY D 265 13.48 21.65 9.32
C GLY D 265 12.21 22.19 8.69
N GLY D 266 12.31 22.78 7.50
CA GLY D 266 11.17 23.43 6.81
C GLY D 266 10.06 22.45 6.51
N VAL D 267 10.41 21.26 6.02
CA VAL D 267 9.44 20.17 5.70
C VAL D 267 8.69 19.86 6.99
N LEU D 268 9.42 19.70 8.09
CA LEU D 268 8.80 19.33 9.38
C LEU D 268 7.86 20.46 9.81
N ALA D 269 8.30 21.72 9.74
CA ALA D 269 7.55 22.91 10.19
C ALA D 269 6.25 23.06 9.38
N LEU D 270 6.30 22.83 8.07
CA LEU D 270 5.09 22.95 7.21
C LEU D 270 4.09 21.85 7.56
N ASN D 271 4.56 20.65 7.95
CA ASN D 271 3.69 19.50 8.29
C ASN D 271 3.06 19.71 9.68
N GLU D 272 3.76 20.27 10.64
CA GLU D 272 3.22 20.56 11.99
C GLU D 272 2.25 21.73 11.92
N ASN D 273 2.28 22.53 10.84
CA ASN D 273 1.46 23.77 10.69
C ASN D 273 0.77 23.77 9.33
N PRO D 274 -0.30 22.96 9.14
CA PRO D 274 -0.87 22.74 7.82
C PRO D 274 -1.44 24.04 7.21
N ASP D 275 -1.86 24.97 8.07
CA ASP D 275 -2.38 26.31 7.68
C ASP D 275 -1.31 27.06 6.88
N GLU D 276 -0.04 26.97 7.30
CA GLU D 276 1.10 27.66 6.64
C GLU D 276 1.41 26.98 5.32
N TYR D 277 1.37 25.64 5.27
CA TYR D 277 1.57 24.84 4.03
C TYR D 277 0.51 25.30 3.03
N ARG D 278 -0.73 25.53 3.50
CA ARG D 278 -1.86 25.99 2.64
C ARG D 278 -1.53 27.37 2.06
N LYS D 279 -1.14 28.34 2.90
CA LYS D 279 -0.77 29.72 2.49
C LYS D 279 0.35 29.67 1.44
N LEU D 280 1.36 28.83 1.68
CA LEU D 280 2.57 28.69 0.80
C LEU D 280 2.13 28.25 -0.61
N CYS D 281 1.29 27.24 -0.70
CA CYS D 281 0.85 26.65 -1.99
C CYS D 281 -0.09 27.62 -2.73
N ALA D 282 -0.93 28.35 -2.00
CA ALA D 282 -1.79 29.43 -2.52
C ALA D 282 -0.92 30.54 -3.12
N ASN D 283 0.24 30.84 -2.52
CA ASN D 283 1.11 32.01 -2.88
C ASN D 283 2.59 31.63 -2.80
N PRO D 284 3.15 30.90 -3.79
CA PRO D 284 4.57 30.52 -3.77
C PRO D 284 5.59 31.67 -3.65
N ALA D 285 5.15 32.91 -3.76
CA ALA D 285 5.99 34.10 -3.57
C ALA D 285 6.38 34.22 -2.08
N LEU D 286 5.65 33.54 -1.19
CA LEU D 286 5.92 33.56 0.28
C LEU D 286 7.23 32.85 0.63
N ILE D 287 7.85 32.15 -0.33
CA ILE D 287 9.19 31.52 -0.13
C ILE D 287 10.15 32.61 0.36
N ALA D 288 10.02 33.83 -0.15
CA ALA D 288 10.85 34.99 0.22
C ALA D 288 10.84 35.21 1.74
N SER D 289 9.67 35.12 2.39
CA SER D 289 9.48 35.37 3.84
C SER D 289 9.51 34.06 4.63
N MET D 290 9.33 32.90 3.97
CA MET D 290 9.30 31.58 4.63
C MET D 290 10.74 31.17 4.98
N VAL D 291 11.69 31.36 4.05
CA VAL D 291 13.08 30.87 4.21
C VAL D 291 13.70 31.44 5.49
N PRO D 292 13.66 32.76 5.74
CA PRO D 292 14.15 33.30 7.00
C PRO D 292 13.43 32.72 8.22
N GLU D 293 12.13 32.46 8.12
CA GLU D 293 11.33 31.92 9.24
C GLU D 293 11.78 30.47 9.50
N ILE D 294 12.04 29.68 8.46
CA ILE D 294 12.55 28.29 8.59
C ILE D 294 13.84 28.35 9.42
N VAL D 295 14.71 29.33 9.09
CA VAL D 295 16.05 29.44 9.70
C VAL D 295 15.91 29.87 11.15
N ARG D 296 14.95 30.73 11.49
CA ARG D 296 14.65 31.11 12.90
C ARG D 296 14.12 29.88 13.65
N TRP D 297 13.09 29.28 13.08
CA TRP D 297 12.36 28.14 13.69
C TRP D 297 13.36 27.02 13.98
N GLN D 298 14.19 26.66 13.01
CA GLN D 298 15.18 25.57 13.12
C GLN D 298 16.31 25.96 14.09
N THR D 299 16.85 27.17 14.00
CA THR D 299 18.07 27.61 14.72
C THR D 299 19.12 26.52 14.60
N PRO D 300 19.63 26.23 13.38
CA PRO D 300 20.46 25.07 13.13
C PRO D 300 21.74 24.98 13.99
N LEU D 301 22.30 26.14 14.37
CA LEU D 301 23.34 26.22 15.43
C LEU D 301 22.67 26.80 16.68
N ALA D 302 22.44 25.95 17.68
CA ALA D 302 21.68 26.27 18.90
C ALA D 302 22.40 27.37 19.68
N HIS D 303 23.71 27.50 19.54
CA HIS D 303 24.50 28.49 20.31
C HIS D 303 25.80 28.85 19.62
N MET D 304 26.40 29.92 20.13
CA MET D 304 27.81 30.29 19.91
C MET D 304 28.39 30.72 21.25
N ARG D 305 29.68 30.49 21.44
CA ARG D 305 30.36 30.60 22.75
C ARG D 305 31.26 31.83 22.71
N ARG D 306 31.44 32.47 23.85
CA ARG D 306 32.47 33.50 24.05
C ARG D 306 33.25 33.19 25.33
N THR D 307 34.39 33.84 25.51
CA THR D 307 35.16 33.79 26.77
C THR D 307 35.32 35.23 27.23
N ALA D 308 34.89 35.54 28.46
CA ALA D 308 35.08 36.88 29.08
C ALA D 308 36.58 37.17 29.24
N LEU D 309 37.05 38.32 28.74
CA LEU D 309 38.47 38.76 28.82
C LEU D 309 38.70 39.54 30.13
N GLN D 310 37.66 40.13 30.71
CA GLN D 310 37.69 40.85 32.00
C GLN D 310 36.45 40.46 32.82
N ASP D 311 36.46 40.66 34.14
CA ASP D 311 35.25 40.68 35.00
C ASP D 311 34.27 41.68 34.38
N THR D 312 32.99 41.36 34.33
CA THR D 312 31.94 42.19 33.69
C THR D 312 30.57 41.82 34.27
N GLU D 313 29.55 42.63 34.02
CA GLU D 313 28.16 42.41 34.48
C GLU D 313 27.30 42.22 33.23
N LEU D 314 26.39 41.25 33.28
CA LEU D 314 25.39 40.95 32.21
C LEU D 314 24.11 40.55 32.93
N GLY D 315 23.01 41.25 32.69
CA GLY D 315 21.71 41.01 33.36
C GLY D 315 21.87 40.88 34.87
N GLY D 316 22.68 41.76 35.47
CA GLY D 316 22.88 41.87 36.92
C GLY D 316 23.74 40.77 37.51
N LYS D 317 24.43 39.98 36.68
CA LYS D 317 25.28 38.85 37.14
C LYS D 317 26.75 39.20 36.91
N SER D 318 27.60 38.75 37.83
CA SER D 318 29.06 38.98 37.84
C SER D 318 29.74 37.82 37.10
N ILE D 319 30.14 38.06 35.85
CA ILE D 319 30.88 37.10 34.99
C ILE D 319 32.36 37.36 35.21
N ARG D 320 33.14 36.30 35.47
CA ARG D 320 34.56 36.37 35.84
C ARG D 320 35.44 36.23 34.60
N LYS D 321 36.62 36.82 34.66
CA LYS D 321 37.67 36.71 33.63
C LYS D 321 37.83 35.19 33.37
N GLY D 322 37.81 34.80 32.11
CA GLY D 322 38.05 33.40 31.72
C GLY D 322 36.79 32.54 31.72
N ASP D 323 35.66 33.08 32.17
CA ASP D 323 34.36 32.38 32.15
C ASP D 323 33.90 32.16 30.70
N LYS D 324 33.33 30.99 30.47
CA LYS D 324 32.68 30.59 29.20
C LYS D 324 31.26 31.11 29.21
N VAL D 325 30.90 31.90 28.20
CA VAL D 325 29.56 32.56 28.06
C VAL D 325 28.88 32.00 26.82
N ILE D 326 27.71 31.41 26.97
CA ILE D 326 27.00 30.69 25.88
C ILE D 326 25.77 31.50 25.48
N MET D 327 25.77 31.97 24.24
CA MET D 327 24.62 32.69 23.62
C MET D 327 23.70 31.63 23.03
N TRP D 328 22.60 31.32 23.72
CA TRP D 328 21.66 30.26 23.30
C TRP D 328 20.66 30.87 22.31
N TYR D 329 21.05 30.94 21.05
CA TYR D 329 20.20 31.37 19.92
C TYR D 329 18.86 30.62 19.94
N VAL D 330 18.88 29.34 20.29
CA VAL D 330 17.67 28.47 20.30
C VAL D 330 16.65 29.08 21.28
N SER D 331 17.14 29.69 22.36
CA SER D 331 16.29 30.34 23.40
C SER D 331 15.90 31.75 22.92
N GLY D 332 16.87 32.53 22.43
CA GLY D 332 16.66 33.90 21.95
C GLY D 332 15.63 33.94 20.84
N ASN D 333 15.59 32.95 19.97
CA ASN D 333 14.66 32.94 18.82
C ASN D 333 13.25 32.57 19.29
N ARG D 334 13.10 32.18 20.56
CA ARG D 334 11.79 31.85 21.18
C ARG D 334 11.47 32.89 22.28
N ASP D 335 12.17 34.02 22.32
CA ASP D 335 11.98 35.08 23.34
C ASP D 335 10.77 35.94 22.94
N PRO D 336 9.64 35.92 23.70
CA PRO D 336 8.45 36.69 23.34
C PRO D 336 8.64 38.20 23.52
N GLU D 337 9.64 38.62 24.28
CA GLU D 337 10.04 40.04 24.41
C GLU D 337 10.54 40.59 23.06
N ALA D 338 11.09 39.73 22.19
CA ALA D 338 11.75 40.12 20.93
C ALA D 338 10.87 39.78 19.71
N ILE D 339 10.17 38.66 19.75
CA ILE D 339 9.43 38.12 18.57
C ILE D 339 8.00 37.81 19.03
N GLU D 340 7.00 38.38 18.34
CA GLU D 340 5.56 38.14 18.60
C GLU D 340 5.28 36.67 18.32
N ASN D 341 4.62 35.97 19.24
CA ASN D 341 4.12 34.58 19.02
C ASN D 341 5.31 33.71 18.57
N PRO D 342 6.40 33.65 19.37
CA PRO D 342 7.66 33.08 18.90
C PRO D 342 7.66 31.55 18.73
N ASP D 343 6.67 30.85 19.28
CA ASP D 343 6.59 29.36 19.21
C ASP D 343 5.75 28.95 18.00
N ALA D 344 5.20 29.91 17.27
CA ALA D 344 4.46 29.66 16.00
C ALA D 344 5.42 29.81 14.81
N PHE D 345 5.25 28.93 13.84
CA PHE D 345 5.80 29.02 12.49
C PHE D 345 4.82 29.86 11.65
N ILE D 346 5.20 31.10 11.33
CA ILE D 346 4.43 32.02 10.45
C ILE D 346 5.31 32.42 9.26
N ILE D 347 4.89 32.10 8.04
CA ILE D 347 5.77 32.22 6.84
C ILE D 347 5.63 33.61 6.22
N ASP D 348 4.77 34.47 6.78
CA ASP D 348 4.51 35.84 6.24
C ASP D 348 4.65 36.88 7.35
N ARG D 349 5.63 36.72 8.22
CA ARG D 349 5.96 37.76 9.25
C ARG D 349 6.38 39.05 8.52
N ALA D 350 6.12 40.20 9.10
CA ALA D 350 6.43 41.53 8.54
C ALA D 350 7.97 41.71 8.42
N LYS D 351 8.70 41.36 9.47
CA LYS D 351 10.18 41.46 9.58
C LYS D 351 10.68 40.04 9.89
N PRO D 352 10.71 39.13 8.90
CA PRO D 352 11.05 37.73 9.14
C PRO D 352 12.55 37.47 9.33
N ARG D 353 13.38 38.47 9.06
CA ARG D 353 14.84 38.45 9.27
C ARG D 353 15.19 38.89 10.70
N HIS D 354 14.20 39.14 11.56
CA HIS D 354 14.43 39.53 12.97
C HIS D 354 14.62 38.26 13.81
N HIS D 355 15.85 37.72 13.79
CA HIS D 355 16.23 36.51 14.55
C HIS D 355 17.74 36.48 14.71
N LEU D 356 18.25 35.51 15.47
CA LEU D 356 19.66 35.40 15.91
C LEU D 356 20.34 34.20 15.26
N SER D 357 19.65 33.51 14.34
CA SER D 357 20.16 32.23 13.77
C SER D 357 21.49 32.45 13.06
N PHE D 358 21.71 33.64 12.47
CA PHE D 358 22.96 34.02 11.78
C PHE D 358 23.84 34.83 12.74
N GLY D 359 23.49 34.85 14.02
CA GLY D 359 24.13 35.74 15.00
C GLY D 359 23.90 37.20 14.68
N PHE D 360 24.78 38.06 15.16
CA PHE D 360 24.68 39.53 15.06
C PHE D 360 26.08 40.12 15.28
N GLY D 361 26.35 41.29 14.71
CA GLY D 361 27.56 42.07 15.01
C GLY D 361 28.66 41.73 14.06
N ILE D 362 29.91 41.80 14.51
CA ILE D 362 31.09 41.69 13.59
C ILE D 362 31.22 40.27 13.04
N HIS D 363 30.68 39.26 13.71
CA HIS D 363 30.76 37.85 13.25
C HIS D 363 29.48 37.41 12.54
N ARG D 364 28.49 38.28 12.37
CA ARG D 364 27.21 37.93 11.69
C ARG D 364 27.53 37.12 10.44
N CYS D 365 26.87 35.98 10.25
CA CYS D 365 27.19 34.98 9.21
C CYS D 365 27.43 35.66 7.87
N VAL D 366 28.61 35.44 7.31
CA VAL D 366 29.06 36.00 6.01
C VAL D 366 28.36 35.23 4.87
N GLY D 367 27.93 34.01 5.13
CA GLY D 367 27.29 33.13 4.14
C GLY D 367 25.77 33.19 4.16
N ASN D 368 25.19 34.09 4.92
CA ASN D 368 23.72 34.14 5.15
C ASN D 368 22.88 34.27 3.87
N ARG D 369 23.31 35.07 2.90
CA ARG D 369 22.54 35.30 1.67
C ARG D 369 22.70 34.11 0.73
N LEU D 370 23.79 33.39 0.85
CA LEU D 370 24.09 32.19 0.04
C LEU D 370 23.27 31.03 0.59
N ALA D 371 23.17 30.94 1.91
CA ALA D 371 22.34 29.93 2.61
C ALA D 371 20.87 30.12 2.23
N GLU D 372 20.36 31.34 2.29
CA GLU D 372 18.97 31.67 1.93
C GLU D 372 18.73 31.37 0.45
N LEU D 373 19.72 31.64 -0.40
CA LEU D 373 19.64 31.35 -1.88
C LEU D 373 19.47 29.83 -2.09
N GLN D 374 20.27 28.99 -1.45
CA GLN D 374 20.21 27.51 -1.54
C GLN D 374 18.80 27.05 -1.13
N LEU D 375 18.25 27.60 -0.04
CA LEU D 375 16.94 27.18 0.52
C LEU D 375 15.78 27.66 -0.37
N ARG D 376 15.83 28.87 -0.88
CA ARG D 376 14.84 29.41 -1.85
C ARG D 376 14.81 28.47 -3.06
N ILE D 377 15.96 28.10 -3.63
CA ILE D 377 15.99 27.30 -4.89
C ILE D 377 15.35 25.92 -4.62
N VAL D 378 15.67 25.28 -3.49
CA VAL D 378 15.07 23.98 -3.12
C VAL D 378 13.53 24.12 -3.10
N TRP D 379 13.00 25.13 -2.41
CA TRP D 379 11.54 25.30 -2.25
C TRP D 379 10.86 25.66 -3.59
N GLU D 380 11.49 26.48 -4.43
CA GLU D 380 11.02 26.76 -5.81
C GLU D 380 10.91 25.43 -6.57
N GLU D 381 11.97 24.64 -6.62
CA GLU D 381 12.04 23.36 -7.38
C GLU D 381 11.09 22.33 -6.76
N LEU D 382 10.90 22.35 -5.44
CA LEU D 382 9.92 21.44 -4.76
C LEU D 382 8.49 21.79 -5.24
N LEU D 383 8.16 23.08 -5.28
CA LEU D 383 6.77 23.53 -5.57
C LEU D 383 6.47 23.39 -7.07
N LYS D 384 7.48 23.46 -7.96
CA LYS D 384 7.28 23.28 -9.43
C LYS D 384 6.80 21.84 -9.70
N ARG D 385 7.22 20.87 -8.86
CA ARG D 385 6.96 19.42 -9.03
C ARG D 385 5.73 19.00 -8.23
N TRP D 386 5.59 19.51 -6.99
CA TRP D 386 4.53 19.12 -6.03
C TRP D 386 3.94 20.39 -5.41
N PRO D 387 3.01 21.05 -6.12
CA PRO D 387 2.51 22.37 -5.73
C PRO D 387 1.33 22.40 -4.75
N ASN D 388 0.74 21.25 -4.43
CA ASN D 388 -0.52 21.21 -3.63
C ASN D 388 -0.18 20.96 -2.17
N PRO D 389 -0.99 21.50 -1.23
CA PRO D 389 -0.71 21.34 0.19
C PRO D 389 -0.86 19.86 0.59
N GLY D 390 0.02 19.38 1.48
CA GLY D 390 0.04 17.99 1.96
C GLY D 390 0.87 17.04 1.10
N GLN D 391 1.34 17.46 -0.09
CA GLN D 391 2.00 16.51 -1.04
C GLN D 391 3.33 16.01 -0.45
N ILE D 392 4.14 16.88 0.15
CA ILE D 392 5.38 16.46 0.85
C ILE D 392 4.99 16.22 2.31
N GLU D 393 4.81 14.97 2.72
CA GLU D 393 4.16 14.63 4.01
C GLU D 393 5.17 13.87 4.88
N VAL D 394 5.22 14.27 6.15
CA VAL D 394 6.00 13.59 7.23
C VAL D 394 5.12 12.47 7.76
N VAL D 395 5.65 11.24 7.81
CA VAL D 395 4.90 9.98 8.12
C VAL D 395 5.61 9.26 9.26
N GLY D 396 6.27 9.99 10.16
CA GLY D 396 7.00 9.45 11.30
C GLY D 396 7.74 10.54 12.07
N ALA D 397 8.04 10.34 13.33
CA ALA D 397 8.79 11.32 14.15
C ALA D 397 10.22 11.36 13.64
N PRO D 398 10.87 12.53 13.68
CA PRO D 398 12.28 12.63 13.29
C PRO D 398 13.18 12.06 14.41
N GLU D 399 14.37 11.60 14.07
CA GLU D 399 15.48 11.31 15.01
C GLU D 399 16.38 12.55 15.04
N ARG D 400 16.55 13.13 16.21
CA ARG D 400 17.32 14.40 16.40
C ARG D 400 18.79 14.09 16.74
N VAL D 401 19.67 15.04 16.44
CA VAL D 401 21.13 14.93 16.69
C VAL D 401 21.43 15.10 18.19
N LEU D 402 22.34 14.28 18.69
CA LEU D 402 22.81 14.37 20.09
C LEU D 402 23.94 15.40 20.13
N SER D 403 23.60 16.66 20.36
CA SER D 403 24.56 17.79 20.37
C SER D 403 23.88 19.01 20.96
N PRO D 404 24.60 19.85 21.74
CA PRO D 404 24.08 21.13 22.17
C PRO D 404 24.41 22.25 21.17
N PHE D 405 25.08 21.91 20.07
CA PHE D 405 25.63 22.85 19.08
C PHE D 405 24.84 22.71 17.78
N VAL D 406 24.93 21.54 17.15
CA VAL D 406 24.16 21.25 15.92
C VAL D 406 22.75 20.86 16.36
N LYS D 407 21.75 21.68 16.05
CA LYS D 407 20.33 21.38 16.29
C LYS D 407 19.74 20.91 14.96
N GLY D 408 19.60 19.60 14.82
CA GLY D 408 19.40 19.00 13.50
C GLY D 408 18.74 17.64 13.57
N TYR D 409 18.78 16.93 12.44
CA TYR D 409 18.01 15.69 12.24
C TYR D 409 18.92 14.65 11.62
N GLU D 410 18.95 13.46 12.22
CA GLU D 410 19.65 12.27 11.67
C GLU D 410 18.74 11.57 10.67
N SER D 411 17.43 11.64 10.88
CA SER D 411 16.40 11.07 9.97
C SER D 411 15.07 11.81 10.07
N LEU D 412 14.27 11.77 9.00
CA LEU D 412 12.89 12.31 8.93
C LEU D 412 12.12 11.52 7.87
N PRO D 413 11.18 10.64 8.27
CA PRO D 413 10.40 9.87 7.30
C PRO D 413 9.43 10.76 6.52
N VAL D 414 9.54 10.74 5.20
CA VAL D 414 8.69 11.55 4.30
C VAL D 414 8.13 10.63 3.20
N ARG D 415 6.89 10.87 2.80
CA ARG D 415 6.29 10.30 1.56
C ARG D 415 5.79 11.46 0.70
N ILE D 416 6.19 11.50 -0.57
CA ILE D 416 5.61 12.46 -1.57
C ILE D 416 4.38 11.80 -2.19
N ASN D 417 3.19 12.37 -1.96
CA ASN D 417 1.89 11.93 -2.56
C ASN D 417 1.70 12.61 -3.92
N ALA D 418 1.93 11.89 -5.03
CA ALA D 418 1.70 12.39 -6.42
C ALA D 418 1.05 11.30 -7.27
N TYR E 17 39.65 -13.51 41.22
CA TYR E 17 38.73 -14.68 41.43
C TYR E 17 39.47 -16.03 41.21
N ALA E 18 38.74 -17.14 41.32
CA ALA E 18 39.27 -18.54 41.33
C ALA E 18 39.81 -18.94 39.94
N ILE E 19 39.02 -18.72 38.89
CA ILE E 19 39.20 -19.37 37.55
C ILE E 19 40.37 -18.69 36.84
N PRO E 20 41.22 -19.43 36.09
CA PRO E 20 42.16 -18.80 35.17
C PRO E 20 41.43 -17.87 34.16
N LEU E 21 42.02 -16.71 33.87
CA LEU E 21 41.44 -15.65 33.00
C LEU E 21 41.06 -16.21 31.62
N GLU E 22 41.87 -17.10 31.04
CA GLU E 22 41.67 -17.67 29.68
C GLU E 22 40.37 -18.50 29.63
N ASP E 23 39.82 -18.93 30.77
CA ASP E 23 38.72 -19.93 30.82
C ASP E 23 37.44 -19.30 31.41
N ILE E 24 37.38 -17.99 31.60
CA ILE E 24 36.17 -17.30 32.18
C ILE E 24 35.08 -17.33 31.11
N ASP E 25 33.88 -17.79 31.50
CA ASP E 25 32.69 -17.92 30.62
C ASP E 25 31.52 -17.15 31.25
N VAL E 26 31.41 -15.87 30.93
CA VAL E 26 30.41 -14.94 31.53
C VAL E 26 29.01 -15.25 30.94
N SER E 27 28.93 -15.92 29.81
CA SER E 27 27.67 -16.27 29.13
C SER E 27 26.87 -17.33 29.92
N ASN E 28 27.51 -18.03 30.84
CA ASN E 28 26.91 -19.17 31.59
C ASN E 28 25.59 -18.73 32.20
N PRO E 29 24.44 -19.21 31.69
CA PRO E 29 23.12 -18.75 32.14
C PRO E 29 22.94 -18.87 33.66
N GLU E 30 23.56 -19.87 34.30
CA GLU E 30 23.40 -20.11 35.76
C GLU E 30 23.93 -18.89 36.52
N LEU E 31 24.95 -18.19 36.00
CA LEU E 31 25.53 -16.98 36.67
C LEU E 31 24.48 -15.87 36.75
N PHE E 32 23.59 -15.78 35.76
CA PHE E 32 22.52 -14.74 35.71
C PHE E 32 21.38 -15.13 36.65
N ARG E 33 20.97 -16.40 36.66
CA ARG E 33 19.91 -16.90 37.59
C ARG E 33 20.37 -16.71 39.03
N ASP E 34 21.65 -16.97 39.33
CA ASP E 34 22.18 -16.97 40.71
C ASP E 34 22.60 -15.53 41.07
N ASN E 35 22.66 -14.62 40.10
CA ASN E 35 23.03 -13.21 40.31
C ASN E 35 24.49 -13.12 40.75
N THR E 36 25.36 -13.94 40.18
CA THR E 36 26.81 -14.01 40.49
C THR E 36 27.67 -13.52 39.33
N MET E 37 27.08 -13.21 38.18
CA MET E 37 27.83 -12.83 36.93
C MET E 37 28.62 -11.54 37.16
N TRP E 38 28.16 -10.67 38.08
CA TRP E 38 28.73 -9.32 38.32
C TRP E 38 30.25 -9.39 38.52
N GLY E 39 30.70 -10.29 39.41
CA GLY E 39 32.11 -10.45 39.78
C GLY E 39 32.97 -10.78 38.56
N TYR E 40 32.49 -11.63 37.67
CA TYR E 40 33.28 -12.09 36.49
C TYR E 40 33.43 -10.90 35.55
N PHE E 41 32.40 -10.07 35.42
CA PHE E 41 32.44 -8.86 34.56
C PHE E 41 33.40 -7.82 35.16
N GLU E 42 33.36 -7.62 36.48
CA GLU E 42 34.31 -6.74 37.20
C GLU E 42 35.74 -7.21 36.86
N ARG E 43 35.98 -8.52 36.94
CA ARG E 43 37.32 -9.09 36.70
C ARG E 43 37.75 -8.83 35.25
N LEU E 44 36.87 -9.05 34.29
CA LEU E 44 37.18 -8.79 32.85
C LEU E 44 37.42 -7.28 32.63
N ARG E 45 36.67 -6.41 33.29
CA ARG E 45 36.80 -4.94 33.08
C ARG E 45 38.18 -4.47 33.54
N ARG E 46 38.72 -5.07 34.60
CA ARG E 46 40.00 -4.69 35.23
C ARG E 46 41.19 -5.35 34.49
N GLU E 47 41.10 -6.63 34.11
CA GLU E 47 42.27 -7.44 33.65
C GLU E 47 42.26 -7.67 32.12
N ASP E 48 41.09 -7.80 31.47
CA ASP E 48 40.98 -8.17 30.04
C ASP E 48 39.64 -7.69 29.48
N PRO E 49 39.49 -6.38 29.22
CA PRO E 49 38.18 -5.81 28.88
C PRO E 49 37.58 -6.32 27.56
N VAL E 50 38.43 -6.66 26.58
CA VAL E 50 37.98 -7.28 25.30
C VAL E 50 38.53 -8.70 25.29
N HIS E 51 37.75 -9.63 25.84
CA HIS E 51 38.18 -10.99 26.24
C HIS E 51 37.62 -12.01 25.24
N TYR E 52 38.43 -12.91 24.73
CA TYR E 52 38.01 -14.03 23.84
C TYR E 52 37.72 -15.25 24.72
N CYS E 53 36.61 -15.92 24.45
CA CYS E 53 36.13 -17.14 25.15
C CYS E 53 36.05 -18.26 24.12
N LYS E 54 36.80 -19.35 24.29
CA LYS E 54 36.91 -20.49 23.34
C LYS E 54 35.75 -21.47 23.57
N ASP E 55 35.28 -21.62 24.80
CA ASP E 55 34.40 -22.71 25.28
C ASP E 55 33.22 -22.13 26.08
N SER E 56 31.99 -22.37 25.62
CA SER E 56 30.73 -21.92 26.26
C SER E 56 29.56 -22.74 25.71
N LEU E 57 28.38 -22.54 26.29
CA LEU E 57 27.12 -23.11 25.77
C LEU E 57 26.89 -22.65 24.32
N PHE E 58 27.58 -21.60 23.89
CA PHE E 58 27.25 -20.84 22.64
C PHE E 58 28.44 -20.78 21.70
N GLY E 59 29.45 -21.62 21.91
CA GLY E 59 30.68 -21.60 21.08
C GLY E 59 31.58 -20.41 21.44
N PRO E 60 32.61 -20.12 20.61
CA PRO E 60 33.53 -19.03 20.92
C PRO E 60 32.85 -17.68 20.68
N TYR E 61 33.24 -16.66 21.43
CA TYR E 61 32.78 -15.25 21.28
C TYR E 61 33.74 -14.30 21.99
N TRP E 62 33.81 -13.04 21.53
CA TRP E 62 34.44 -11.89 22.23
C TRP E 62 33.45 -11.28 23.23
N SER E 63 33.92 -10.96 24.45
CA SER E 63 33.18 -10.15 25.45
C SER E 63 33.71 -8.72 25.41
N VAL E 64 32.87 -7.75 25.07
CA VAL E 64 33.21 -6.31 25.18
C VAL E 64 32.50 -5.79 26.42
N THR E 65 33.28 -5.40 27.44
CA THR E 65 32.81 -5.27 28.84
C THR E 65 32.84 -3.81 29.30
N LYS E 66 33.52 -2.92 28.58
CA LYS E 66 33.70 -1.51 28.97
C LYS E 66 32.81 -0.63 28.11
N PHE E 67 32.23 0.40 28.73
CA PHE E 67 31.28 1.37 28.14
C PHE E 67 31.87 1.92 26.82
N LYS E 68 33.09 2.45 26.85
CA LYS E 68 33.76 3.09 25.69
C LYS E 68 33.81 2.10 24.52
N ASP E 69 34.16 0.83 24.79
CA ASP E 69 34.40 -0.21 23.75
C ASP E 69 33.06 -0.63 23.16
N ILE E 70 32.02 -0.71 23.97
CA ILE E 70 30.62 -1.02 23.51
C ILE E 70 30.17 0.10 22.57
N MET E 71 30.36 1.36 22.98
CA MET E 71 30.02 2.54 22.14
C MET E 71 30.71 2.40 20.79
N GLN E 72 31.98 2.03 20.81
CA GLN E 72 32.82 1.84 19.60
C GLN E 72 32.14 0.81 18.68
N VAL E 73 31.80 -0.36 19.21
CA VAL E 73 31.14 -1.45 18.42
C VAL E 73 29.80 -0.95 17.88
N GLU E 74 28.97 -0.34 18.73
CA GLU E 74 27.62 0.15 18.36
C GLU E 74 27.75 1.09 17.17
N THR E 75 28.75 1.98 17.16
CA THR E 75 28.84 3.09 16.19
C THR E 75 29.58 2.67 14.92
N HIS E 76 30.07 1.44 14.81
CA HIS E 76 30.73 0.93 13.57
C HIS E 76 29.99 -0.28 13.02
N PRO E 77 28.71 -0.12 12.58
CA PRO E 77 27.94 -1.23 12.04
C PRO E 77 28.44 -1.76 10.70
N GLU E 78 29.24 -0.99 9.96
CA GLU E 78 29.87 -1.42 8.68
C GLU E 78 30.94 -2.48 8.98
N ILE E 79 31.51 -2.51 10.19
CA ILE E 79 32.51 -3.50 10.66
C ILE E 79 31.79 -4.59 11.48
N PHE E 80 30.97 -4.17 12.46
CA PHE E 80 30.26 -5.06 13.41
C PHE E 80 28.80 -5.14 12.99
N SER E 81 28.49 -6.15 12.17
CA SER E 81 27.18 -6.38 11.50
C SER E 81 26.18 -6.96 12.52
N SER E 82 24.91 -6.67 12.28
CA SER E 82 23.75 -7.22 13.04
C SER E 82 23.12 -8.35 12.24
N GLU E 83 23.62 -8.68 11.04
CA GLU E 83 22.84 -9.42 10.01
C GLU E 83 22.11 -10.67 10.55
N GLY E 84 22.78 -11.74 10.93
CA GLY E 84 22.06 -13.04 11.03
C GLY E 84 21.30 -13.21 12.33
N ASN E 85 21.70 -12.52 13.38
CA ASN E 85 21.40 -12.87 14.79
C ASN E 85 21.93 -11.74 15.66
N ILE E 86 21.15 -11.26 16.64
CA ILE E 86 21.66 -10.19 17.55
C ILE E 86 21.71 -10.69 18.99
N THR E 87 21.71 -12.02 19.18
CA THR E 87 21.92 -12.68 20.49
C THR E 87 23.12 -13.62 20.40
N ILE E 88 23.59 -14.07 21.56
CA ILE E 88 24.72 -15.03 21.72
C ILE E 88 24.20 -16.42 21.32
N MET E 89 22.87 -16.63 21.33
CA MET E 89 22.25 -17.98 21.17
C MET E 89 22.47 -18.53 19.76
N GLU E 90 22.76 -19.83 19.67
CA GLU E 90 23.13 -20.54 18.42
C GLU E 90 22.17 -21.70 18.16
N SER E 91 21.50 -22.25 19.16
CA SER E 91 20.55 -23.39 18.98
C SER E 91 19.09 -22.93 18.91
N ASN E 92 18.82 -21.66 19.20
CA ASN E 92 17.47 -21.03 19.24
C ASN E 92 17.13 -20.62 17.81
N ALA E 93 16.16 -21.30 17.19
CA ALA E 93 15.77 -21.10 15.77
C ALA E 93 14.88 -19.86 15.63
N ALA E 94 14.35 -19.32 16.73
CA ALA E 94 13.55 -18.08 16.71
C ALA E 94 14.48 -16.88 16.44
N VAL E 95 15.63 -16.80 17.11
CA VAL E 95 16.49 -15.58 17.07
C VAL E 95 17.27 -15.50 15.74
N THR E 96 17.19 -16.52 14.88
CA THR E 96 17.84 -16.58 13.55
C THR E 96 16.82 -16.34 12.43
N LEU E 97 15.54 -16.13 12.76
CA LEU E 97 14.52 -15.65 11.79
C LEU E 97 14.90 -14.24 11.37
N PRO E 98 14.66 -13.82 10.10
CA PRO E 98 14.98 -12.47 9.65
C PRO E 98 14.08 -11.46 10.35
N MET E 99 14.70 -10.40 10.86
CA MET E 99 14.08 -9.34 11.71
C MET E 99 14.93 -8.09 11.53
N PHE E 100 14.33 -6.90 11.52
CA PHE E 100 15.06 -5.67 11.10
C PHE E 100 16.10 -5.31 12.16
N ILE E 101 15.96 -5.79 13.40
CA ILE E 101 17.02 -5.57 14.42
C ILE E 101 18.28 -6.31 13.98
N ALA E 102 18.11 -7.43 13.29
CA ALA E 102 19.18 -8.32 12.79
C ALA E 102 19.40 -8.08 11.28
N MET E 103 19.50 -6.82 10.89
CA MET E 103 19.70 -6.36 9.51
C MET E 103 20.63 -5.16 9.50
N ASP E 104 21.41 -5.05 8.44
CA ASP E 104 22.25 -3.87 8.23
C ASP E 104 21.51 -2.92 7.29
N PRO E 105 21.98 -1.68 7.14
CA PRO E 105 21.40 -0.77 6.19
C PRO E 105 21.69 -1.28 4.76
N PRO E 106 20.80 -1.03 3.79
CA PRO E 106 19.68 -0.14 3.98
C PRO E 106 18.35 -0.81 4.35
N LYS E 107 18.27 -2.13 4.30
CA LYS E 107 16.99 -2.79 4.60
C LYS E 107 16.53 -2.42 6.01
N HIS E 108 17.47 -2.36 6.95
CA HIS E 108 17.15 -2.04 8.35
C HIS E 108 16.45 -0.69 8.47
N ASP E 109 16.96 0.32 7.78
CA ASP E 109 16.44 1.71 7.89
C ASP E 109 15.01 1.83 7.39
N VAL E 110 14.66 1.07 6.37
CA VAL E 110 13.28 1.18 5.85
C VAL E 110 12.30 0.54 6.83
N GLN E 111 12.69 -0.60 7.39
CA GLN E 111 11.86 -1.39 8.32
C GLN E 111 11.75 -0.66 9.67
N ARG E 112 12.78 0.05 10.10
CA ARG E 112 12.71 0.78 11.38
C ARG E 112 11.75 1.96 11.24
N MET E 113 11.87 2.69 10.14
CA MET E 113 11.07 3.88 9.81
C MET E 113 9.58 3.47 9.75
N ALA E 114 9.28 2.28 9.24
CA ALA E 114 7.92 1.74 9.04
C ALA E 114 7.25 1.51 10.39
N VAL E 115 7.98 1.03 11.42
CA VAL E 115 7.42 0.69 12.76
C VAL E 115 7.44 1.92 13.68
N SER E 116 8.43 2.78 13.50
CA SER E 116 8.74 3.96 14.32
C SER E 116 7.51 4.80 14.65
N PRO E 117 6.56 5.09 13.72
CA PRO E 117 5.33 5.81 14.03
C PRO E 117 4.49 5.37 15.23
N ILE E 118 4.49 4.09 15.60
CA ILE E 118 3.66 3.56 16.71
C ILE E 118 4.07 4.20 18.04
N VAL E 119 5.33 4.59 18.16
CA VAL E 119 6.00 5.07 19.41
C VAL E 119 6.45 6.53 19.23
N ALA E 120 5.92 7.22 18.21
CA ALA E 120 6.16 8.64 17.90
C ALA E 120 5.38 9.52 18.87
N PRO E 121 6.00 10.57 19.47
CA PRO E 121 5.38 11.41 20.49
C PRO E 121 3.92 11.87 20.33
N GLU E 122 3.44 12.13 19.11
CA GLU E 122 2.01 12.52 18.86
C GLU E 122 1.10 11.38 19.34
N ASN E 123 1.57 10.13 19.20
CA ASN E 123 0.83 8.89 19.57
C ASN E 123 1.10 8.52 21.05
N LEU E 124 2.13 9.08 21.69
CA LEU E 124 2.46 8.82 23.11
C LEU E 124 1.66 9.73 24.03
N ALA E 125 1.27 10.93 23.60
CA ALA E 125 0.28 11.77 24.32
C ALA E 125 -1.07 11.04 24.43
N LYS E 126 -1.58 10.53 23.30
CA LYS E 126 -2.89 9.82 23.22
C LYS E 126 -2.83 8.56 24.11
N LEU E 127 -1.66 7.91 24.19
CA LEU E 127 -1.44 6.64 24.93
C LEU E 127 -1.36 6.92 26.44
N GLU E 128 -0.85 8.09 26.86
CA GLU E 128 -0.59 8.41 28.29
C GLU E 128 -1.87 8.24 29.10
N GLY E 129 -3.03 8.65 28.56
CA GLY E 129 -4.34 8.53 29.23
C GLY E 129 -4.76 7.08 29.42
N LEU E 130 -4.63 6.29 28.36
CA LEU E 130 -4.99 4.85 28.34
C LEU E 130 -4.08 4.10 29.31
N ILE E 131 -2.78 4.42 29.33
CA ILE E 131 -1.81 3.75 30.24
C ILE E 131 -2.20 4.07 31.67
N ARG E 132 -2.59 5.33 31.94
CA ARG E 132 -2.92 5.80 33.31
C ARG E 132 -4.17 5.09 33.81
N GLU E 133 -5.24 4.94 33.01
CA GLU E 133 -6.49 4.33 33.49
C GLU E 133 -6.23 2.83 33.71
N ARG E 134 -5.51 2.18 32.80
CA ARG E 134 -5.17 0.74 32.92
C ARG E 134 -4.32 0.51 34.17
N THR E 135 -3.32 1.35 34.40
CA THR E 135 -2.39 1.25 35.56
C THR E 135 -3.19 1.41 36.85
N GLY E 136 -4.00 2.47 36.92
CA GLY E 136 -4.88 2.76 38.07
C GLY E 136 -5.75 1.58 38.41
N ARG E 137 -6.38 0.95 37.41
CA ARG E 137 -7.34 -0.18 37.61
C ARG E 137 -6.55 -1.36 38.18
N ALA E 138 -5.32 -1.58 37.71
CA ALA E 138 -4.51 -2.78 38.07
C ALA E 138 -4.06 -2.66 39.52
N LEU E 139 -3.67 -1.47 39.94
CA LEU E 139 -3.24 -1.18 41.33
C LEU E 139 -4.46 -1.25 42.25
N ASP E 140 -5.61 -0.76 41.79
CA ASP E 140 -6.89 -0.79 42.55
C ASP E 140 -7.28 -2.24 42.86
N GLY E 141 -6.85 -3.20 42.03
CA GLY E 141 -7.17 -4.63 42.18
C GLY E 141 -6.14 -5.41 42.99
N LEU E 142 -5.07 -4.76 43.49
CA LEU E 142 -4.01 -5.46 44.23
C LEU E 142 -4.47 -5.69 45.67
N PRO E 143 -4.18 -6.88 46.25
CA PRO E 143 -4.49 -7.12 47.65
C PRO E 143 -3.55 -6.36 48.58
N ILE E 144 -4.09 -5.92 49.71
CA ILE E 144 -3.42 -5.11 50.77
C ILE E 144 -3.10 -6.02 51.96
N ASN E 145 -1.89 -5.95 52.51
CA ASN E 145 -1.48 -6.69 53.74
C ASN E 145 -1.53 -8.21 53.48
N GLU E 146 -1.29 -8.62 52.25
CA GLU E 146 -1.30 -10.02 51.75
C GLU E 146 -0.19 -10.12 50.69
N THR E 147 0.66 -11.15 50.78
CA THR E 147 1.70 -11.43 49.76
C THR E 147 1.03 -11.76 48.43
N PHE E 148 1.53 -11.20 47.34
CA PHE E 148 1.15 -11.54 45.93
C PHE E 148 2.41 -11.49 45.06
N ASP E 149 2.31 -12.06 43.85
CA ASP E 149 3.40 -12.06 42.84
C ASP E 149 3.26 -10.78 42.02
N TRP E 150 4.22 -9.86 42.19
CA TRP E 150 4.27 -8.56 41.48
C TRP E 150 4.32 -8.79 39.97
N VAL E 151 5.08 -9.80 39.55
CA VAL E 151 5.32 -10.09 38.12
C VAL E 151 3.97 -10.39 37.45
N LYS E 152 3.13 -11.23 38.05
CA LYS E 152 1.82 -11.62 37.44
C LYS E 152 0.84 -10.42 37.49
N LEU E 153 0.71 -9.74 38.64
CA LEU E 153 -0.44 -8.83 38.93
C LEU E 153 -0.20 -7.40 38.39
N VAL E 154 1.07 -7.02 38.29
CA VAL E 154 1.48 -5.66 37.81
C VAL E 154 2.25 -5.81 36.49
N SER E 155 3.47 -6.38 36.53
CA SER E 155 4.43 -6.28 35.42
C SER E 155 3.85 -6.96 34.15
N ILE E 156 3.56 -8.24 34.20
CA ILE E 156 2.99 -8.97 33.01
C ILE E 156 1.69 -8.28 32.61
N ASN E 157 0.82 -7.99 33.59
CA ASN E 157 -0.55 -7.45 33.38
C ASN E 157 -0.49 -6.18 32.53
N LEU E 158 0.25 -5.16 32.98
CA LEU E 158 0.28 -3.84 32.32
C LEU E 158 1.00 -3.89 30.97
N THR E 159 2.18 -4.51 30.90
CA THR E 159 3.03 -4.50 29.68
C THR E 159 2.27 -5.26 28.58
N THR E 160 1.59 -6.36 28.94
CA THR E 160 0.79 -7.15 27.96
C THR E 160 -0.35 -6.28 27.41
N GLN E 161 -1.03 -5.52 28.26
CA GLN E 161 -2.11 -4.60 27.83
C GLN E 161 -1.56 -3.63 26.77
N MET E 162 -0.41 -3.01 27.06
CA MET E 162 0.27 -2.05 26.15
C MET E 162 0.57 -2.72 24.82
N LEU E 163 1.12 -3.94 24.84
CA LEU E 163 1.51 -4.65 23.60
C LEU E 163 0.26 -5.00 22.79
N ALA E 164 -0.82 -5.43 23.42
CA ALA E 164 -2.11 -5.67 22.75
C ALA E 164 -2.52 -4.42 21.96
N THR E 165 -2.40 -3.24 22.57
CA THR E 165 -2.82 -1.99 21.90
C THR E 165 -1.84 -1.67 20.76
N LEU E 166 -0.52 -1.83 20.93
CA LEU E 166 0.48 -1.63 19.85
C LEU E 166 0.13 -2.48 18.61
N PHE E 167 -0.37 -3.70 18.80
CA PHE E 167 -0.76 -4.66 17.74
C PHE E 167 -2.24 -4.56 17.32
N ASP E 168 -3.03 -3.79 18.06
CA ASP E 168 -4.52 -3.81 18.02
C ASP E 168 -4.99 -5.26 18.07
N PHE E 169 -4.51 -5.98 19.08
CA PHE E 169 -4.65 -7.43 19.24
C PHE E 169 -5.96 -7.69 19.95
N PRO E 170 -6.79 -8.64 19.47
CA PRO E 170 -8.02 -9.00 20.17
C PRO E 170 -7.78 -9.18 21.66
N TRP E 171 -8.36 -8.28 22.45
CA TRP E 171 -8.18 -8.12 23.90
C TRP E 171 -8.30 -9.45 24.66
N GLU E 172 -9.28 -10.29 24.29
CA GLU E 172 -9.59 -11.55 25.04
C GLU E 172 -8.39 -12.49 24.89
N ASP E 173 -7.59 -12.31 23.84
CA ASP E 173 -6.47 -13.23 23.56
C ASP E 173 -5.10 -12.63 23.87
N ARG E 174 -5.02 -11.53 24.62
CA ARG E 174 -3.73 -10.88 24.87
C ARG E 174 -2.73 -11.78 25.60
N ALA E 175 -3.17 -12.72 26.40
CA ALA E 175 -2.21 -13.55 27.15
C ALA E 175 -1.35 -14.37 26.17
N LYS E 176 -1.86 -14.62 24.97
CA LYS E 176 -1.10 -15.30 23.89
C LYS E 176 0.19 -14.55 23.59
N LEU E 177 0.16 -13.21 23.66
CA LEU E 177 1.34 -12.34 23.41
C LEU E 177 2.42 -12.64 24.45
N THR E 178 2.07 -12.72 25.73
CA THR E 178 2.99 -13.06 26.84
C THR E 178 3.62 -14.43 26.58
N ARG E 179 2.83 -15.39 26.11
CA ARG E 179 3.31 -16.77 25.90
C ARG E 179 4.34 -16.74 24.76
N TRP E 180 3.99 -16.17 23.60
CA TRP E 180 4.86 -16.11 22.40
C TRP E 180 6.17 -15.39 22.75
N SER E 181 6.07 -14.34 23.54
CA SER E 181 7.22 -13.54 24.03
C SER E 181 8.17 -14.45 24.81
N ASP E 182 7.63 -15.22 25.77
CA ASP E 182 8.38 -16.14 26.64
C ASP E 182 9.01 -17.25 25.79
N VAL E 183 8.26 -17.83 24.87
CA VAL E 183 8.70 -18.93 23.98
C VAL E 183 9.86 -18.47 23.11
N ALA E 184 9.83 -17.22 22.62
CA ALA E 184 10.81 -16.72 21.64
C ALA E 184 12.20 -16.68 22.27
N THR E 185 12.30 -16.35 23.55
CA THR E 185 13.58 -16.03 24.22
C THR E 185 14.06 -17.15 25.17
N ALA E 186 13.20 -18.09 25.55
CA ALA E 186 13.48 -19.05 26.65
C ALA E 186 14.64 -19.98 26.26
N LEU E 187 15.47 -20.40 27.23
CA LEU E 187 16.33 -21.60 27.05
C LEU E 187 15.44 -22.84 27.14
N VAL E 188 15.81 -23.88 26.39
CA VAL E 188 15.17 -25.22 26.45
C VAL E 188 15.23 -25.76 27.90
N GLY E 189 14.11 -26.31 28.37
CA GLY E 189 14.01 -27.11 29.60
C GLY E 189 13.96 -26.26 30.86
N THR E 190 13.48 -25.04 30.74
CA THR E 190 13.47 -24.01 31.80
C THR E 190 12.05 -23.85 32.36
N GLY E 191 11.07 -24.55 31.83
CA GLY E 191 9.66 -24.40 32.26
C GLY E 191 8.77 -23.75 31.22
N ILE E 192 9.32 -23.31 30.10
CA ILE E 192 8.53 -22.61 29.05
C ILE E 192 8.31 -23.58 27.90
N ILE E 193 9.39 -24.04 27.29
CA ILE E 193 9.41 -24.92 26.10
C ILE E 193 10.49 -25.95 26.35
N ASP E 194 10.30 -27.20 25.90
CA ASP E 194 11.21 -28.33 26.23
C ASP E 194 12.16 -28.66 25.07
N SER E 195 11.90 -28.11 23.89
CA SER E 195 12.68 -28.39 22.66
C SER E 195 12.49 -27.28 21.63
N GLU E 196 13.36 -27.24 20.63
CA GLU E 196 13.27 -26.28 19.51
C GLU E 196 12.04 -26.62 18.67
N GLU E 197 11.68 -27.88 18.53
CA GLU E 197 10.51 -28.34 17.75
C GLU E 197 9.26 -27.72 18.37
N GLN E 198 9.17 -27.71 19.70
CA GLN E 198 8.01 -27.13 20.45
C GLN E 198 8.03 -25.60 20.33
N ARG E 199 9.20 -24.97 20.40
CA ARG E 199 9.33 -23.51 20.22
C ARG E 199 8.76 -23.12 18.85
N MET E 200 9.16 -23.80 17.77
CA MET E 200 8.72 -23.46 16.39
C MET E 200 7.25 -23.85 16.19
N GLU E 201 6.75 -24.90 16.86
CA GLU E 201 5.32 -25.29 16.82
C GLU E 201 4.47 -24.14 17.39
N GLU E 202 4.84 -23.61 18.56
CA GLU E 202 4.07 -22.54 19.24
C GLU E 202 4.16 -21.24 18.44
N LEU E 203 5.30 -20.98 17.82
CA LEU E 203 5.51 -19.76 17.01
C LEU E 203 4.78 -19.89 15.67
N LYS E 204 4.55 -21.10 15.17
CA LYS E 204 3.71 -21.37 13.96
C LYS E 204 2.29 -20.81 14.22
N GLY E 205 1.77 -21.01 15.44
CA GLY E 205 0.47 -20.45 15.85
C GLY E 205 0.45 -18.93 15.89
N CYS E 206 1.59 -18.32 16.17
CA CYS E 206 1.79 -16.86 16.24
C CYS E 206 1.71 -16.30 14.83
N VAL E 207 2.45 -16.92 13.90
CA VAL E 207 2.48 -16.49 12.47
C VAL E 207 1.07 -16.66 11.89
N GLN E 208 0.39 -17.78 12.17
CA GLN E 208 -0.98 -18.07 11.69
C GLN E 208 -1.96 -17.00 12.20
N TYR E 209 -1.93 -16.71 13.49
CA TYR E 209 -2.82 -15.70 14.13
C TYR E 209 -2.57 -14.32 13.49
N MET E 210 -1.32 -13.88 13.40
CA MET E 210 -0.97 -12.52 12.91
C MET E 210 -1.26 -12.41 11.40
N THR E 211 -1.22 -13.53 10.67
CA THR E 211 -1.50 -13.57 9.22
C THR E 211 -2.99 -13.27 9.01
N ARG E 212 -3.88 -13.83 9.83
CA ARG E 212 -5.33 -13.49 9.82
C ARG E 212 -5.48 -11.98 9.98
N LEU E 213 -4.80 -11.37 10.96
CA LEU E 213 -4.88 -9.91 11.27
C LEU E 213 -4.36 -9.10 10.07
N TRP E 214 -3.24 -9.53 9.50
CA TRP E 214 -2.64 -8.90 8.29
C TRP E 214 -3.67 -8.92 7.16
N ASN E 215 -4.29 -10.06 6.85
CA ASN E 215 -5.26 -10.18 5.72
C ASN E 215 -6.45 -9.24 5.94
N GLU E 216 -6.87 -8.99 7.19
CA GLU E 216 -7.99 -8.06 7.51
C GLU E 216 -7.56 -6.61 7.31
N ARG E 217 -6.26 -6.29 7.29
CA ARG E 217 -5.76 -4.90 7.41
C ARG E 217 -4.97 -4.45 6.16
N VAL E 218 -4.58 -5.38 5.28
CA VAL E 218 -3.64 -5.07 4.15
C VAL E 218 -4.35 -4.30 3.04
N ASN E 219 -5.61 -4.61 2.71
CA ASN E 219 -6.25 -4.05 1.49
C ASN E 219 -7.09 -2.82 1.85
N VAL E 220 -6.96 -2.29 3.06
CA VAL E 220 -7.78 -1.13 3.56
C VAL E 220 -6.85 -0.09 4.16
N PRO E 221 -7.26 1.20 4.29
CA PRO E 221 -6.39 2.23 4.86
C PRO E 221 -5.74 1.82 6.19
N PRO E 222 -4.43 2.08 6.35
CA PRO E 222 -3.69 1.71 7.56
C PRO E 222 -4.34 2.20 8.86
N GLY E 223 -4.51 1.29 9.82
CA GLY E 223 -4.82 1.59 11.24
C GLY E 223 -3.57 1.98 12.02
N ASN E 224 -3.75 2.46 13.25
CA ASN E 224 -2.66 2.89 14.14
C ASN E 224 -2.21 1.67 14.95
N ASP E 225 -1.52 0.74 14.30
CA ASP E 225 -1.13 -0.59 14.86
C ASP E 225 0.01 -1.15 13.99
N LEU E 226 0.88 -1.96 14.60
CA LEU E 226 2.12 -2.47 13.97
C LEU E 226 1.83 -3.31 12.73
N ILE E 227 0.75 -4.09 12.75
CA ILE E 227 0.42 -5.03 11.64
C ILE E 227 0.04 -4.19 10.42
N SER E 228 -0.75 -3.11 10.62
CA SER E 228 -1.15 -2.16 9.58
C SER E 228 0.09 -1.47 8.99
N MET E 229 0.95 -0.94 9.84
CA MET E 229 2.16 -0.19 9.42
C MET E 229 3.04 -1.08 8.56
N MET E 230 3.19 -2.34 8.95
CA MET E 230 4.03 -3.32 8.22
C MET E 230 3.37 -3.71 6.89
N ALA E 231 2.06 -3.93 6.89
CA ALA E 231 1.29 -4.37 5.70
C ALA E 231 1.27 -3.27 4.64
N HIS E 232 1.46 -2.00 5.04
CA HIS E 232 1.41 -0.79 4.15
C HIS E 232 2.78 -0.17 3.93
N THR E 233 3.87 -0.90 4.18
CA THR E 233 5.23 -0.54 3.73
C THR E 233 5.54 -1.46 2.53
N GLU E 234 5.59 -0.90 1.31
CA GLU E 234 5.70 -1.67 0.04
C GLU E 234 7.18 -1.97 -0.06
N SER E 235 7.60 -3.13 0.40
CA SER E 235 9.01 -3.48 0.80
C SER E 235 8.95 -4.57 1.89
N MET E 236 7.90 -4.58 2.72
CA MET E 236 7.56 -5.65 3.68
C MET E 236 6.32 -6.39 3.20
N ARG E 237 5.78 -6.03 2.03
CA ARG E 237 4.44 -6.54 1.56
C ARG E 237 4.61 -7.98 1.06
N ASN E 238 5.81 -8.37 0.56
CA ASN E 238 6.12 -9.74 0.07
C ASN E 238 6.97 -10.52 1.10
N MET E 239 6.80 -10.27 2.39
CA MET E 239 7.57 -10.97 3.47
C MET E 239 7.22 -12.46 3.44
N THR E 240 8.21 -13.34 3.57
CA THR E 240 7.96 -14.79 3.84
C THR E 240 7.40 -14.90 5.25
N PRO E 241 6.64 -15.97 5.58
CA PRO E 241 6.23 -16.21 6.96
C PRO E 241 7.41 -16.19 7.94
N GLU E 242 8.61 -16.63 7.56
CA GLU E 242 9.82 -16.57 8.45
C GLU E 242 10.17 -15.11 8.77
N GLU E 243 10.22 -14.25 7.74
CA GLU E 243 10.53 -12.79 7.88
C GLU E 243 9.44 -12.13 8.74
N PHE E 244 8.18 -12.44 8.44
CA PHE E 244 7.01 -11.87 9.14
C PHE E 244 7.11 -12.27 10.62
N LEU E 245 7.38 -13.55 10.89
CA LEU E 245 7.43 -14.10 12.26
C LEU E 245 8.62 -13.48 12.99
N GLY E 246 9.75 -13.30 12.31
CA GLY E 246 10.95 -12.68 12.90
C GLY E 246 10.63 -11.30 13.46
N ASN E 247 10.00 -10.48 12.62
CA ASN E 247 9.62 -9.09 12.97
C ASN E 247 8.54 -9.13 14.06
N LEU E 248 7.60 -10.05 13.97
CA LEU E 248 6.53 -10.21 14.98
C LEU E 248 7.18 -10.43 16.33
N ILE E 249 8.08 -11.40 16.45
CA ILE E 249 8.66 -11.76 17.77
C ILE E 249 9.55 -10.63 18.26
N LEU E 250 10.21 -9.91 17.36
CA LEU E 250 11.02 -8.72 17.75
C LEU E 250 10.10 -7.70 18.45
N LEU E 251 8.96 -7.40 17.82
CA LEU E 251 8.05 -6.35 18.32
C LEU E 251 7.38 -6.84 19.60
N ILE E 252 7.06 -8.14 19.69
CA ILE E 252 6.37 -8.77 20.84
C ILE E 252 7.33 -8.77 22.04
N VAL E 253 8.57 -9.24 21.87
CA VAL E 253 9.57 -9.28 22.96
C VAL E 253 10.00 -7.85 23.31
N GLY E 254 10.20 -7.02 22.29
CA GLY E 254 10.53 -5.60 22.45
C GLY E 254 9.48 -4.90 23.29
N GLY E 255 8.20 -5.13 22.94
CA GLY E 255 7.06 -4.37 23.47
C GLY E 255 6.48 -4.91 24.75
N ASN E 256 7.02 -5.97 25.36
CA ASN E 256 6.57 -6.39 26.71
C ASN E 256 7.77 -6.70 27.65
N ASP E 257 8.67 -7.63 27.32
CA ASP E 257 9.51 -8.31 28.33
C ASP E 257 10.50 -7.33 29.01
N THR E 258 10.99 -6.34 28.29
CA THR E 258 11.99 -5.40 28.81
C THR E 258 11.32 -4.45 29.83
N THR E 259 10.17 -3.89 29.48
CA THR E 259 9.45 -2.96 30.38
C THR E 259 8.95 -3.72 31.61
N ARG E 260 8.46 -4.92 31.37
CA ARG E 260 8.05 -5.87 32.43
C ARG E 260 9.17 -6.09 33.45
N ASN E 261 10.38 -6.36 33.00
CA ASN E 261 11.49 -6.63 33.94
C ASN E 261 11.92 -5.34 34.63
N SER E 262 11.79 -4.22 33.93
CA SER E 262 12.08 -2.88 34.49
C SER E 262 11.07 -2.57 35.59
N MET E 263 9.80 -2.88 35.35
CA MET E 263 8.68 -2.60 36.29
C MET E 263 8.95 -3.37 37.57
N THR E 264 9.29 -4.65 37.46
CA THR E 264 9.64 -5.53 38.62
C THR E 264 10.96 -5.05 39.27
N GLY E 265 11.98 -4.78 38.47
CA GLY E 265 13.32 -4.39 38.90
C GLY E 265 13.31 -3.23 39.87
N GLY E 266 12.54 -2.19 39.57
CA GLY E 266 12.52 -0.94 40.37
C GLY E 266 12.04 -1.20 41.79
N VAL E 267 11.01 -2.01 41.96
CA VAL E 267 10.46 -2.40 43.29
C VAL E 267 11.60 -3.03 44.07
N LEU E 268 12.33 -3.94 43.44
CA LEU E 268 13.45 -4.66 44.11
C LEU E 268 14.53 -3.65 44.48
N ALA E 269 14.91 -2.76 43.57
CA ALA E 269 15.99 -1.76 43.77
C ALA E 269 15.65 -0.81 44.93
N LEU E 270 14.39 -0.38 45.03
CA LEU E 270 13.98 0.54 46.13
C LEU E 270 14.00 -0.19 47.49
N ASN E 271 13.71 -1.50 47.50
CA ASN E 271 13.71 -2.32 48.74
C ASN E 271 15.15 -2.59 49.19
N GLU E 272 16.08 -2.84 48.27
CA GLU E 272 17.52 -3.07 48.60
C GLU E 272 18.19 -1.75 49.01
N ASN E 273 17.58 -0.61 48.71
CA ASN E 273 18.16 0.74 48.96
C ASN E 273 17.15 1.64 49.64
N PRO E 274 16.87 1.42 50.95
CA PRO E 274 15.75 2.12 51.62
C PRO E 274 15.97 3.64 51.67
N ASP E 275 17.22 4.09 51.63
CA ASP E 275 17.58 5.54 51.62
C ASP E 275 16.99 6.18 50.35
N GLU E 276 17.03 5.49 49.20
CA GLU E 276 16.51 6.01 47.91
C GLU E 276 14.97 6.00 47.95
N TYR E 277 14.36 4.96 48.51
CA TYR E 277 12.89 4.86 48.72
C TYR E 277 12.46 6.09 49.55
N ARG E 278 13.26 6.45 50.56
CA ARG E 278 12.98 7.62 51.46
C ARG E 278 13.00 8.90 50.60
N LYS E 279 14.07 9.13 49.82
CA LYS E 279 14.22 10.32 48.94
C LYS E 279 13.01 10.42 47.99
N LEU E 280 12.61 9.29 47.39
CA LEU E 280 11.53 9.21 46.39
C LEU E 280 10.21 9.69 46.99
N CYS E 281 9.88 9.19 48.19
CA CYS E 281 8.60 9.49 48.87
C CYS E 281 8.59 10.94 49.36
N ALA E 282 9.74 11.46 49.83
CA ALA E 282 9.93 12.87 50.20
C ALA E 282 9.69 13.78 48.97
N ASN E 283 10.09 13.33 47.76
CA ASN E 283 10.09 14.16 46.53
C ASN E 283 9.68 13.34 45.31
N PRO E 284 8.37 13.05 45.11
CA PRO E 284 7.89 12.28 43.96
C PRO E 284 8.27 12.83 42.57
N ALA E 285 8.84 14.03 42.49
CA ALA E 285 9.35 14.61 41.23
C ALA E 285 10.57 13.81 40.75
N LEU E 286 11.20 13.05 41.64
CA LEU E 286 12.42 12.25 41.35
C LEU E 286 12.10 11.07 40.44
N ILE E 287 10.82 10.78 40.21
CA ILE E 287 10.41 9.70 39.26
C ILE E 287 11.06 10.00 37.90
N ALA E 288 11.18 11.28 37.54
CA ALA E 288 11.78 11.72 36.26
C ALA E 288 13.20 11.14 36.11
N SER E 289 14.00 11.16 37.18
CA SER E 289 15.43 10.75 37.18
C SER E 289 15.56 9.30 37.68
N MET E 290 14.54 8.76 38.35
CA MET E 290 14.55 7.37 38.90
C MET E 290 14.36 6.38 37.75
N VAL E 291 13.42 6.65 36.84
CA VAL E 291 13.01 5.71 35.77
C VAL E 291 14.21 5.31 34.94
N PRO E 292 15.02 6.27 34.40
CA PRO E 292 16.21 5.91 33.65
C PRO E 292 17.21 5.11 34.51
N GLU E 293 17.30 5.41 35.80
CA GLU E 293 18.24 4.70 36.72
C GLU E 293 17.74 3.26 36.92
N ILE E 294 16.44 3.03 37.04
CA ILE E 294 15.86 1.67 37.16
C ILE E 294 16.28 0.88 35.92
N VAL E 295 16.22 1.50 34.75
CA VAL E 295 16.49 0.86 33.44
C VAL E 295 17.99 0.56 33.33
N ARG E 296 18.86 1.42 33.85
CA ARG E 296 20.32 1.16 33.92
C ARG E 296 20.58 0.00 34.87
N TRP E 297 20.05 0.14 36.09
CA TRP E 297 20.25 -0.82 37.19
C TRP E 297 19.82 -2.22 36.72
N GLN E 298 18.64 -2.32 36.12
CA GLN E 298 18.04 -3.61 35.68
C GLN E 298 18.82 -4.16 34.47
N THR E 299 19.13 -3.32 33.49
CA THR E 299 19.69 -3.72 32.17
C THR E 299 18.91 -4.93 31.66
N PRO E 300 17.61 -4.78 31.34
CA PRO E 300 16.72 -5.89 31.04
C PRO E 300 17.17 -6.79 29.87
N LEU E 301 17.91 -6.23 28.90
CA LEU E 301 18.68 -7.03 27.93
C LEU E 301 20.16 -6.93 28.28
N ALA E 302 20.74 -7.98 28.83
CA ALA E 302 22.12 -8.00 29.35
C ALA E 302 23.11 -7.74 28.22
N HIS E 303 22.76 -8.09 26.99
CA HIS E 303 23.70 -7.93 25.85
C HIS E 303 22.98 -7.81 24.51
N MET E 304 23.76 -7.41 23.52
CA MET E 304 23.44 -7.53 22.09
C MET E 304 24.69 -8.00 21.36
N ARG E 305 24.49 -8.77 20.29
CA ARG E 305 25.56 -9.51 19.59
C ARG E 305 25.82 -8.83 18.26
N ARG E 306 27.07 -8.91 17.81
CA ARG E 306 27.46 -8.50 16.43
C ARG E 306 28.31 -9.63 15.84
N THR E 307 28.50 -9.58 14.52
CA THR E 307 29.44 -10.45 13.79
C THR E 307 30.38 -9.53 13.02
N ALA E 308 31.69 -9.66 13.23
CA ALA E 308 32.72 -8.88 12.51
C ALA E 308 32.70 -9.24 11.03
N LEU E 309 32.65 -8.26 10.14
CA LEU E 309 32.61 -8.46 8.66
C LEU E 309 34.03 -8.53 8.07
N GLN E 310 35.00 -7.92 8.74
CA GLN E 310 36.44 -7.89 8.37
C GLN E 310 37.27 -8.08 9.65
N ASP E 311 38.53 -8.49 9.52
CA ASP E 311 39.54 -8.38 10.60
C ASP E 311 39.56 -6.92 11.06
N THR E 312 39.66 -6.68 12.36
CA THR E 312 39.60 -5.32 12.96
C THR E 312 40.23 -5.36 14.35
N GLU E 313 40.52 -4.19 14.93
CA GLU E 313 41.13 -4.07 16.28
C GLU E 313 40.09 -3.38 17.17
N LEU E 314 39.93 -3.94 18.38
CA LEU E 314 39.09 -3.35 19.45
C LEU E 314 39.87 -3.51 20.75
N GLY E 315 40.13 -2.41 21.44
CA GLY E 315 40.93 -2.39 22.69
C GLY E 315 42.23 -3.20 22.54
N GLY E 316 42.91 -3.05 21.40
CA GLY E 316 44.21 -3.67 21.11
C GLY E 316 44.15 -5.15 20.83
N LYS E 317 42.97 -5.70 20.55
CA LYS E 317 42.76 -7.14 20.27
C LYS E 317 42.40 -7.30 18.80
N SER E 318 42.88 -8.39 18.19
CA SER E 318 42.62 -8.76 16.79
C SER E 318 41.37 -9.63 16.72
N ILE E 319 40.26 -9.00 16.32
CA ILE E 319 38.96 -9.69 16.07
C ILE E 319 38.94 -10.11 14.60
N ARG E 320 38.62 -11.37 14.34
CA ARG E 320 38.69 -11.98 12.99
C ARG E 320 37.34 -11.88 12.30
N LYS E 321 37.40 -11.91 10.97
CA LYS E 321 36.21 -11.96 10.09
C LYS E 321 35.36 -13.13 10.61
N GLY E 322 34.07 -12.91 10.81
CA GLY E 322 33.12 -13.97 11.19
C GLY E 322 33.05 -14.19 12.68
N ASP E 323 33.87 -13.52 13.48
CA ASP E 323 33.85 -13.64 14.96
C ASP E 323 32.53 -13.08 15.52
N LYS E 324 31.99 -13.76 16.53
CA LYS E 324 30.83 -13.31 17.33
C LYS E 324 31.35 -12.33 18.43
N VAL E 325 30.84 -11.10 18.44
CA VAL E 325 31.24 -10.02 19.37
C VAL E 325 30.02 -9.71 20.26
N ILE E 326 30.17 -9.80 21.58
CA ILE E 326 29.06 -9.59 22.54
C ILE E 326 29.31 -8.28 23.28
N MET E 327 28.43 -7.31 23.09
CA MET E 327 28.36 -6.04 23.85
C MET E 327 27.60 -6.32 25.14
N TRP E 328 28.31 -6.49 26.26
CA TRP E 328 27.70 -6.79 27.58
C TRP E 328 27.28 -5.48 28.25
N TYR E 329 26.12 -4.98 27.89
CA TYR E 329 25.47 -3.80 28.49
C TYR E 329 25.48 -3.93 30.02
N VAL E 330 25.25 -5.13 30.55
CA VAL E 330 25.18 -5.39 32.02
C VAL E 330 26.52 -5.00 32.65
N SER E 331 27.62 -5.18 31.93
CA SER E 331 28.99 -4.78 32.38
C SER E 331 29.21 -3.28 32.13
N GLY E 332 28.89 -2.79 30.93
CA GLY E 332 29.05 -1.36 30.57
C GLY E 332 28.30 -0.44 31.51
N ASN E 333 27.13 -0.86 32.00
CA ASN E 333 26.30 -0.02 32.90
C ASN E 333 26.90 -0.03 34.30
N ARG E 334 27.92 -0.84 34.56
CA ARG E 334 28.65 -0.90 35.86
C ARG E 334 30.11 -0.43 35.65
N ASP E 335 30.43 0.21 34.54
CA ASP E 335 31.80 0.69 34.24
C ASP E 335 32.07 2.01 34.96
N PRO E 336 33.00 2.04 35.97
CA PRO E 336 33.27 3.27 36.72
C PRO E 336 33.99 4.36 35.90
N GLU E 337 34.59 3.98 34.76
CA GLU E 337 35.15 4.95 33.78
C GLU E 337 34.05 5.82 33.17
N ALA E 338 32.81 5.33 33.11
CA ALA E 338 31.69 6.01 32.42
C ALA E 338 30.68 6.57 33.42
N ILE E 339 30.47 5.91 34.54
CA ILE E 339 29.39 6.26 35.50
C ILE E 339 30.00 6.33 36.90
N GLU E 340 29.85 7.46 37.59
CA GLU E 340 30.29 7.64 39.02
C GLU E 340 29.53 6.64 39.90
N ASN E 341 30.22 5.87 40.74
CA ASN E 341 29.61 5.00 41.76
C ASN E 341 28.58 4.09 41.07
N PRO E 342 29.00 3.32 40.05
CA PRO E 342 28.06 2.62 39.18
C PRO E 342 27.31 1.45 39.83
N ASP E 343 27.76 0.96 40.98
CA ASP E 343 27.17 -0.22 41.65
C ASP E 343 26.13 0.26 42.68
N ALA E 344 25.96 1.56 42.83
CA ALA E 344 24.88 2.16 43.66
C ALA E 344 23.65 2.47 42.78
N PHE E 345 22.48 2.21 43.34
CA PHE E 345 21.18 2.72 42.84
C PHE E 345 20.98 4.14 43.39
N ILE E 346 21.11 5.17 42.55
CA ILE E 346 20.92 6.60 42.90
C ILE E 346 19.85 7.17 41.97
N ILE E 347 18.73 7.65 42.54
CA ILE E 347 17.54 8.03 41.74
C ILE E 347 17.62 9.49 41.32
N ASP E 348 18.67 10.21 41.71
CA ASP E 348 18.81 11.67 41.45
C ASP E 348 20.18 11.97 40.84
N ARG E 349 20.68 11.09 39.97
CA ARG E 349 21.91 11.36 39.19
C ARG E 349 21.65 12.59 38.29
N ALA E 350 22.68 13.41 38.05
CA ALA E 350 22.55 14.61 37.19
C ALA E 350 22.28 14.17 35.73
N LYS E 351 22.95 13.12 35.25
CA LYS E 351 22.84 12.59 33.86
C LYS E 351 22.37 11.14 33.92
N PRO E 352 21.09 10.86 34.29
CA PRO E 352 20.64 9.50 34.52
C PRO E 352 20.37 8.69 33.24
N ARG E 353 20.33 9.35 32.09
CA ARG E 353 20.12 8.71 30.78
C ARG E 353 21.48 8.28 30.20
N HIS E 354 22.57 8.45 30.93
CA HIS E 354 23.91 8.02 30.48
C HIS E 354 24.09 6.54 30.83
N HIS E 355 23.56 5.66 29.98
CA HIS E 355 23.63 4.20 30.12
C HIS E 355 23.43 3.55 28.75
N LEU E 356 23.59 2.23 28.68
CA LEU E 356 23.63 1.44 27.42
C LEU E 356 22.41 0.53 27.33
N SER E 357 21.47 0.63 28.27
CA SER E 357 20.32 -0.29 28.36
C SER E 357 19.49 -0.26 27.07
N PHE E 358 19.41 0.89 26.40
CA PHE E 358 18.66 1.05 25.12
C PHE E 358 19.60 0.90 23.92
N GLY E 359 20.85 0.53 24.21
CA GLY E 359 21.94 0.50 23.21
C GLY E 359 22.22 1.90 22.70
N PHE E 360 22.77 2.01 21.49
CA PHE E 360 23.24 3.28 20.90
C PHE E 360 23.38 3.09 19.39
N GLY E 361 23.21 4.18 18.63
CA GLY E 361 23.48 4.20 17.19
C GLY E 361 22.24 3.87 16.41
N ILE E 362 22.38 3.28 15.23
CA ILE E 362 21.26 3.14 14.26
C ILE E 362 20.21 2.14 14.77
N HIS E 363 20.57 1.24 15.71
CA HIS E 363 19.62 0.24 16.27
C HIS E 363 19.09 0.68 17.64
N ARG E 364 19.44 1.87 18.12
CA ARG E 364 19.02 2.36 19.46
C ARG E 364 17.51 2.13 19.59
N CYS E 365 17.09 1.59 20.72
CA CYS E 365 15.69 1.23 20.99
C CYS E 365 14.71 2.33 20.51
N VAL E 366 13.80 1.95 19.61
CA VAL E 366 12.75 2.84 19.08
C VAL E 366 11.66 3.02 20.12
N GLY E 367 11.52 2.07 21.05
CA GLY E 367 10.44 2.06 22.06
C GLY E 367 10.84 2.66 23.39
N ASN E 368 11.98 3.36 23.47
CA ASN E 368 12.56 3.78 24.77
C ASN E 368 11.64 4.79 25.46
N ARG E 369 11.00 5.67 24.70
CA ARG E 369 10.11 6.74 25.23
C ARG E 369 8.83 6.08 25.74
N LEU E 370 8.37 5.02 25.08
CA LEU E 370 7.13 4.29 25.48
C LEU E 370 7.42 3.49 26.76
N ALA E 371 8.62 2.90 26.88
CA ALA E 371 9.03 2.13 28.06
C ALA E 371 9.09 3.08 29.28
N GLU E 372 9.77 4.21 29.13
CA GLU E 372 9.93 5.20 30.23
C GLU E 372 8.55 5.76 30.60
N LEU E 373 7.66 5.96 29.63
CA LEU E 373 6.28 6.47 29.87
C LEU E 373 5.52 5.49 30.76
N GLN E 374 5.53 4.19 30.42
CA GLN E 374 4.86 3.13 31.23
C GLN E 374 5.41 3.13 32.66
N LEU E 375 6.72 3.26 32.84
CA LEU E 375 7.39 3.19 34.16
C LEU E 375 7.08 4.44 35.00
N ARG E 376 7.13 5.62 34.39
CA ARG E 376 6.75 6.89 35.05
C ARG E 376 5.32 6.75 35.59
N ILE E 377 4.39 6.32 34.75
CA ILE E 377 2.94 6.29 35.13
C ILE E 377 2.72 5.30 36.28
N VAL E 378 3.35 4.14 36.24
CA VAL E 378 3.25 3.13 37.34
C VAL E 378 3.68 3.79 38.65
N TRP E 379 4.84 4.44 38.68
CA TRP E 379 5.40 5.01 39.93
C TRP E 379 4.55 6.19 40.43
N GLU E 380 4.04 7.03 39.52
CA GLU E 380 3.09 8.11 39.84
C GLU E 380 1.86 7.50 40.54
N GLU E 381 1.23 6.51 39.91
CA GLU E 381 -0.03 5.90 40.40
C GLU E 381 0.24 5.09 41.68
N LEU E 382 1.43 4.51 41.82
CA LEU E 382 1.84 3.80 43.05
C LEU E 382 1.89 4.81 44.21
N LEU E 383 2.51 5.97 44.00
CA LEU E 383 2.77 6.95 45.08
C LEU E 383 1.47 7.69 45.46
N LYS E 384 0.51 7.83 44.54
CA LYS E 384 -0.81 8.48 44.80
C LYS E 384 -1.57 7.62 45.81
N ARG E 385 -1.39 6.30 45.79
CA ARG E 385 -2.14 5.30 46.61
C ARG E 385 -1.35 4.99 47.90
N TRP E 386 -0.02 4.81 47.79
CA TRP E 386 0.88 4.33 48.86
C TRP E 386 2.13 5.22 48.87
N PRO E 387 2.05 6.41 49.49
CA PRO E 387 3.10 7.42 49.38
C PRO E 387 4.26 7.33 50.37
N ASN E 388 4.20 6.43 51.35
CA ASN E 388 5.19 6.42 52.46
C ASN E 388 6.24 5.36 52.18
N PRO E 389 7.50 5.59 52.61
CA PRO E 389 8.58 4.64 52.38
C PRO E 389 8.29 3.30 53.09
N GLY E 390 8.64 2.19 52.43
CA GLY E 390 8.45 0.82 52.95
C GLY E 390 7.10 0.23 52.61
N GLN E 391 6.14 0.98 52.07
CA GLN E 391 4.74 0.49 51.88
C GLN E 391 4.72 -0.64 50.85
N ILE E 392 5.42 -0.50 49.73
CA ILE E 392 5.56 -1.60 48.72
C ILE E 392 6.81 -2.39 49.11
N GLU E 393 6.64 -3.54 49.73
CA GLU E 393 7.73 -4.29 50.39
C GLU E 393 7.89 -5.66 49.71
N VAL E 394 9.13 -6.02 49.44
CA VAL E 394 9.53 -7.36 48.92
C VAL E 394 9.66 -8.28 50.13
N VAL E 395 8.99 -9.44 50.11
CA VAL E 395 8.82 -10.34 51.30
C VAL E 395 9.29 -11.75 50.95
N GLY E 396 10.21 -11.87 49.99
CA GLY E 396 10.71 -13.17 49.48
C GLY E 396 11.69 -12.96 48.36
N ALA E 397 12.60 -13.90 48.14
CA ALA E 397 13.66 -13.77 47.11
C ALA E 397 12.97 -13.84 45.75
N PRO E 398 13.48 -13.09 44.75
CA PRO E 398 12.91 -13.15 43.40
C PRO E 398 13.37 -14.45 42.73
N GLU E 399 12.57 -14.99 41.80
CA GLU E 399 13.00 -16.08 40.89
C GLU E 399 13.52 -15.40 39.61
N ARG E 400 14.81 -15.54 39.32
CA ARG E 400 15.48 -14.89 38.19
C ARG E 400 15.44 -15.82 36.98
N VAL E 401 15.43 -15.24 35.79
CA VAL E 401 15.36 -15.99 34.51
C VAL E 401 16.71 -16.62 34.20
N LEU E 402 16.70 -17.86 33.71
CA LEU E 402 17.91 -18.56 33.25
C LEU E 402 18.14 -18.15 31.80
N SER E 403 18.97 -17.12 31.60
CA SER E 403 19.32 -16.59 30.27
C SER E 403 20.51 -15.64 30.40
N PRO E 404 21.40 -15.57 29.39
CA PRO E 404 22.42 -14.53 29.33
C PRO E 404 21.92 -13.30 28.56
N PHE E 405 20.68 -13.34 28.09
CA PHE E 405 20.07 -12.28 27.22
C PHE E 405 18.99 -11.54 28.00
N VAL E 406 17.94 -12.24 28.41
CA VAL E 406 16.83 -11.66 29.22
C VAL E 406 17.30 -11.64 30.66
N LYS E 407 17.53 -10.46 31.23
CA LYS E 407 17.88 -10.30 32.67
C LYS E 407 16.60 -9.83 33.37
N GLY E 408 15.92 -10.76 34.02
CA GLY E 408 14.52 -10.53 34.42
C GLY E 408 14.10 -11.44 35.56
N TYR E 409 12.81 -11.46 35.80
CA TYR E 409 12.19 -12.07 36.99
C TYR E 409 10.97 -12.86 36.52
N GLU E 410 10.90 -14.12 36.93
CA GLU E 410 9.73 -15.00 36.75
C GLU E 410 8.73 -14.70 37.88
N SER E 411 9.21 -14.32 39.07
CA SER E 411 8.33 -13.97 40.22
C SER E 411 9.05 -13.01 41.17
N LEU E 412 8.25 -12.25 41.92
CA LEU E 412 8.75 -11.37 43.02
C LEU E 412 7.63 -11.22 44.04
N PRO E 413 7.75 -11.87 45.22
CA PRO E 413 6.75 -11.75 46.28
C PRO E 413 6.77 -10.33 46.88
N VAL E 414 5.61 -9.68 46.83
CA VAL E 414 5.45 -8.29 47.35
C VAL E 414 4.21 -8.27 48.27
N ARG E 415 4.29 -7.49 49.35
CA ARG E 415 3.12 -7.13 50.19
C ARG E 415 3.05 -5.62 50.26
N ILE E 416 1.87 -5.04 49.97
CA ILE E 416 1.59 -3.59 50.22
C ILE E 416 1.07 -3.44 51.66
N ASN E 417 1.84 -2.74 52.52
CA ASN E 417 1.45 -2.38 53.91
C ASN E 417 0.63 -1.09 53.92
N ALA E 418 -0.70 -1.18 54.08
CA ALA E 418 -1.60 -0.01 54.23
C ALA E 418 -2.62 -0.25 55.35
N ILE F 19 18.25 -51.74 -32.92
CA ILE F 19 19.50 -51.56 -33.73
C ILE F 19 19.16 -51.27 -35.19
N PRO F 20 18.18 -51.95 -35.85
CA PRO F 20 17.78 -51.55 -37.19
C PRO F 20 17.07 -50.18 -37.26
N LEU F 21 17.45 -49.35 -38.23
CA LEU F 21 17.12 -47.89 -38.28
C LEU F 21 15.59 -47.69 -38.25
N GLU F 22 14.83 -48.52 -38.97
CA GLU F 22 13.35 -48.39 -39.09
C GLU F 22 12.66 -48.60 -37.73
N ASP F 23 13.34 -49.18 -36.72
CA ASP F 23 12.70 -49.56 -35.43
C ASP F 23 13.25 -48.74 -34.25
N ILE F 24 14.03 -47.69 -34.48
CA ILE F 24 14.50 -46.76 -33.40
C ILE F 24 13.29 -45.94 -32.90
N ASP F 25 13.07 -45.96 -31.59
CA ASP F 25 12.00 -45.19 -30.88
C ASP F 25 12.66 -44.34 -29.79
N VAL F 26 13.01 -43.09 -30.13
CA VAL F 26 13.75 -42.16 -29.22
C VAL F 26 12.82 -41.65 -28.10
N SER F 27 11.50 -41.73 -28.28
CA SER F 27 10.49 -41.25 -27.30
C SER F 27 10.47 -42.16 -26.05
N ASN F 28 11.04 -43.36 -26.11
CA ASN F 28 11.01 -44.36 -25.02
C ASN F 28 11.52 -43.71 -23.74
N PRO F 29 10.64 -43.47 -22.75
CA PRO F 29 11.02 -42.78 -21.52
C PRO F 29 12.23 -43.42 -20.80
N GLU F 30 12.39 -44.73 -20.88
CA GLU F 30 13.50 -45.48 -20.21
C GLU F 30 14.85 -44.97 -20.75
N LEU F 31 14.91 -44.55 -22.02
CA LEU F 31 16.18 -44.02 -22.62
C LEU F 31 16.62 -42.74 -21.90
N PHE F 32 15.65 -41.94 -21.43
CA PHE F 32 15.92 -40.65 -20.74
C PHE F 32 16.35 -40.94 -19.30
N ARG F 33 15.68 -41.88 -18.62
CA ARG F 33 16.03 -42.25 -17.23
C ARG F 33 17.44 -42.83 -17.21
N ASP F 34 17.79 -43.63 -18.20
CA ASP F 34 19.08 -44.39 -18.23
C ASP F 34 20.17 -43.50 -18.84
N ASN F 35 19.78 -42.36 -19.44
CA ASN F 35 20.73 -41.40 -20.06
C ASN F 35 21.41 -42.07 -21.26
N THR F 36 20.64 -42.83 -22.04
CA THR F 36 21.14 -43.60 -23.21
C THR F 36 20.56 -43.01 -24.50
N MET F 37 19.63 -42.05 -24.42
CA MET F 37 18.93 -41.51 -25.61
C MET F 37 19.92 -40.80 -26.53
N TRP F 38 21.03 -40.27 -26.01
CA TRP F 38 22.02 -39.46 -26.79
C TRP F 38 22.46 -40.20 -28.05
N GLY F 39 22.86 -41.46 -27.87
CA GLY F 39 23.35 -42.35 -28.96
C GLY F 39 22.35 -42.45 -30.09
N TYR F 40 21.07 -42.63 -29.77
CA TYR F 40 20.00 -42.82 -30.78
C TYR F 40 19.87 -41.53 -31.58
N PHE F 41 19.95 -40.37 -30.91
CA PHE F 41 19.83 -39.04 -31.56
C PHE F 41 21.06 -38.80 -32.45
N GLU F 42 22.27 -39.13 -31.99
CA GLU F 42 23.51 -39.06 -32.83
C GLU F 42 23.29 -39.90 -34.09
N ARG F 43 22.75 -41.11 -33.94
CA ARG F 43 22.53 -42.05 -35.08
C ARG F 43 21.52 -41.42 -36.05
N LEU F 44 20.42 -40.87 -35.56
CA LEU F 44 19.39 -40.24 -36.42
C LEU F 44 19.99 -39.01 -37.11
N ARG F 45 20.83 -38.23 -36.43
CA ARG F 45 21.39 -36.98 -37.01
C ARG F 45 22.27 -37.32 -38.22
N ARG F 46 22.98 -38.45 -38.16
CA ARG F 46 23.97 -38.90 -39.18
C ARG F 46 23.25 -39.64 -40.32
N GLU F 47 22.29 -40.51 -40.04
CA GLU F 47 21.72 -41.46 -41.05
C GLU F 47 20.31 -41.05 -41.52
N ASP F 48 19.47 -40.46 -40.68
CA ASP F 48 18.04 -40.16 -40.99
C ASP F 48 17.55 -39.00 -40.12
N PRO F 49 17.95 -37.74 -40.42
CA PRO F 49 17.69 -36.61 -39.52
C PRO F 49 16.20 -36.28 -39.29
N VAL F 50 15.37 -36.52 -40.30
CA VAL F 50 13.89 -36.39 -40.21
C VAL F 50 13.31 -37.80 -40.33
N HIS F 51 13.18 -38.49 -39.20
CA HIS F 51 12.94 -39.95 -39.07
C HIS F 51 11.48 -40.20 -38.69
N TYR F 52 10.81 -41.11 -39.39
CA TYR F 52 9.43 -41.53 -39.06
C TYR F 52 9.48 -42.75 -38.13
N CYS F 53 8.68 -42.73 -37.09
CA CYS F 53 8.54 -43.82 -36.10
C CYS F 53 7.09 -44.30 -36.13
N LYS F 54 6.88 -45.59 -36.48
CA LYS F 54 5.55 -46.21 -36.70
C LYS F 54 4.97 -46.66 -35.35
N ASP F 55 5.83 -47.08 -34.42
CA ASP F 55 5.45 -47.77 -33.15
C ASP F 55 6.15 -47.10 -31.96
N SER F 56 5.37 -46.60 -30.98
CA SER F 56 5.88 -45.98 -29.74
C SER F 56 4.77 -45.98 -28.68
N LEU F 57 5.12 -45.58 -27.46
CA LEU F 57 4.14 -45.35 -26.37
C LEU F 57 3.10 -44.30 -26.81
N PHE F 58 3.39 -43.53 -27.86
CA PHE F 58 2.65 -42.29 -28.21
C PHE F 58 2.11 -42.37 -29.65
N GLY F 59 2.12 -43.55 -30.27
CA GLY F 59 1.69 -43.71 -31.67
C GLY F 59 2.76 -43.20 -32.63
N PRO F 60 2.45 -43.07 -33.94
CA PRO F 60 3.46 -42.67 -34.92
C PRO F 60 3.78 -41.18 -34.76
N TYR F 61 5.01 -40.79 -35.06
CA TYR F 61 5.47 -39.37 -35.09
C TYR F 61 6.75 -39.25 -35.91
N TRP F 62 7.00 -38.05 -36.46
CA TRP F 62 8.30 -37.64 -37.05
C TRP F 62 9.23 -37.09 -35.97
N SER F 63 10.50 -37.49 -35.97
CA SER F 63 11.59 -36.91 -35.15
C SER F 63 12.37 -35.93 -36.01
N VAL F 64 12.38 -34.66 -35.65
CA VAL F 64 13.24 -33.62 -36.30
C VAL F 64 14.41 -33.37 -35.34
N THR F 65 15.62 -33.75 -35.76
CA THR F 65 16.78 -34.00 -34.86
C THR F 65 17.88 -32.97 -35.13
N LYS F 66 17.81 -32.23 -36.23
CA LYS F 66 18.86 -31.26 -36.65
C LYS F 66 18.35 -29.85 -36.36
N PHE F 67 19.27 -28.99 -35.89
CA PHE F 67 19.02 -27.58 -35.52
C PHE F 67 18.32 -26.86 -36.66
N LYS F 68 18.85 -26.93 -37.89
CA LYS F 68 18.31 -26.24 -39.10
C LYS F 68 16.85 -26.63 -39.30
N ASP F 69 16.53 -27.93 -39.18
CA ASP F 69 15.18 -28.48 -39.50
C ASP F 69 14.20 -28.07 -38.40
N ILE F 70 14.64 -28.02 -37.14
CA ILE F 70 13.80 -27.54 -36.00
C ILE F 70 13.48 -26.06 -36.22
N MET F 71 14.49 -25.25 -36.58
CA MET F 71 14.30 -23.81 -36.90
C MET F 71 13.21 -23.68 -37.98
N GLN F 72 13.30 -24.52 -39.00
CA GLN F 72 12.36 -24.55 -40.15
C GLN F 72 10.94 -24.77 -39.61
N VAL F 73 10.74 -25.80 -38.80
CA VAL F 73 9.41 -26.13 -38.21
C VAL F 73 8.92 -24.95 -37.35
N GLU F 74 9.78 -24.44 -36.46
CA GLU F 74 9.41 -23.33 -35.56
C GLU F 74 8.92 -22.13 -36.35
N THR F 75 9.55 -21.81 -37.47
CA THR F 75 9.30 -20.55 -38.21
C THR F 75 8.17 -20.71 -39.23
N HIS F 76 7.56 -21.89 -39.36
CA HIS F 76 6.39 -22.10 -40.25
C HIS F 76 5.18 -22.60 -39.45
N PRO F 77 4.64 -21.78 -38.51
CA PRO F 77 3.49 -22.21 -37.72
C PRO F 77 2.17 -22.34 -38.49
N GLU F 78 2.08 -21.73 -39.68
CA GLU F 78 0.90 -21.85 -40.57
C GLU F 78 0.84 -23.26 -41.16
N ILE F 79 1.98 -23.98 -41.22
CA ILE F 79 2.09 -25.39 -41.69
C ILE F 79 2.12 -26.32 -40.46
N PHE F 80 2.99 -26.01 -39.49
CA PHE F 80 3.22 -26.82 -38.27
C PHE F 80 2.50 -26.17 -37.09
N SER F 81 1.25 -26.58 -36.84
CA SER F 81 0.31 -26.03 -35.82
C SER F 81 0.68 -26.48 -34.41
N SER F 82 0.40 -25.61 -33.43
CA SER F 82 0.55 -25.84 -31.98
C SER F 82 -0.82 -26.07 -31.35
N GLU F 83 -1.91 -26.10 -32.13
CA GLU F 83 -3.29 -25.88 -31.61
C GLU F 83 -3.63 -26.81 -30.43
N GLY F 84 -3.76 -28.11 -30.60
CA GLY F 84 -4.41 -28.92 -29.54
C GLY F 84 -3.46 -29.24 -28.39
N ASN F 85 -2.17 -29.29 -28.67
CA ASN F 85 -1.22 -30.12 -27.91
C ASN F 85 0.19 -29.79 -28.40
N ILE F 86 1.11 -29.54 -27.48
CA ILE F 86 2.51 -29.21 -27.83
C ILE F 86 3.45 -30.23 -27.21
N THR F 87 2.94 -31.41 -26.82
CA THR F 87 3.75 -32.56 -26.30
C THR F 87 3.49 -33.78 -27.17
N ILE F 88 4.36 -34.78 -27.07
CA ILE F 88 4.24 -36.08 -27.79
C ILE F 88 3.08 -36.89 -27.19
N MET F 89 2.69 -36.56 -25.95
CA MET F 89 1.64 -37.28 -25.17
C MET F 89 0.28 -37.07 -25.84
N GLU F 90 -0.58 -38.08 -25.85
CA GLU F 90 -1.97 -37.98 -26.39
C GLU F 90 -3.01 -38.22 -25.29
N THR F 96 -5.95 -31.11 -24.35
CA THR F 96 -5.85 -30.53 -22.99
C THR F 96 -6.74 -29.29 -22.91
N LEU F 97 -6.56 -28.47 -21.86
CA LEU F 97 -7.33 -27.22 -21.65
C LEU F 97 -6.80 -26.07 -22.54
N PRO F 98 -7.38 -24.87 -22.47
CA PRO F 98 -6.98 -23.78 -23.34
C PRO F 98 -5.81 -23.00 -22.75
N MET F 99 -4.70 -22.98 -23.47
CA MET F 99 -3.46 -22.25 -23.08
C MET F 99 -2.83 -21.73 -24.37
N PHE F 100 -2.38 -20.47 -24.39
CA PHE F 100 -1.82 -19.79 -25.57
C PHE F 100 -0.61 -20.52 -26.16
N ILE F 101 0.12 -21.29 -25.37
CA ILE F 101 1.26 -22.10 -25.93
C ILE F 101 0.70 -23.07 -26.97
N ALA F 102 -0.52 -23.56 -26.74
CA ALA F 102 -1.19 -24.57 -27.59
C ALA F 102 -2.27 -23.89 -28.42
N MET F 103 -1.91 -22.79 -29.07
CA MET F 103 -2.82 -22.01 -29.93
C MET F 103 -2.03 -21.46 -31.11
N ASP F 104 -2.67 -21.35 -32.27
CA ASP F 104 -2.10 -20.74 -33.49
C ASP F 104 -2.47 -19.27 -33.46
N PRO F 105 -1.81 -18.42 -34.27
CA PRO F 105 -2.32 -17.09 -34.59
C PRO F 105 -3.69 -17.17 -35.27
N PRO F 106 -4.65 -16.30 -34.92
CA PRO F 106 -4.38 -15.03 -34.25
C PRO F 106 -4.45 -15.02 -32.72
N LYS F 107 -5.20 -15.93 -32.10
CA LYS F 107 -5.48 -15.97 -30.65
C LYS F 107 -4.18 -16.06 -29.85
N HIS F 108 -3.20 -16.84 -30.29
CA HIS F 108 -1.90 -16.97 -29.59
C HIS F 108 -1.26 -15.59 -29.50
N ASP F 109 -1.18 -14.87 -30.63
CA ASP F 109 -0.47 -13.58 -30.76
C ASP F 109 -1.11 -12.57 -29.80
N VAL F 110 -2.42 -12.58 -29.64
CA VAL F 110 -3.15 -11.60 -28.79
C VAL F 110 -2.78 -11.87 -27.32
N GLN F 111 -2.81 -13.13 -26.91
CA GLN F 111 -2.57 -13.52 -25.50
C GLN F 111 -1.09 -13.36 -25.15
N ARG F 112 -0.17 -13.68 -26.06
CA ARG F 112 1.29 -13.51 -25.84
C ARG F 112 1.57 -12.00 -25.65
N MET F 113 0.99 -11.14 -26.48
CA MET F 113 1.22 -9.67 -26.39
C MET F 113 0.78 -9.19 -25.00
N ALA F 114 -0.31 -9.74 -24.46
CA ALA F 114 -0.87 -9.31 -23.15
C ALA F 114 0.08 -9.75 -22.03
N VAL F 115 0.64 -10.95 -22.12
CA VAL F 115 1.30 -11.66 -20.98
C VAL F 115 2.78 -11.32 -20.94
N SER F 116 3.41 -11.14 -22.11
CA SER F 116 4.87 -10.98 -22.27
C SER F 116 5.42 -9.91 -21.32
N PRO F 117 4.82 -8.70 -21.23
CA PRO F 117 5.28 -7.69 -20.25
C PRO F 117 5.24 -8.10 -18.77
N ILE F 118 4.30 -8.96 -18.39
CA ILE F 118 4.02 -9.39 -17.00
C ILE F 118 5.25 -10.13 -16.46
N VAL F 119 6.00 -10.83 -17.32
CA VAL F 119 7.14 -11.69 -16.89
C VAL F 119 8.48 -11.14 -17.43
N ALA F 120 8.46 -9.91 -17.89
CA ALA F 120 9.64 -9.12 -18.31
C ALA F 120 10.32 -8.57 -17.07
N PRO F 121 11.67 -8.72 -16.92
CA PRO F 121 12.38 -8.23 -15.74
C PRO F 121 12.23 -6.70 -15.47
N GLU F 122 11.96 -5.92 -16.51
CA GLU F 122 11.69 -4.45 -16.42
C GLU F 122 10.48 -4.24 -15.51
N ASN F 123 9.51 -5.16 -15.52
CA ASN F 123 8.27 -5.09 -14.71
C ASN F 123 8.45 -5.79 -13.35
N LEU F 124 9.55 -6.50 -13.13
CA LEU F 124 9.84 -7.32 -11.91
C LEU F 124 11.04 -6.70 -11.15
N ALA F 125 11.07 -5.39 -11.01
CA ALA F 125 12.17 -4.65 -10.32
C ALA F 125 12.30 -5.10 -8.85
N LYS F 126 11.19 -5.16 -8.11
CA LYS F 126 11.11 -5.61 -6.69
C LYS F 126 11.70 -7.04 -6.57
N LEU F 127 11.52 -7.91 -7.56
CA LEU F 127 11.66 -9.38 -7.45
C LEU F 127 13.12 -9.82 -7.42
N GLU F 128 14.04 -9.16 -8.12
CA GLU F 128 15.49 -9.57 -8.11
C GLU F 128 16.02 -9.58 -6.66
N GLY F 129 15.64 -8.56 -5.87
CA GLY F 129 16.07 -8.40 -4.46
C GLY F 129 15.49 -9.50 -3.60
N LEU F 130 14.19 -9.79 -3.75
CA LEU F 130 13.47 -10.83 -2.99
C LEU F 130 14.07 -12.20 -3.33
N ILE F 131 14.39 -12.48 -4.59
CA ILE F 131 15.01 -13.77 -5.00
C ILE F 131 16.37 -13.88 -4.34
N ARG F 132 17.14 -12.79 -4.30
CA ARG F 132 18.53 -12.78 -3.74
C ARG F 132 18.48 -13.08 -2.24
N GLU F 133 17.59 -12.45 -1.47
CA GLU F 133 17.58 -12.65 0.00
C GLU F 133 17.08 -14.08 0.28
N ARG F 134 16.06 -14.55 -0.44
CA ARG F 134 15.51 -15.92 -0.27
C ARG F 134 16.57 -16.95 -0.63
N THR F 135 17.31 -16.74 -1.72
CA THR F 135 18.38 -17.66 -2.20
C THR F 135 19.47 -17.71 -1.13
N GLY F 136 19.95 -16.55 -0.69
CA GLY F 136 20.95 -16.42 0.37
C GLY F 136 20.56 -17.22 1.61
N ARG F 137 19.32 -17.08 2.07
CA ARG F 137 18.83 -17.74 3.31
C ARG F 137 18.85 -19.27 3.11
N ALA F 138 18.50 -19.75 1.91
CA ALA F 138 18.37 -21.19 1.59
C ALA F 138 19.74 -21.84 1.59
N LEU F 139 20.73 -21.15 1.00
CA LEU F 139 22.14 -21.62 0.95
C LEU F 139 22.75 -21.57 2.35
N ASP F 140 22.41 -20.55 3.15
CA ASP F 140 22.89 -20.41 4.55
C ASP F 140 22.44 -21.62 5.38
N GLY F 141 21.32 -22.27 5.01
CA GLY F 141 20.75 -23.41 5.74
C GLY F 141 21.23 -24.76 5.21
N LEU F 142 22.12 -24.80 4.23
CA LEU F 142 22.62 -26.09 3.66
C LEU F 142 23.65 -26.68 4.60
N PRO F 143 23.65 -28.01 4.80
CA PRO F 143 24.69 -28.66 5.60
C PRO F 143 26.05 -28.66 4.89
N ILE F 144 27.11 -28.50 5.67
CA ILE F 144 28.53 -28.39 5.21
C ILE F 144 29.23 -29.71 5.55
N ASN F 145 30.01 -30.26 4.61
CA ASN F 145 30.84 -31.49 4.81
C ASN F 145 29.94 -32.70 5.10
N GLU F 146 28.71 -32.68 4.57
CA GLU F 146 27.68 -33.73 4.74
C GLU F 146 26.93 -33.86 3.40
N THR F 147 26.78 -35.08 2.89
CA THR F 147 26.00 -35.36 1.65
C THR F 147 24.53 -34.99 1.89
N PHE F 148 23.93 -34.29 0.92
CA PHE F 148 22.47 -33.97 0.88
C PHE F 148 21.98 -34.08 -0.57
N ASP F 149 20.66 -34.11 -0.74
CA ASP F 149 19.99 -34.13 -2.07
C ASP F 149 19.81 -32.67 -2.52
N TRP F 150 20.55 -32.28 -3.56
CA TRP F 150 20.52 -30.92 -4.16
C TRP F 150 19.12 -30.60 -4.67
N VAL F 151 18.46 -31.59 -5.26
CA VAL F 151 17.13 -31.40 -5.88
C VAL F 151 16.13 -30.95 -4.81
N LYS F 152 16.11 -31.63 -3.65
CA LYS F 152 15.13 -31.31 -2.55
C LYS F 152 15.51 -29.97 -1.90
N LEU F 153 16.79 -29.75 -1.55
CA LEU F 153 17.22 -28.69 -0.60
C LEU F 153 17.47 -27.37 -1.31
N VAL F 154 17.79 -27.41 -2.61
CA VAL F 154 18.09 -26.20 -3.44
C VAL F 154 17.07 -26.10 -4.56
N SER F 155 17.09 -27.00 -5.55
CA SER F 155 16.36 -26.84 -6.84
C SER F 155 14.86 -26.75 -6.60
N ILE F 156 14.22 -27.77 -6.04
CA ILE F 156 12.74 -27.71 -5.78
C ILE F 156 12.49 -26.53 -4.83
N ASN F 157 13.29 -26.41 -3.76
CA ASN F 157 13.12 -25.39 -2.69
C ASN F 157 13.10 -23.99 -3.29
N LEU F 158 14.14 -23.58 -4.01
CA LEU F 158 14.27 -22.18 -4.51
C LEU F 158 13.29 -21.91 -5.64
N THR F 159 13.11 -22.80 -6.61
CA THR F 159 12.21 -22.56 -7.77
C THR F 159 10.79 -22.44 -7.25
N THR F 160 10.39 -23.27 -6.30
CA THR F 160 9.04 -23.23 -5.67
C THR F 160 8.93 -21.90 -4.90
N GLN F 161 9.95 -21.58 -4.09
CA GLN F 161 9.99 -20.31 -3.30
C GLN F 161 9.87 -19.16 -4.29
N MET F 162 10.67 -19.15 -5.37
CA MET F 162 10.69 -18.07 -6.39
C MET F 162 9.28 -17.89 -6.96
N LEU F 163 8.62 -18.98 -7.35
CA LEU F 163 7.28 -18.91 -8.01
C LEU F 163 6.26 -18.43 -6.99
N ALA F 164 6.31 -18.91 -5.76
CA ALA F 164 5.41 -18.45 -4.67
C ALA F 164 5.54 -16.92 -4.56
N THR F 165 6.76 -16.36 -4.58
CA THR F 165 6.98 -14.90 -4.44
C THR F 165 6.39 -14.21 -5.67
N LEU F 166 6.70 -14.69 -6.88
CA LEU F 166 6.24 -14.11 -8.18
C LEU F 166 4.72 -14.00 -8.14
N PHE F 167 4.01 -15.01 -7.63
CA PHE F 167 2.53 -15.13 -7.76
C PHE F 167 1.88 -14.75 -6.43
N ASP F 168 2.67 -14.39 -5.40
CA ASP F 168 2.21 -14.21 -3.99
C ASP F 168 1.25 -15.37 -3.65
N PHE F 169 1.76 -16.60 -3.81
CA PHE F 169 1.02 -17.85 -3.48
C PHE F 169 1.11 -18.09 -1.99
N PRO F 170 -0.02 -18.38 -1.29
CA PRO F 170 0.02 -18.63 0.14
C PRO F 170 1.15 -19.59 0.51
N TRP F 171 2.15 -19.05 1.21
CA TRP F 171 3.48 -19.70 1.41
C TRP F 171 3.33 -21.08 2.03
N GLU F 172 2.38 -21.27 2.96
CA GLU F 172 2.21 -22.57 3.67
C GLU F 172 1.77 -23.66 2.67
N ASP F 173 1.14 -23.27 1.56
CA ASP F 173 0.58 -24.22 0.54
C ASP F 173 1.53 -24.34 -0.67
N ARG F 174 2.75 -23.81 -0.61
CA ARG F 174 3.59 -23.61 -1.82
C ARG F 174 3.91 -24.97 -2.49
N ALA F 175 3.97 -26.06 -1.74
CA ALA F 175 4.33 -27.39 -2.28
C ALA F 175 3.26 -27.83 -3.30
N LYS F 176 2.03 -27.33 -3.18
CA LYS F 176 0.93 -27.62 -4.14
C LYS F 176 1.36 -27.22 -5.56
N LEU F 177 2.15 -26.16 -5.72
CA LEU F 177 2.67 -25.70 -7.04
C LEU F 177 3.54 -26.80 -7.66
N THR F 178 4.47 -27.36 -6.89
CA THR F 178 5.36 -28.48 -7.32
C THR F 178 4.52 -29.69 -7.73
N ARG F 179 3.46 -29.98 -6.99
CA ARG F 179 2.58 -31.14 -7.26
C ARG F 179 1.88 -30.92 -8.61
N TRP F 180 1.20 -29.79 -8.78
CA TRP F 180 0.42 -29.44 -10.00
C TRP F 180 1.35 -29.44 -11.20
N SER F 181 2.57 -28.95 -11.04
CA SER F 181 3.63 -28.94 -12.08
C SER F 181 3.91 -30.38 -12.52
N ASP F 182 4.12 -31.28 -11.56
CA ASP F 182 4.46 -32.71 -11.80
C ASP F 182 3.25 -33.39 -12.47
N VAL F 183 2.04 -33.15 -11.97
CA VAL F 183 0.76 -33.73 -12.49
C VAL F 183 0.56 -33.30 -13.95
N ALA F 184 0.90 -32.07 -14.31
CA ALA F 184 0.58 -31.50 -15.64
C ALA F 184 1.36 -32.24 -16.72
N THR F 185 2.58 -32.67 -16.43
CA THR F 185 3.54 -33.21 -17.45
C THR F 185 3.68 -34.74 -17.36
N ALA F 186 3.27 -35.38 -16.26
CA ALA F 186 3.57 -36.79 -15.96
C ALA F 186 2.94 -37.74 -16.99
N LEU F 187 3.61 -38.85 -17.27
CA LEU F 187 2.99 -40.01 -17.93
C LEU F 187 2.11 -40.72 -16.91
N VAL F 188 1.01 -41.33 -17.36
CA VAL F 188 0.16 -42.24 -16.53
C VAL F 188 1.04 -43.39 -16.01
N GLY F 189 0.96 -43.72 -14.71
CA GLY F 189 1.58 -44.93 -14.11
C GLY F 189 3.09 -44.83 -13.90
N THR F 190 3.61 -43.61 -13.75
CA THR F 190 5.05 -43.34 -13.50
C THR F 190 5.27 -42.94 -12.05
N GLY F 191 4.22 -42.99 -11.22
CA GLY F 191 4.32 -42.83 -9.76
C GLY F 191 3.68 -41.56 -9.25
N ILE F 192 3.18 -40.72 -10.15
CA ILE F 192 2.65 -39.38 -9.81
C ILE F 192 1.13 -39.46 -9.88
N ILE F 193 0.58 -39.85 -11.02
CA ILE F 193 -0.89 -40.08 -11.17
C ILE F 193 -1.09 -41.41 -11.90
N ASP F 194 -2.15 -42.15 -11.55
CA ASP F 194 -2.35 -43.56 -11.99
C ASP F 194 -3.38 -43.65 -13.13
N SER F 195 -4.08 -42.56 -13.42
CA SER F 195 -5.13 -42.49 -14.47
C SER F 195 -5.36 -41.04 -14.90
N GLU F 196 -6.02 -40.84 -16.03
CA GLU F 196 -6.41 -39.50 -16.53
C GLU F 196 -7.50 -38.93 -15.61
N GLU F 197 -8.36 -39.76 -15.04
CA GLU F 197 -9.43 -39.31 -14.10
C GLU F 197 -8.76 -38.64 -12.89
N GLN F 198 -7.67 -39.21 -12.38
CA GLN F 198 -6.90 -38.66 -11.23
C GLN F 198 -6.18 -37.37 -11.65
N ARG F 199 -5.61 -37.32 -12.87
CA ARG F 199 -4.97 -36.08 -13.40
C ARG F 199 -6.00 -34.94 -13.38
N MET F 200 -7.20 -35.16 -13.90
CA MET F 200 -8.23 -34.09 -14.01
C MET F 200 -8.81 -33.79 -12.62
N GLU F 201 -8.89 -34.76 -11.71
CA GLU F 201 -9.34 -34.52 -10.31
C GLU F 201 -8.37 -33.54 -9.62
N GLU F 202 -7.06 -33.78 -9.73
CA GLU F 202 -6.03 -32.95 -9.05
C GLU F 202 -5.98 -31.57 -9.70
N LEU F 203 -6.19 -31.49 -11.01
CA LEU F 203 -6.17 -30.19 -11.74
C LEU F 203 -7.45 -29.40 -11.43
N LYS F 204 -8.56 -30.08 -11.10
CA LYS F 204 -9.83 -29.43 -10.65
C LYS F 204 -9.51 -28.62 -9.38
N GLY F 205 -8.71 -29.19 -8.48
CA GLY F 205 -8.27 -28.52 -7.24
C GLY F 205 -7.39 -27.30 -7.51
N CYS F 206 -6.62 -27.34 -8.61
CA CYS F 206 -5.73 -26.25 -9.04
C CYS F 206 -6.59 -25.10 -9.55
N VAL F 207 -7.58 -25.39 -10.39
CA VAL F 207 -8.50 -24.36 -10.95
C VAL F 207 -9.31 -23.73 -9.82
N GLN F 208 -9.80 -24.55 -8.86
CA GLN F 208 -10.58 -24.09 -7.70
C GLN F 208 -9.72 -23.14 -6.86
N TYR F 209 -8.51 -23.56 -6.51
CA TYR F 209 -7.55 -22.78 -5.69
C TYR F 209 -7.26 -21.44 -6.36
N MET F 210 -6.88 -21.45 -7.65
CA MET F 210 -6.44 -20.23 -8.37
C MET F 210 -7.62 -19.28 -8.57
N THR F 211 -8.85 -19.82 -8.66
CA THR F 211 -10.08 -19.01 -8.84
C THR F 211 -10.30 -18.17 -7.56
N ARG F 212 -10.17 -18.80 -6.39
CA ARG F 212 -10.27 -18.11 -5.08
C ARG F 212 -9.23 -16.97 -5.06
N LEU F 213 -7.98 -17.23 -5.48
CA LEU F 213 -6.88 -16.22 -5.47
C LEU F 213 -7.21 -15.06 -6.40
N TRP F 214 -7.73 -15.37 -7.58
CA TRP F 214 -8.16 -14.36 -8.56
C TRP F 214 -9.22 -13.47 -7.93
N ASN F 215 -10.27 -14.06 -7.34
CA ASN F 215 -11.39 -13.29 -6.73
C ASN F 215 -10.87 -12.36 -5.62
N GLU F 216 -9.86 -12.77 -4.86
CA GLU F 216 -9.27 -11.97 -3.75
C GLU F 216 -8.45 -10.81 -4.29
N ARG F 217 -8.02 -10.85 -5.56
CA ARG F 217 -6.97 -9.91 -6.08
C ARG F 217 -7.51 -9.01 -7.20
N VAL F 218 -8.68 -9.32 -7.78
CA VAL F 218 -9.38 -8.42 -8.74
C VAL F 218 -9.92 -7.16 -8.06
N ASN F 219 -10.49 -7.25 -6.86
CA ASN F 219 -11.28 -6.15 -6.25
C ASN F 219 -10.37 -5.32 -5.31
N VAL F 220 -9.04 -5.48 -5.37
CA VAL F 220 -8.08 -4.88 -4.40
C VAL F 220 -6.99 -4.15 -5.19
N PRO F 221 -6.33 -3.12 -4.60
CA PRO F 221 -5.24 -2.43 -5.30
C PRO F 221 -4.12 -3.40 -5.68
N PRO F 222 -3.57 -3.33 -6.92
CA PRO F 222 -2.54 -4.27 -7.36
C PRO F 222 -1.31 -4.35 -6.45
N GLY F 223 -0.95 -5.58 -6.05
CA GLY F 223 0.28 -5.86 -5.28
C GLY F 223 1.45 -6.07 -6.20
N ASN F 224 2.61 -6.39 -5.63
CA ASN F 224 3.80 -6.90 -6.36
C ASN F 224 3.62 -8.42 -6.52
N ASP F 225 2.78 -8.82 -7.48
CA ASP F 225 2.53 -10.25 -7.81
C ASP F 225 1.96 -10.31 -9.23
N LEU F 226 2.31 -11.35 -9.99
CA LEU F 226 1.87 -11.60 -11.38
C LEU F 226 0.36 -11.80 -11.42
N ILE F 227 -0.30 -12.36 -10.39
CA ILE F 227 -1.79 -12.56 -10.45
C ILE F 227 -2.45 -11.18 -10.39
N SER F 228 -1.95 -10.30 -9.53
CA SER F 228 -2.41 -8.89 -9.40
C SER F 228 -2.21 -8.15 -10.74
N MET F 229 -0.99 -8.21 -11.27
CA MET F 229 -0.60 -7.49 -12.53
C MET F 229 -1.54 -7.95 -13.67
N MET F 230 -1.82 -9.25 -13.75
CA MET F 230 -2.68 -9.84 -14.82
C MET F 230 -4.13 -9.44 -14.62
N ALA F 231 -4.63 -9.47 -13.38
CA ALA F 231 -6.03 -9.17 -13.04
C ALA F 231 -6.34 -7.68 -13.29
N HIS F 232 -5.31 -6.81 -13.30
CA HIS F 232 -5.42 -5.34 -13.50
C HIS F 232 -4.83 -4.89 -14.84
N THR F 233 -4.69 -5.77 -15.83
CA THR F 233 -4.26 -5.38 -17.21
C THR F 233 -5.52 -5.45 -18.08
N GLU F 234 -6.01 -4.28 -18.54
CA GLU F 234 -7.34 -4.12 -19.19
C GLU F 234 -7.52 -5.13 -20.33
N SER F 235 -6.45 -5.41 -21.08
CA SER F 235 -6.45 -6.26 -22.30
C SER F 235 -6.52 -7.76 -21.97
N MET F 236 -7.13 -8.19 -20.84
CA MET F 236 -7.24 -9.62 -20.43
C MET F 236 -8.65 -9.87 -19.87
N PRO F 241 -11.85 -14.42 -21.63
CA PRO F 241 -12.37 -15.55 -22.41
C PRO F 241 -12.76 -16.71 -21.48
N GLU F 242 -12.46 -16.54 -20.17
CA GLU F 242 -12.61 -17.44 -18.99
C GLU F 242 -11.38 -18.33 -18.84
N GLU F 243 -10.52 -18.21 -19.85
CA GLU F 243 -9.26 -18.99 -19.95
C GLU F 243 -8.08 -18.11 -19.54
N PHE F 244 -8.34 -17.33 -18.49
CA PHE F 244 -7.37 -16.53 -17.73
C PHE F 244 -6.62 -17.58 -16.91
N LEU F 245 -7.38 -18.54 -16.38
CA LEU F 245 -6.91 -19.71 -15.59
C LEU F 245 -5.90 -20.49 -16.43
N GLY F 246 -6.22 -20.71 -17.71
CA GLY F 246 -5.29 -21.46 -18.59
C GLY F 246 -3.92 -20.84 -18.58
N ASN F 247 -3.84 -19.55 -18.93
CA ASN F 247 -2.54 -18.84 -18.99
C ASN F 247 -1.96 -18.70 -17.58
N LEU F 248 -2.82 -18.53 -16.58
CA LEU F 248 -2.32 -18.49 -15.18
C LEU F 248 -1.57 -19.81 -14.91
N ILE F 249 -2.21 -20.94 -15.12
CA ILE F 249 -1.65 -22.29 -14.74
C ILE F 249 -0.44 -22.56 -15.66
N LEU F 250 -0.47 -22.09 -16.92
CA LEU F 250 0.69 -22.25 -17.83
C LEU F 250 1.88 -21.53 -17.23
N LEU F 251 1.71 -20.31 -16.72
CA LEU F 251 2.81 -19.50 -16.16
C LEU F 251 3.30 -20.16 -14.87
N ILE F 252 2.40 -20.71 -14.06
CA ILE F 252 2.76 -21.40 -12.79
C ILE F 252 3.54 -22.71 -13.10
N VAL F 253 3.05 -23.55 -14.00
CA VAL F 253 3.74 -24.81 -14.40
C VAL F 253 5.04 -24.46 -15.17
N GLY F 254 4.96 -23.49 -16.06
CA GLY F 254 5.93 -23.24 -17.14
C GLY F 254 7.31 -22.97 -16.60
N GLY F 255 7.44 -22.16 -15.57
CA GLY F 255 8.73 -21.74 -15.01
C GLY F 255 9.22 -22.62 -13.88
N ASN F 256 8.54 -23.71 -13.56
CA ASN F 256 8.83 -24.49 -12.33
C ASN F 256 9.87 -25.55 -12.66
N ASP F 257 9.44 -26.61 -13.35
CA ASP F 257 10.28 -27.81 -13.60
C ASP F 257 11.50 -27.44 -14.44
N THR F 258 11.40 -26.47 -15.36
CA THR F 258 12.52 -26.11 -16.26
C THR F 258 13.65 -25.43 -15.48
N THR F 259 13.31 -24.41 -14.68
CA THR F 259 14.29 -23.69 -13.83
C THR F 259 14.92 -24.69 -12.85
N ARG F 260 14.08 -25.50 -12.22
CA ARG F 260 14.50 -26.54 -11.28
C ARG F 260 15.59 -27.43 -11.88
N ASN F 261 15.32 -27.98 -13.06
CA ASN F 261 16.26 -28.94 -13.70
C ASN F 261 17.50 -28.19 -14.20
N SER F 262 17.37 -26.91 -14.55
CA SER F 262 18.53 -26.05 -14.92
C SER F 262 19.42 -25.83 -13.69
N MET F 263 18.78 -25.59 -12.53
CA MET F 263 19.50 -25.34 -11.26
C MET F 263 20.34 -26.57 -10.91
N THR F 264 19.75 -27.77 -10.98
CA THR F 264 20.43 -29.06 -10.74
C THR F 264 21.48 -29.33 -11.82
N GLY F 265 21.10 -29.16 -13.09
CA GLY F 265 21.93 -29.46 -14.26
C GLY F 265 23.31 -28.82 -14.18
N GLY F 266 23.36 -27.53 -13.83
CA GLY F 266 24.61 -26.77 -13.83
C GLY F 266 25.65 -27.33 -12.85
N VAL F 267 25.21 -27.70 -11.66
CA VAL F 267 26.08 -28.31 -10.61
C VAL F 267 26.70 -29.57 -11.22
N LEU F 268 25.89 -30.39 -11.86
CA LEU F 268 26.35 -31.66 -12.47
C LEU F 268 27.38 -31.31 -13.56
N ALA F 269 27.07 -30.35 -14.44
CA ALA F 269 27.92 -29.98 -15.59
C ALA F 269 29.28 -29.46 -15.10
N LEU F 270 29.32 -28.66 -14.04
CA LEU F 270 30.59 -28.11 -13.51
C LEU F 270 31.45 -29.24 -12.91
N ASN F 271 30.81 -30.27 -12.34
CA ASN F 271 31.53 -31.40 -11.71
C ASN F 271 32.08 -32.34 -12.78
N GLU F 272 31.34 -32.60 -13.86
CA GLU F 272 31.83 -33.44 -14.98
C GLU F 272 32.94 -32.71 -15.77
N ASN F 273 33.07 -31.38 -15.61
CA ASN F 273 34.02 -30.54 -16.39
C ASN F 273 34.82 -29.65 -15.44
N PRO F 274 35.81 -30.20 -14.70
CA PRO F 274 36.48 -29.46 -13.63
C PRO F 274 37.24 -28.23 -14.16
N ASP F 275 37.68 -28.29 -15.42
CA ASP F 275 38.36 -27.21 -16.18
C ASP F 275 37.46 -25.96 -16.15
N GLU F 276 36.16 -26.14 -16.39
CA GLU F 276 35.17 -25.03 -16.49
C GLU F 276 34.90 -24.49 -15.07
N TYR F 277 34.80 -25.37 -14.08
CA TYR F 277 34.64 -24.97 -12.66
C TYR F 277 35.84 -24.09 -12.27
N ARG F 278 37.03 -24.43 -12.75
CA ARG F 278 38.29 -23.66 -12.48
C ARG F 278 38.15 -22.26 -13.08
N LYS F 279 37.79 -22.16 -14.37
CA LYS F 279 37.61 -20.87 -15.09
C LYS F 279 36.57 -20.00 -14.35
N LEU F 280 35.47 -20.62 -13.93
CA LEU F 280 34.33 -19.93 -13.26
C LEU F 280 34.80 -19.27 -11.95
N CYS F 281 35.55 -19.99 -11.14
CA CYS F 281 36.03 -19.51 -9.82
C CYS F 281 37.10 -18.43 -10.00
N ALA F 282 37.96 -18.56 -11.01
CA ALA F 282 38.94 -17.54 -11.40
C ALA F 282 38.22 -16.23 -11.81
N ASN F 283 37.06 -16.34 -12.48
CA ASN F 283 36.35 -15.19 -13.11
C ASN F 283 34.83 -15.33 -12.94
N PRO F 284 34.26 -15.04 -11.75
CA PRO F 284 32.81 -15.13 -11.53
C PRO F 284 31.91 -14.31 -12.50
N ALA F 285 32.49 -13.43 -13.31
CA ALA F 285 31.76 -12.67 -14.34
C ALA F 285 31.29 -13.62 -15.45
N LEU F 286 31.87 -14.83 -15.54
CA LEU F 286 31.49 -15.83 -16.56
C LEU F 286 30.09 -16.40 -16.32
N ILE F 287 29.48 -16.11 -15.17
CA ILE F 287 28.07 -16.52 -14.89
C ILE F 287 27.19 -16.00 -16.03
N ALA F 288 27.50 -14.84 -16.57
CA ALA F 288 26.75 -14.20 -17.67
C ALA F 288 26.66 -15.16 -18.88
N SER F 289 27.77 -15.83 -19.21
CA SER F 289 27.86 -16.74 -20.39
C SER F 289 27.63 -18.20 -19.98
N MET F 290 27.74 -18.52 -18.68
CA MET F 290 27.55 -19.90 -18.16
C MET F 290 26.05 -20.23 -18.15
N VAL F 291 25.21 -19.30 -17.69
CA VAL F 291 23.76 -19.57 -17.45
C VAL F 291 23.11 -20.05 -18.75
N PRO F 292 23.26 -19.33 -19.89
CA PRO F 292 22.72 -19.82 -21.17
C PRO F 292 23.29 -21.18 -21.59
N GLU F 293 24.57 -21.44 -21.28
CA GLU F 293 25.22 -22.72 -21.63
C GLU F 293 24.61 -23.84 -20.76
N ILE F 294 24.34 -23.59 -19.48
CA ILE F 294 23.71 -24.59 -18.59
C ILE F 294 22.34 -24.95 -19.18
N VAL F 295 21.62 -23.94 -19.69
CA VAL F 295 20.25 -24.13 -20.24
C VAL F 295 20.33 -24.92 -21.55
N ARG F 296 21.36 -24.70 -22.37
CA ARG F 296 21.58 -25.50 -23.62
C ARG F 296 21.92 -26.93 -23.21
N TRP F 297 22.91 -27.07 -22.35
CA TRP F 297 23.47 -28.37 -21.93
C TRP F 297 22.35 -29.22 -21.35
N GLN F 298 21.54 -28.65 -20.46
CA GLN F 298 20.43 -29.35 -19.77
C GLN F 298 19.30 -29.64 -20.75
N THR F 299 18.91 -28.69 -21.58
CA THR F 299 17.70 -28.75 -22.44
C THR F 299 16.54 -29.28 -21.61
N PRO F 300 16.08 -28.50 -20.60
CA PRO F 300 15.13 -29.01 -19.61
C PRO F 300 13.80 -29.52 -20.19
N LEU F 301 13.36 -28.95 -21.31
CA LEU F 301 12.28 -29.55 -22.14
C LEU F 301 12.93 -30.15 -23.39
N ALA F 302 12.99 -31.47 -23.45
CA ALA F 302 13.71 -32.24 -24.49
C ALA F 302 13.08 -31.96 -25.85
N HIS F 303 11.79 -31.64 -25.88
CA HIS F 303 11.10 -31.42 -27.18
C HIS F 303 9.87 -30.52 -27.05
N MET F 304 9.36 -30.12 -28.20
CA MET F 304 8.01 -29.54 -28.36
C MET F 304 7.41 -30.15 -29.64
N ARG F 305 6.09 -30.28 -29.67
CA ARG F 305 5.36 -31.07 -30.68
C ARG F 305 4.61 -30.09 -31.59
N ARG F 306 4.43 -30.47 -32.86
CA ARG F 306 3.52 -29.77 -33.79
C ARG F 306 2.65 -30.81 -34.50
N THR F 307 1.59 -30.35 -35.14
CA THR F 307 0.76 -31.17 -36.06
C THR F 307 0.74 -30.49 -37.41
N ALA F 308 1.13 -31.18 -38.48
CA ALA F 308 1.12 -30.67 -39.87
C ALA F 308 -0.34 -30.40 -40.28
N LEU F 309 -0.63 -29.20 -40.80
CA LEU F 309 -1.99 -28.80 -41.26
C LEU F 309 -2.16 -29.12 -42.76
N GLN F 310 -1.06 -29.21 -43.50
CA GLN F 310 -1.02 -29.59 -44.94
C GLN F 310 0.12 -30.59 -45.16
N ASP F 311 0.05 -31.39 -46.24
CA ASP F 311 1.22 -32.16 -46.78
C ASP F 311 2.35 -31.16 -47.00
N THR F 312 3.59 -31.52 -46.66
CA THR F 312 4.75 -30.60 -46.74
C THR F 312 6.05 -31.43 -46.80
N GLU F 313 7.16 -30.80 -47.19
CA GLU F 313 8.49 -31.45 -47.26
C GLU F 313 9.38 -30.82 -46.18
N LEU F 314 10.10 -31.66 -45.44
CA LEU F 314 11.07 -31.25 -44.40
C LEU F 314 12.26 -32.20 -44.49
N GLY F 315 13.48 -31.68 -44.70
CA GLY F 315 14.69 -32.49 -44.87
C GLY F 315 14.49 -33.61 -45.89
N GLY F 316 13.82 -33.30 -47.00
CA GLY F 316 13.60 -34.21 -48.14
C GLY F 316 12.57 -35.31 -47.86
N LYS F 317 11.77 -35.18 -46.80
CA LYS F 317 10.74 -36.20 -46.41
C LYS F 317 9.35 -35.62 -46.66
N SER F 318 8.41 -36.47 -47.05
CA SER F 318 6.98 -36.14 -47.24
C SER F 318 6.23 -36.36 -45.93
N ILE F 319 5.92 -35.25 -45.24
CA ILE F 319 5.10 -35.25 -44.00
C ILE F 319 3.66 -35.02 -44.42
N ARG F 320 2.74 -35.86 -43.92
CA ARG F 320 1.31 -35.84 -44.31
C ARG F 320 0.50 -34.95 -43.36
N LYS F 321 -0.60 -34.40 -43.88
CA LYS F 321 -1.59 -33.63 -43.11
C LYS F 321 -1.93 -34.50 -41.89
N GLY F 322 -1.89 -33.90 -40.69
CA GLY F 322 -2.30 -34.57 -39.45
C GLY F 322 -1.18 -35.35 -38.80
N ASP F 323 0.00 -35.43 -39.43
CA ASP F 323 1.20 -36.07 -38.85
C ASP F 323 1.68 -35.28 -37.62
N LYS F 324 2.11 -36.01 -36.59
CA LYS F 324 2.71 -35.46 -35.37
C LYS F 324 4.20 -35.27 -35.63
N VAL F 325 4.70 -34.04 -35.45
CA VAL F 325 6.11 -33.64 -35.75
C VAL F 325 6.75 -33.24 -34.42
N ILE F 326 7.85 -33.90 -34.05
CA ILE F 326 8.54 -33.66 -32.74
C ILE F 326 9.86 -32.96 -33.02
N MET F 327 9.98 -31.73 -32.53
CA MET F 327 11.23 -30.93 -32.54
C MET F 327 12.06 -31.35 -31.31
N TRP F 328 13.07 -32.21 -31.49
CA TRP F 328 13.91 -32.73 -30.39
C TRP F 328 15.03 -31.73 -30.13
N TYR F 329 14.72 -30.69 -29.34
CA TYR F 329 15.68 -29.67 -28.86
C TYR F 329 16.92 -30.36 -28.29
N VAL F 330 16.73 -31.49 -27.58
CA VAL F 330 17.84 -32.23 -26.91
C VAL F 330 18.87 -32.65 -27.96
N SER F 331 18.39 -32.99 -29.17
CA SER F 331 19.24 -33.39 -30.32
C SER F 331 19.81 -32.15 -31.01
N GLY F 332 18.96 -31.16 -31.30
CA GLY F 332 19.36 -29.89 -31.94
C GLY F 332 20.45 -29.18 -31.17
N ASN F 333 20.44 -29.24 -29.85
CA ASN F 333 21.42 -28.53 -29.00
C ASN F 333 22.74 -29.29 -29.01
N ARG F 334 22.78 -30.49 -29.60
CA ARG F 334 23.99 -31.32 -29.75
C ARG F 334 24.35 -31.45 -31.25
N ASP F 335 23.77 -30.62 -32.12
CA ASP F 335 24.02 -30.65 -33.59
C ASP F 335 25.32 -29.92 -33.91
N PRO F 336 26.40 -30.63 -34.37
CA PRO F 336 27.68 -29.99 -34.66
C PRO F 336 27.64 -29.07 -35.89
N GLU F 337 26.63 -29.23 -36.76
CA GLU F 337 26.38 -28.31 -37.90
C GLU F 337 26.03 -26.91 -37.38
N ALA F 338 25.45 -26.78 -36.17
CA ALA F 338 24.94 -25.49 -35.62
C ALA F 338 25.83 -24.98 -34.48
N ILE F 339 26.40 -25.87 -33.67
CA ILE F 339 27.17 -25.49 -32.45
C ILE F 339 28.53 -26.18 -32.50
N GLU F 340 29.62 -25.41 -32.42
CA GLU F 340 31.02 -25.91 -32.34
C GLU F 340 31.16 -26.78 -31.07
N ASN F 341 31.68 -28.00 -31.19
CA ASN F 341 32.02 -28.87 -30.04
C ASN F 341 30.79 -28.98 -29.13
N PRO F 342 29.65 -29.44 -29.66
CA PRO F 342 28.37 -29.34 -28.95
C PRO F 342 28.21 -30.27 -27.74
N ASP F 343 29.07 -31.26 -27.57
CA ASP F 343 28.95 -32.25 -26.45
C ASP F 343 29.83 -31.78 -25.29
N ALA F 344 30.57 -30.69 -25.47
CA ALA F 344 31.37 -30.05 -24.39
C ALA F 344 30.54 -28.95 -23.72
N PHE F 345 30.70 -28.87 -22.41
CA PHE F 345 30.21 -27.74 -21.58
C PHE F 345 31.31 -26.68 -21.59
N ILE F 346 31.08 -25.58 -22.31
CA ILE F 346 32.00 -24.40 -22.31
C ILE F 346 31.24 -23.17 -21.82
N ILE F 347 31.70 -22.57 -20.73
CA ILE F 347 30.94 -21.49 -20.02
C ILE F 347 31.29 -20.13 -20.62
N ASP F 348 32.19 -20.07 -21.60
CA ASP F 348 32.68 -18.79 -22.20
C ASP F 348 32.58 -18.87 -23.73
N ARG F 349 31.51 -19.47 -24.25
CA ARG F 349 31.20 -19.44 -25.70
C ARG F 349 31.00 -17.97 -26.12
N ALA F 350 31.37 -17.62 -27.35
CA ALA F 350 31.22 -16.25 -27.89
C ALA F 350 29.74 -15.91 -28.05
N LYS F 351 28.93 -16.86 -28.56
CA LYS F 351 27.46 -16.70 -28.78
C LYS F 351 26.73 -17.75 -27.96
N PRO F 352 26.66 -17.62 -26.61
CA PRO F 352 26.12 -18.66 -25.74
C PRO F 352 24.60 -18.76 -25.73
N ARG F 353 23.91 -17.80 -26.32
CA ARG F 353 22.41 -17.82 -26.45
C ARG F 353 22.02 -18.53 -27.76
N HIS F 354 22.96 -19.10 -28.51
CA HIS F 354 22.67 -19.83 -29.77
C HIS F 354 22.29 -21.28 -29.42
N HIS F 355 21.03 -21.48 -29.04
CA HIS F 355 20.49 -22.81 -28.68
C HIS F 355 18.96 -22.78 -28.82
N LEU F 356 18.32 -23.93 -28.66
CA LEU F 356 16.88 -24.14 -28.94
C LEU F 356 16.12 -24.40 -27.64
N SER F 357 16.78 -24.30 -26.49
CA SER F 357 16.19 -24.68 -25.18
C SER F 357 14.94 -23.82 -24.88
N PHE F 358 14.90 -22.57 -25.34
CA PHE F 358 13.71 -21.67 -25.17
C PHE F 358 12.87 -21.70 -26.45
N GLY F 359 13.18 -22.61 -27.36
CA GLY F 359 12.56 -22.64 -28.70
C GLY F 359 12.93 -21.39 -29.49
N PHE F 360 12.12 -21.03 -30.47
CA PHE F 360 12.40 -19.93 -31.44
C PHE F 360 11.08 -19.54 -32.11
N GLY F 361 10.97 -18.28 -32.52
CA GLY F 361 9.82 -17.81 -33.32
C GLY F 361 8.71 -17.30 -32.43
N ILE F 362 7.46 -17.44 -32.85
CA ILE F 362 6.33 -16.74 -32.16
C ILE F 362 6.09 -17.35 -30.77
N HIS F 363 6.49 -18.60 -30.52
CA HIS F 363 6.27 -19.28 -29.21
C HIS F 363 7.54 -19.23 -28.35
N ARG F 364 8.62 -18.58 -28.80
CA ARG F 364 9.87 -18.46 -28.00
C ARG F 364 9.50 -18.11 -26.55
N CYS F 365 10.07 -18.82 -25.59
CA CYS F 365 9.71 -18.71 -24.15
C CYS F 365 9.61 -17.25 -23.72
N VAL F 366 8.45 -16.85 -23.21
CA VAL F 366 8.23 -15.47 -22.69
C VAL F 366 8.90 -15.32 -21.32
N GLY F 367 9.17 -16.41 -20.62
CA GLY F 367 9.76 -16.41 -19.27
C GLY F 367 11.28 -16.55 -19.23
N ASN F 368 11.95 -16.48 -20.39
CA ASN F 368 13.38 -16.85 -20.52
C ASN F 368 14.26 -15.92 -19.69
N ARG F 369 13.95 -14.63 -19.64
CA ARG F 369 14.79 -13.61 -18.97
C ARG F 369 14.60 -13.77 -17.45
N LEU F 370 13.40 -14.17 -17.02
CA LEU F 370 13.11 -14.43 -15.58
C LEU F 370 13.82 -15.72 -15.14
N ALA F 371 13.86 -16.74 -16.00
CA ALA F 371 14.55 -18.02 -15.72
C ALA F 371 16.06 -17.77 -15.57
N GLU F 372 16.65 -17.04 -16.51
CA GLU F 372 18.10 -16.73 -16.52
C GLU F 372 18.42 -15.89 -15.27
N LEU F 373 17.52 -14.97 -14.87
CA LEU F 373 17.70 -14.13 -13.66
C LEU F 373 17.78 -15.02 -12.40
N GLN F 374 16.87 -15.98 -12.23
CA GLN F 374 16.86 -16.92 -11.09
C GLN F 374 18.19 -17.69 -11.05
N LEU F 375 18.69 -18.16 -12.20
CA LEU F 375 19.92 -19.00 -12.30
C LEU F 375 21.18 -18.16 -12.02
N ARG F 376 21.24 -16.94 -12.57
CA ARG F 376 22.35 -15.99 -12.29
C ARG F 376 22.42 -15.77 -10.76
N ILE F 377 21.30 -15.47 -10.10
CA ILE F 377 21.31 -15.12 -8.65
C ILE F 377 21.80 -16.32 -7.84
N VAL F 378 21.35 -17.55 -8.16
CA VAL F 378 21.81 -18.76 -7.43
C VAL F 378 23.34 -18.86 -7.54
N TRP F 379 23.89 -18.74 -8.75
CA TRP F 379 25.35 -18.92 -8.96
C TRP F 379 26.17 -17.79 -8.33
N GLU F 380 25.67 -16.55 -8.36
CA GLU F 380 26.26 -15.41 -7.64
C GLU F 380 26.36 -15.75 -6.16
N GLU F 381 25.24 -16.13 -5.55
CA GLU F 381 25.14 -16.39 -4.08
C GLU F 381 25.93 -17.65 -3.72
N LEU F 382 26.00 -18.63 -4.63
CA LEU F 382 26.83 -19.85 -4.40
C LEU F 382 28.31 -19.44 -4.32
N LEU F 383 28.77 -18.59 -5.23
CA LEU F 383 30.22 -18.24 -5.34
C LEU F 383 30.63 -17.26 -4.22
N LYS F 384 29.70 -16.45 -3.70
CA LYS F 384 29.97 -15.51 -2.56
C LYS F 384 30.33 -16.33 -1.32
N ARG F 385 29.74 -17.53 -1.17
CA ARG F 385 29.89 -18.40 0.03
C ARG F 385 31.00 -19.43 -0.17
N TRP F 386 31.08 -20.02 -1.37
CA TRP F 386 31.99 -21.14 -1.72
C TRP F 386 32.69 -20.84 -3.05
N PRO F 387 33.76 -20.01 -3.02
CA PRO F 387 34.37 -19.47 -4.22
C PRO F 387 35.49 -20.31 -4.85
N ASN F 388 35.89 -21.41 -4.22
CA ASN F 388 37.04 -22.24 -4.72
C ASN F 388 36.53 -23.40 -5.55
N PRO F 389 37.27 -23.82 -6.60
CA PRO F 389 36.86 -24.93 -7.44
C PRO F 389 36.79 -26.23 -6.64
N GLY F 390 35.77 -27.06 -6.92
CA GLY F 390 35.52 -28.35 -6.25
C GLY F 390 34.71 -28.24 -4.95
N GLN F 391 34.41 -27.04 -4.43
CA GLN F 391 33.73 -26.89 -3.11
C GLN F 391 32.29 -27.45 -3.19
N ILE F 392 31.55 -27.18 -4.27
CA ILE F 392 30.22 -27.81 -4.51
C ILE F 392 30.47 -29.08 -5.29
N GLU F 393 30.45 -30.24 -4.65
CA GLU F 393 30.95 -31.52 -5.23
C GLU F 393 29.82 -32.53 -5.29
N VAL F 394 29.69 -33.19 -6.45
CA VAL F 394 28.71 -34.28 -6.68
C VAL F 394 29.37 -35.57 -6.20
N VAL F 395 28.69 -36.33 -5.34
CA VAL F 395 29.26 -37.49 -4.60
C VAL F 395 28.39 -38.73 -4.83
N GLY F 396 27.75 -38.81 -5.99
CA GLY F 396 26.83 -39.89 -6.36
C GLY F 396 26.12 -39.58 -7.67
N ALA F 397 25.73 -40.60 -8.41
CA ALA F 397 25.06 -40.44 -9.71
C ALA F 397 23.67 -39.86 -9.45
N PRO F 398 23.17 -39.02 -10.36
CA PRO F 398 21.81 -38.49 -10.23
C PRO F 398 20.79 -39.57 -10.60
N GLU F 399 19.57 -39.47 -10.07
CA GLU F 399 18.37 -40.21 -10.53
C GLU F 399 17.63 -39.30 -11.51
N ARG F 400 17.48 -39.76 -12.75
CA ARG F 400 16.86 -38.97 -13.85
C ARG F 400 15.35 -39.24 -13.95
N VAL F 401 14.61 -38.30 -14.53
CA VAL F 401 13.13 -38.38 -14.67
C VAL F 401 12.76 -39.32 -15.82
N LEU F 402 11.74 -40.14 -15.60
CA LEU F 402 11.18 -41.02 -16.65
C LEU F 402 10.18 -40.22 -17.47
N SER F 403 10.64 -39.57 -18.53
CA SER F 403 9.81 -38.70 -19.40
C SER F 403 10.59 -38.38 -20.67
N PRO F 404 9.92 -38.31 -21.84
CA PRO F 404 10.57 -37.83 -23.05
C PRO F 404 10.42 -36.31 -23.21
N PHE F 405 9.76 -35.65 -22.24
CA PHE F 405 9.40 -34.21 -22.30
C PHE F 405 10.24 -33.46 -21.27
N VAL F 406 10.06 -33.78 -19.99
CA VAL F 406 10.85 -33.16 -18.89
C VAL F 406 12.17 -33.91 -18.83
N LYS F 407 13.28 -33.26 -19.16
CA LYS F 407 14.64 -33.81 -19.03
C LYS F 407 15.23 -33.22 -17.75
N GLY F 408 15.24 -34.02 -16.68
CA GLY F 408 15.46 -33.50 -15.33
C GLY F 408 15.96 -34.54 -14.37
N TYR F 409 15.93 -34.20 -13.08
CA TYR F 409 16.57 -34.99 -12.00
C TYR F 409 15.61 -35.07 -10.82
N GLU F 410 15.39 -36.30 -10.34
CA GLU F 410 14.58 -36.57 -9.12
C GLU F 410 15.48 -36.40 -7.91
N SER F 411 16.77 -36.71 -8.03
CA SER F 411 17.79 -36.55 -6.96
C SER F 411 19.19 -36.32 -7.52
N LEU F 412 20.06 -35.67 -6.73
CA LEU F 412 21.50 -35.46 -7.05
C LEU F 412 22.25 -35.31 -5.72
N PRO F 413 23.04 -36.31 -5.30
CA PRO F 413 23.84 -36.21 -4.09
C PRO F 413 24.98 -35.19 -4.23
N VAL F 414 24.99 -34.20 -3.34
CA VAL F 414 26.03 -33.14 -3.33
C VAL F 414 26.55 -32.99 -1.90
N ARG F 415 27.84 -32.68 -1.76
CA ARG F 415 28.48 -32.28 -0.48
C ARG F 415 29.19 -30.95 -0.74
N ILE F 416 28.96 -29.94 0.11
CA ILE F 416 29.72 -28.68 0.11
C ILE F 416 30.92 -28.85 1.04
N ASN F 417 32.14 -28.77 0.50
CA ASN F 417 33.43 -28.78 1.26
C ASN F 417 33.79 -27.37 1.74
CHA HEM G . 20.72 13.14 -32.97
CHB HEM G . 19.87 9.63 -35.98
CHC HEM G . 24.55 9.39 -36.96
CHD HEM G . 25.47 12.43 -33.40
C1A HEM G . 20.11 12.21 -33.76
C2A HEM G . 18.71 12.02 -33.67
C3A HEM G . 18.47 11.02 -34.52
C4A HEM G . 19.71 10.62 -35.11
CMA HEM G . 17.05 10.50 -34.75
CAA HEM G . 17.65 12.76 -32.83
CBA HEM G . 16.89 13.75 -33.76
CGA HEM G . 15.57 14.29 -33.25
O1A HEM G . 14.98 15.17 -33.93
O2A HEM G . 15.01 13.90 -32.19
C1B HEM G . 21.09 9.25 -36.51
C2B HEM G . 21.21 8.22 -37.51
C3B HEM G . 22.54 8.15 -37.83
C4B HEM G . 23.20 9.17 -36.97
CMB HEM G . 20.08 7.40 -38.08
CAB HEM G . 23.27 7.29 -38.81
CBB HEM G . 22.69 6.45 -39.66
C1C HEM G . 25.22 10.20 -36.06
C2C HEM G . 26.61 10.36 -35.99
C3C HEM G . 26.91 11.21 -34.98
C4C HEM G . 25.66 11.57 -34.43
CMC HEM G . 27.64 9.70 -36.90
CAC HEM G . 28.33 11.51 -34.68
CBC HEM G . 28.78 12.08 -33.60
C1D HEM G . 24.18 12.87 -33.02
C2D HEM G . 24.01 13.84 -31.90
C3D HEM G . 22.71 14.08 -31.76
C4D HEM G . 22.10 13.23 -32.83
CMD HEM G . 25.12 14.48 -31.07
CAD HEM G . 22.09 15.03 -30.72
CBD HEM G . 21.54 16.24 -31.46
CGD HEM G . 20.79 17.29 -30.66
O1D HEM G . 20.98 18.48 -30.99
O2D HEM G . 19.96 17.06 -29.77
NA HEM G . 20.70 11.34 -34.65
NB HEM G . 22.29 9.75 -36.24
NC HEM G . 24.67 10.94 -35.13
ND HEM G . 23.01 12.54 -33.54
FE HEM G . 22.66 11.25 -34.89
CAA OC9 H . 21.05 6.42 -24.40
CAC OC9 H . 22.18 6.77 -25.31
CAE OC9 H . 21.83 7.89 -26.25
CAG OC9 H . 20.65 7.58 -27.11
CAI OC9 H . 20.53 8.66 -28.17
CAH OC9 H . 21.53 8.45 -29.34
CAF OC9 H . 21.10 9.24 -30.56
CAD OC9 H . 22.15 9.18 -31.66
OAB OC9 H . 21.58 9.56 -32.94
CHA HEM I . -27.95 12.10 6.91
CHB HEM I . -31.03 13.18 3.44
CHC HEM I . -34.26 14.47 6.76
CHD HEM I . -30.85 14.16 10.14
C1A HEM I . -28.53 12.25 5.70
C2A HEM I . -27.86 11.91 4.50
C3A HEM I . -28.77 12.24 3.49
C4A HEM I . -29.93 12.76 4.11
CMA HEM I . -28.54 12.06 2.03
CAA HEM I . -26.46 11.31 4.32
CBA HEM I . -26.53 9.86 3.78
CGA HEM I . -25.24 9.08 3.39
O1A HEM I . -25.35 7.84 3.11
O2A HEM I . -24.08 9.60 3.30
C1B HEM I . -32.19 13.63 4.06
C2B HEM I . -33.36 13.92 3.32
C3B HEM I . -34.30 14.29 4.23
C4B HEM I . -33.65 14.19 5.56
CMB HEM I . -33.48 13.83 1.83
CAB HEM I . -35.71 14.66 4.05
CBB HEM I . -36.45 14.48 2.97
C1C HEM I . -33.63 14.51 7.98
C2C HEM I . -34.20 14.95 9.19
C3C HEM I . -33.23 14.87 10.18
C4C HEM I . -32.07 14.38 9.52
CMC HEM I . -35.65 15.37 9.33
CAC HEM I . -33.33 15.18 11.65
CBC HEM I . -34.47 15.45 12.27
C1D HEM I . -29.78 13.54 9.46
C2D HEM I . -28.55 13.20 10.14
C3D HEM I . -27.76 12.63 9.27
C4D HEM I . -28.53 12.59 8.03
CMD HEM I . -28.23 13.45 11.58
CAD HEM I . -26.36 12.11 9.55
CBD HEM I . -26.45 10.61 9.90
CGD HEM I . -25.12 9.87 9.88
O1D HEM I . -25.00 8.74 10.41
O2D HEM I . -24.10 10.35 9.36
NA HEM I . -29.80 12.75 5.44
NB HEM I . -32.42 13.78 5.36
NC HEM I . -32.37 14.17 8.21
ND HEM I . -29.72 13.13 8.18
FE HEM I . -31.04 13.40 6.86
CAA OC9 J . -23.16 21.18 5.40
CAC OC9 J . -23.92 20.70 6.63
CAE OC9 J . -25.39 20.36 6.38
CAG OC9 J . -25.63 18.89 6.05
CAI OC9 J . -27.00 18.45 6.55
CAH OC9 J . -27.48 17.24 5.79
CAF OC9 J . -28.32 16.27 6.62
CAD OC9 J . -29.59 15.88 5.88
OAB OC9 J . -30.57 15.26 6.73
CHA HEM K . -42.84 -20.77 19.43
CHB HEM K . -39.12 -20.23 16.51
CHC HEM K . -41.65 -22.38 12.97
CHD HEM K . -45.62 -21.90 15.66
C1A HEM K . -41.60 -20.50 18.93
C2A HEM K . -40.60 -19.86 19.67
C3A HEM K . -39.55 -19.68 18.82
C4A HEM K . -39.92 -20.20 17.60
CMA HEM K . -38.21 -19.08 19.13
CAA HEM K . -40.66 -19.46 21.14
CBA HEM K . -39.63 -20.24 21.94
CGA HEM K . -39.61 -19.82 23.42
O1A HEM K . -38.89 -20.54 24.22
O2A HEM K . -40.27 -18.78 23.84
C1B HEM K . -39.48 -20.81 15.30
C2B HEM K . -38.57 -20.93 14.19
C3B HEM K . -39.28 -21.52 13.15
C4B HEM K . -40.64 -21.80 13.71
CMB HEM K . -37.14 -20.47 14.14
CAB HEM K . -38.86 -21.94 11.81
CBB HEM K . -37.63 -21.89 11.36
C1C HEM K . -42.98 -22.42 13.38
C2C HEM K . -44.03 -22.84 12.60
C3C HEM K . -45.16 -22.74 13.34
C4C HEM K . -44.81 -22.17 14.59
CMC HEM K . -43.93 -23.40 11.21
CAC HEM K . -46.45 -23.09 12.72
CBC HEM K . -47.62 -22.71 13.21
C1D HEM K . -45.16 -21.56 16.94
C2D HEM K . -46.04 -21.39 18.08
C3D HEM K . -45.29 -21.08 19.16
C4D HEM K . -43.92 -21.09 18.63
CMD HEM K . -47.54 -21.48 18.10
CAD HEM K . -45.77 -20.78 20.60
CBD HEM K . -45.46 -21.97 21.46
CGD HEM K . -45.83 -21.86 22.90
O1D HEM K . -46.07 -22.95 23.51
O2D HEM K . -45.90 -20.77 23.50
NA HEM K . -41.18 -20.67 17.67
NB HEM K . -40.68 -21.30 14.97
NC HEM K . -43.45 -22.01 14.57
ND HEM K . -43.89 -21.37 17.31
FE HEM K . -42.33 -21.39 16.21
CAA OC9 L . -46.46 -10.85 16.22
CAC OC9 L . -46.94 -11.91 17.18
CAE OC9 L . -45.74 -12.59 17.82
CAG OC9 L . -45.14 -13.49 16.77
CAI OC9 L . -44.05 -14.40 17.34
CAH OC9 L . -44.38 -15.81 16.97
CAF OC9 L . -43.16 -16.59 16.65
CAD OC9 L . -43.31 -18.08 16.87
OAB OC9 L . -42.49 -18.70 15.87
CHA HEM M . 29.39 32.48 10.90
CHB HEM M . 25.07 30.39 11.17
CHC HEM M . 25.38 29.27 6.53
CHD HEM M . 29.93 30.68 6.45
C1A HEM M . 28.18 32.03 11.36
C2A HEM M . 27.69 32.31 12.66
C3A HEM M . 26.44 31.72 12.74
C4A HEM M . 26.20 31.10 11.49
CMA HEM M . 25.52 31.67 13.92
CAA HEM M . 28.38 33.09 13.74
CBA HEM M . 27.50 34.22 14.25
CGA HEM M . 28.08 35.04 15.43
O1A HEM M . 27.59 36.17 15.67
O2A HEM M . 28.98 34.63 16.21
C1B HEM M . 24.80 29.90 9.90
C2B HEM M . 23.57 29.33 9.56
C3B HEM M . 23.62 28.97 8.25
C4B HEM M . 24.95 29.41 7.82
CMB HEM M . 22.47 29.10 10.51
CAB HEM M . 22.58 28.43 7.35
CBB HEM M . 21.30 28.55 7.63
C1C HEM M . 26.65 29.57 6.10
C2C HEM M . 27.11 29.33 4.79
C3C HEM M . 28.45 29.67 4.73
C4C HEM M . 28.75 30.14 6.04
CMC HEM M . 26.32 28.77 3.63
CAC HEM M . 29.06 29.47 3.40
CBC HEM M . 30.28 29.64 3.06
C1D HEM M . 30.10 31.32 7.68
C2D HEM M . 31.33 32.00 8.03
C3D HEM M . 31.23 32.48 9.26
C4D HEM M . 29.87 32.13 9.63
CMD HEM M . 32.60 32.11 7.24
CAD HEM M . 32.29 33.25 10.06
CBD HEM M . 32.05 34.78 9.95
CGD HEM M . 32.78 35.64 10.94
O1D HEM M . 32.94 36.88 10.73
O2D HEM M . 33.23 35.15 11.97
NA HEM M . 27.24 31.32 10.64
NB HEM M . 25.56 29.97 8.84
NC HEM M . 27.64 30.07 6.83
ND HEM M . 29.23 31.44 8.64
FE HEM M . 27.43 30.81 8.74
CAA OC9 N . 34.43 24.30 15.20
CAC OC9 N . 34.09 24.87 13.83
CAE OC9 N . 32.62 25.30 13.75
CAG OC9 N . 32.35 26.01 12.42
CAI OC9 N . 31.12 26.87 12.59
CAH OC9 N . 30.40 27.11 11.28
CAF OC9 N . 29.73 28.48 11.19
CAD OC9 N . 28.43 28.39 10.40
OAB OC9 N . 28.47 29.24 9.28
CHA HEM O . 16.02 -2.28 20.05
CHB HEM O . 16.40 -2.25 24.80
CHC HEM O . 11.67 -1.30 25.12
CHD HEM O . 11.21 -2.00 20.38
C1A HEM O . 16.53 -2.29 21.36
C2A HEM O . 17.89 -2.58 21.65
C3A HEM O . 18.01 -2.59 22.95
C4A HEM O . 16.72 -2.33 23.46
CMA HEM O . 19.30 -2.83 23.70
CAA HEM O . 19.03 -2.80 20.66
CBA HEM O . 19.94 -1.57 20.68
CGA HEM O . 21.20 -1.73 19.91
O1A HEM O . 21.98 -0.75 19.78
O2A HEM O . 21.53 -2.83 19.41
C1B HEM O . 15.10 -1.98 25.27
C2B HEM O . 14.85 -1.84 26.68
C3B HEM O . 13.51 -1.58 26.80
C4B HEM O . 12.96 -1.54 25.40
CMB HEM O . 15.92 -1.94 27.75
CAB HEM O . 12.74 -1.28 28.02
CBB HEM O . 13.31 -0.98 29.16
C1C HEM O . 11.11 -1.41 23.85
C2C HEM O . 9.75 -1.27 23.55
C3C HEM O . 9.61 -1.46 22.21
C4C HEM O . 10.89 -1.76 21.68
CMC HEM O . 8.64 -0.92 24.54
CAC HEM O . 8.29 -1.34 21.61
CBC HEM O . 8.06 -1.58 20.35
C1D HEM O . 12.53 -2.13 19.94
C2D HEM O . 12.83 -2.33 18.53
C3D HEM O . 14.18 -2.43 18.41
C4D HEM O . 14.68 -2.24 19.78
CMD HEM O . 11.84 -2.45 17.41
CAD HEM O . 15.00 -2.66 17.12
CBD HEM O . 15.40 -1.32 16.51
CGD HEM O . 16.42 -1.37 15.40
O1D HEM O . 16.59 -0.32 14.72
O2D HEM O . 17.06 -2.41 15.14
NA HEM O . 15.82 -2.16 22.50
NB HEM O . 13.94 -1.80 24.59
NC HEM O . 11.78 -1.72 22.72
ND HEM O . 13.68 -2.08 20.66
FE HEM O . 13.84 -1.86 22.52
CAA OC9 P . 13.82 -13.05 19.63
CAC OC9 P . 14.00 -11.78 20.40
CAE OC9 P . 14.27 -10.68 19.43
CAG OC9 P . 15.10 -9.62 20.11
CAI OC9 P . 14.27 -8.95 21.13
CAH OC9 P . 14.72 -7.52 21.04
CAF OC9 P . 14.12 -6.60 22.08
CAD OC9 P . 14.46 -5.16 21.69
OAB OC9 P . 13.85 -4.27 22.63
CHA HEM Q . 7.32 -21.26 -23.74
CHB HEM Q . 11.25 -23.44 -22.27
CHC HEM Q . 11.10 -20.64 -18.23
CHD HEM Q . 6.58 -19.53 -19.35
C1A HEM Q . 8.44 -22.02 -23.69
C2A HEM Q . 8.85 -22.90 -24.76
C3A HEM Q . 9.93 -23.51 -24.32
C4A HEM Q . 10.19 -23.03 -23.02
CMA HEM Q . 10.73 -24.51 -25.08
CAA HEM Q . 8.20 -23.11 -26.13
CBA HEM Q . 9.13 -22.66 -27.28
CGA HEM Q . 8.61 -23.00 -28.68
O1A HEM Q . 9.14 -22.42 -29.66
O2A HEM Q . 7.67 -23.82 -28.88
C1B HEM Q . 11.54 -22.84 -21.06
C2B HEM Q . 12.76 -23.10 -20.41
C3B HEM Q . 12.80 -22.35 -19.26
C4B HEM Q . 11.49 -21.58 -19.25
CMB HEM Q . 13.78 -24.06 -20.89
CAB HEM Q . 13.85 -22.22 -18.23
CBB HEM Q . 15.07 -22.70 -18.25
C1C HEM Q . 9.83 -20.08 -18.15
C2C HEM Q . 9.31 -19.34 -17.07
C3C HEM Q . 8.01 -19.04 -17.41
C4C HEM Q . 7.77 -19.60 -18.67
CMC HEM Q . 10.07 -18.95 -15.86
CAC HEM Q . 7.04 -18.25 -16.69
CBC HEM Q . 7.30 -17.52 -15.62
C1D HEM Q . 6.45 -19.91 -20.67
C2D HEM Q . 5.29 -19.51 -21.45
C3D HEM Q . 5.49 -20.00 -22.69
C4D HEM Q . 6.81 -20.65 -22.64
CMD HEM Q . 4.06 -18.77 -21.09
CAD HEM Q . 4.56 -19.89 -23.90
CBD HEM Q . 5.08 -18.89 -24.93
CGD HEM Q . 4.21 -18.80 -26.17
O1D HEM Q . 4.21 -17.78 -26.90
O2D HEM Q . 3.48 -19.74 -26.50
NA HEM Q . 9.29 -22.12 -22.67
NB HEM Q . 10.83 -21.95 -20.37
NC HEM Q . 8.87 -20.23 -19.08
ND HEM Q . 7.34 -20.56 -21.42
FE HEM Q . 8.99 -21.23 -20.91
#